data_5A21
#
_entry.id   5A21
#
_cell.length_a   1.000
_cell.length_b   1.000
_cell.length_c   1.000
_cell.angle_alpha   90.00
_cell.angle_beta   90.00
_cell.angle_gamma   90.00
#
_symmetry.space_group_name_H-M   'P 1'
#
loop_
_entity.id
_entity.type
_entity.pdbx_description
1 polymer 'PORTAL PROTEIN'
2 polymer '15 PROTEIN'
3 polymer 'HEAD COMPLETION PROTEIN GP16'
4 polymer 'TAIL-TO-HEAD JOINING PROTEIN GP17'
5 polymer 'MAJOR TAIL PROTEIN 17.1'
#
loop_
_entity_poly.entity_id
_entity_poly.type
_entity_poly.pdbx_seq_one_letter_code
_entity_poly.pdbx_strand_id
1 'polypeptide(L)'
;MADIYPLGKTHTEELNEIIVESAKEIAEPDTTMIQKLIDEHNPEPLLKGVRYYMCENDIEKKRRTYYDAAGQQLVDDTKT
NNRTSHAWHKLFVDQKTQYLVGEPVTFTSDNKTLLEYVNELADDDFDDILNETVKNMSNKGIEYWHPFVDEEGEFDYVIF
PAEEMIVVYKDNTRRDILFALRYYSYKGIMGEETQKAELYTDTHVYYYEKIDGVYQMDYSYGENNPRPHMTKGGQAIGWG
RVPIIPFKNNEEMVSDLKFYKDLIDNYDSITSSTMDSFSDFQQIVYVLKNYDGENPKEFTANLRYHSVIKVSGDGGVDTL
RAEIPVDSAAKELERIQDELYKSAQAVDNSPETIGGGATGPALEKLYALLDLKANMAERKIRAGLRLFFWFFAEYLRNTG
KGDFNPDKELTMTFTRTRIQNDSEIVQSLVQGVTGGIMSKETAVARNPFVQDPEEELARIEEEMNQYAEMQGNLLDDEGG
DDDLEEDDPNAGAAESGGAGQVS
;
A,B
2 'polypeptide(L)'
;MDIQRVKRLLSITNDKHDEYLTEMVPLLVEFAKDECHNPFIDKDGNESIPSGVLIFVAKAAQFYMTNAGLTGRSMDTVSY
NFATEIPSTILKKLNPYRKMAR
;
C,D
3 'polypeptide(L)'
;MYEEFRDVITFQSYVEQSNGEGGKTYKWVDEFTAAAHVQPISQEEYYKAQQLQTPIGYNIYTPYDDRIDKKMRVIYRGKI
VTFIGDPVDLSGLQEITRIKGKEDGAYVG
;
E,F
4 'polypeptide(L)'
;MTWKLASRALQKATVENLESYQPLMEMVNQVTESPGKDDPYPYVVIGDQSSTPFETKSSFGENITMDFHVWGGTTRAEAQ
DISSRVLEALTYKPLMFEGFTFVAKKLVLAQVITDTDGVTKHGIIKVRFTINNN
;
G
5 'polypeptide(L)'
;MPETPIMGQDVKYLFQSIDAATGSAPLFPAYQTDGSVSGERELFDEQTKNGRILGPGSVADSGEVTYYGKRGDAGQKAIE
DAYQNGKQIKFWRVDTVKNENDKYDAQFGFAYIESREYSDGVEGAVEISISLQVIGELKNGEIDTLPEEIVNVSKGGYDF
QQPGQTTGEAPGTVPAP
;
H
#
# COMPACT_ATOMS: atom_id res chain seq x y z
N PRO A 29 -18.29 24.05 53.76
CA PRO A 29 -17.60 23.11 52.85
C PRO A 29 -16.18 23.59 52.76
N ASP A 30 -15.22 22.66 52.69
CA ASP A 30 -13.84 23.07 52.62
C ASP A 30 -13.62 23.61 51.25
N THR A 31 -12.62 24.49 51.11
CA THR A 31 -12.38 25.14 49.86
C THR A 31 -12.05 24.07 48.86
N THR A 32 -11.21 23.11 49.28
CA THR A 32 -10.75 22.10 48.37
C THR A 32 -11.94 21.35 47.87
N MET A 33 -12.84 20.97 48.80
CA MET A 33 -13.97 20.19 48.41
C MET A 33 -14.76 21.02 47.45
N ILE A 34 -14.88 22.32 47.77
CA ILE A 34 -15.68 23.19 46.97
C ILE A 34 -15.07 23.24 45.60
N GLN A 35 -13.74 23.39 45.51
CA GLN A 35 -13.09 23.56 44.24
C GLN A 35 -13.29 22.32 43.44
N LYS A 36 -13.19 21.15 44.09
CA LYS A 36 -13.12 19.90 43.37
C LYS A 36 -14.38 19.74 42.58
N LEU A 37 -15.52 20.15 43.16
CA LEU A 37 -16.78 19.80 42.59
C LEU A 37 -16.87 20.36 41.21
N ILE A 38 -16.40 21.60 41.00
CA ILE A 38 -16.61 22.27 39.76
C ILE A 38 -15.93 21.51 38.67
N ASP A 39 -14.69 21.06 38.92
CA ASP A 39 -13.84 20.59 37.86
C ASP A 39 -14.52 19.44 37.20
N GLU A 40 -15.19 18.60 38.00
CA GLU A 40 -15.75 17.39 37.46
C GLU A 40 -16.75 17.74 36.42
N HIS A 41 -17.62 18.74 36.69
CA HIS A 41 -18.69 19.01 35.78
C HIS A 41 -18.09 19.58 34.54
N ASN A 42 -18.79 19.38 33.41
CA ASN A 42 -18.24 19.79 32.16
C ASN A 42 -18.74 21.16 31.84
N PRO A 43 -17.78 22.03 31.68
CA PRO A 43 -17.99 23.42 31.45
C PRO A 43 -18.69 23.61 30.15
N GLU A 44 -18.62 22.59 29.27
CA GLU A 44 -18.81 22.84 27.87
C GLU A 44 -20.18 23.40 27.60
N PRO A 45 -21.25 22.81 28.06
CA PRO A 45 -22.52 23.09 27.47
C PRO A 45 -22.93 24.53 27.57
N LEU A 46 -22.69 25.19 28.72
CA LEU A 46 -23.04 26.57 28.80
C LEU A 46 -22.10 27.35 27.93
N LEU A 47 -20.80 26.98 27.96
CA LEU A 47 -19.81 27.73 27.25
C LEU A 47 -20.13 27.66 25.80
N LYS A 48 -20.53 26.48 25.32
CA LYS A 48 -20.69 26.27 23.91
C LYS A 48 -21.73 27.22 23.43
N GLY A 49 -22.82 27.37 24.20
CA GLY A 49 -23.88 28.21 23.75
C GLY A 49 -23.33 29.60 23.63
N VAL A 50 -22.54 30.04 24.63
CA VAL A 50 -22.06 31.38 24.64
C VAL A 50 -21.22 31.57 23.42
N ARG A 51 -20.30 30.63 23.17
CA ARG A 51 -19.40 30.76 22.06
C ARG A 51 -20.22 30.77 20.82
N TYR A 52 -21.22 29.86 20.76
CA TYR A 52 -22.03 29.70 19.59
C TYR A 52 -22.73 30.99 19.35
N TYR A 53 -23.26 31.60 20.42
CA TYR A 53 -24.02 32.80 20.22
C TYR A 53 -23.12 33.81 19.59
N MET A 54 -21.89 33.96 20.14
CA MET A 54 -21.03 34.96 19.60
C MET A 54 -20.77 34.59 18.17
N CYS A 55 -20.45 33.31 17.92
CA CYS A 55 -20.30 32.88 16.57
C CYS A 55 -20.56 31.41 16.54
N GLU A 56 -20.91 30.89 15.35
CA GLU A 56 -21.02 29.48 15.21
C GLU A 56 -19.62 28.95 15.21
N ASN A 57 -19.45 27.65 15.53
CA ASN A 57 -18.09 27.18 15.52
C ASN A 57 -17.81 26.70 14.14
N ASP A 58 -17.00 27.48 13.40
CA ASP A 58 -16.48 27.04 12.14
C ASP A 58 -15.54 25.93 12.45
N ILE A 59 -14.91 26.03 13.64
CA ILE A 59 -13.83 25.18 14.08
C ILE A 59 -14.31 23.77 14.06
N GLU A 60 -15.60 23.56 14.37
CA GLU A 60 -16.11 22.23 14.47
C GLU A 60 -15.85 21.54 13.18
N LYS A 61 -15.96 22.25 12.04
CA LYS A 61 -15.73 21.61 10.78
C LYS A 61 -14.33 21.07 10.79
N LYS A 62 -13.33 21.87 11.22
CA LYS A 62 -13.32 23.30 11.04
C LYS A 62 -13.16 23.56 9.59
N ARG A 63 -12.21 22.87 8.95
CA ARG A 63 -11.86 23.19 7.60
C ARG A 63 -11.51 21.91 6.92
N ARG A 64 -11.26 21.99 5.60
CA ARG A 64 -10.84 20.83 4.87
C ARG A 64 -9.47 20.49 5.35
N THR A 65 -9.13 19.19 5.35
CA THR A 65 -7.87 18.79 5.91
C THR A 65 -7.17 17.95 4.90
N TYR A 66 -5.91 17.60 5.20
CA TYR A 66 -5.13 16.77 4.34
C TYR A 66 -4.66 15.63 5.18
N TYR A 67 -4.25 14.53 4.53
CA TYR A 67 -3.86 13.38 5.31
C TYR A 67 -2.39 13.26 5.21
N ASP A 68 -1.72 13.17 6.37
CA ASP A 68 -0.31 13.05 6.42
C ASP A 68 0.03 11.61 6.25
N ALA A 69 1.34 11.29 6.28
CA ALA A 69 1.74 9.92 6.19
C ALA A 69 1.14 9.23 7.37
N ALA A 70 1.16 9.91 8.53
CA ALA A 70 0.53 9.38 9.70
C ALA A 70 -0.91 9.23 9.35
N GLY A 71 -1.45 10.22 8.63
CA GLY A 71 -2.82 10.13 8.19
C GLY A 71 -3.67 10.77 9.23
N GLN A 72 -3.05 11.32 10.29
CA GLN A 72 -3.83 12.03 11.25
C GLN A 72 -4.28 13.28 10.57
N GLN A 73 -5.53 13.69 10.85
CA GLN A 73 -6.05 14.84 10.15
C GLN A 73 -5.42 16.05 10.73
N LEU A 74 -4.94 16.95 9.85
CA LEU A 74 -4.41 18.20 10.31
C LEU A 74 -5.16 19.27 9.60
N VAL A 75 -5.51 20.36 10.31
CA VAL A 75 -6.19 21.43 9.66
C VAL A 75 -5.16 22.18 8.88
N ASP A 76 -5.50 22.56 7.62
CA ASP A 76 -4.54 23.32 6.87
C ASP A 76 -4.59 24.72 7.37
N ASP A 77 -3.45 25.43 7.25
CA ASP A 77 -3.37 26.81 7.63
C ASP A 77 -4.24 27.58 6.69
N THR A 78 -4.21 27.17 5.40
CA THR A 78 -4.76 27.99 4.37
C THR A 78 -6.21 28.21 4.64
N LYS A 79 -6.95 27.14 4.99
CA LYS A 79 -8.36 27.30 5.11
C LYS A 79 -8.61 28.27 6.21
N THR A 80 -9.56 29.21 5.97
CA THR A 80 -9.89 30.19 6.96
C THR A 80 -11.00 29.63 7.78
N ASN A 81 -11.23 30.22 8.97
CA ASN A 81 -12.31 29.79 9.81
C ASN A 81 -13.37 30.85 9.70
N ASN A 82 -14.56 30.48 9.20
CA ASN A 82 -15.59 31.48 9.10
C ASN A 82 -16.81 30.93 9.74
N ARG A 83 -17.54 31.80 10.47
CA ARG A 83 -18.80 31.40 11.03
C ARG A 83 -19.66 32.61 11.09
N THR A 84 -20.99 32.41 10.98
CA THR A 84 -21.93 33.46 11.22
C THR A 84 -23.05 32.85 11.98
N SER A 85 -23.85 33.67 12.69
CA SER A 85 -25.00 33.12 13.33
C SER A 85 -25.98 34.23 13.58
N HIS A 86 -27.25 33.86 13.83
CA HIS A 86 -28.22 34.79 14.32
C HIS A 86 -28.60 34.27 15.67
N ALA A 87 -28.92 35.15 16.66
CA ALA A 87 -29.22 36.54 16.55
C ALA A 87 -30.55 36.73 15.92
N TRP A 88 -31.22 35.61 15.58
CA TRP A 88 -32.63 35.64 15.30
C TRP A 88 -33.34 35.89 16.60
N HIS A 89 -32.80 35.30 17.67
CA HIS A 89 -33.53 35.00 18.87
C HIS A 89 -34.10 36.27 19.41
N LYS A 90 -33.28 37.35 19.44
CA LYS A 90 -33.62 38.48 20.24
C LYS A 90 -34.93 39.04 19.80
N LEU A 91 -35.15 39.16 18.47
CA LEU A 91 -36.30 39.88 18.02
C LEU A 91 -37.52 39.20 18.52
N PHE A 92 -37.59 37.87 18.34
CA PHE A 92 -38.79 37.15 18.66
C PHE A 92 -39.03 37.23 20.13
N VAL A 93 -37.96 37.04 20.93
CA VAL A 93 -38.13 36.87 22.34
C VAL A 93 -38.79 38.09 22.88
N ASP A 94 -38.30 39.27 22.49
CA ASP A 94 -38.75 40.48 23.11
C ASP A 94 -40.23 40.57 22.89
N GLN A 95 -40.67 40.24 21.67
CA GLN A 95 -42.07 40.32 21.37
C GLN A 95 -42.77 39.36 22.27
N LYS A 96 -42.20 38.17 22.46
CA LYS A 96 -42.88 37.16 23.21
C LYS A 96 -43.12 37.69 24.58
N THR A 97 -42.09 38.30 25.19
CA THR A 97 -42.19 38.66 26.58
C THR A 97 -43.29 39.67 26.71
N GLN A 98 -43.30 40.67 25.81
CA GLN A 98 -44.23 41.75 25.97
C GLN A 98 -45.61 41.21 25.87
N TYR A 99 -45.86 40.33 24.88
CA TYR A 99 -47.19 39.86 24.66
C TYR A 99 -47.61 39.08 25.86
N LEU A 100 -46.71 38.22 26.36
CA LEU A 100 -47.05 37.29 27.39
C LEU A 100 -47.46 38.06 28.59
N VAL A 101 -46.70 39.12 28.93
CA VAL A 101 -46.86 39.73 30.21
C VAL A 101 -48.25 40.24 30.34
N GLY A 102 -48.74 40.97 29.32
CA GLY A 102 -50.10 41.44 29.38
C GLY A 102 -50.16 42.38 30.53
N GLU A 103 -51.39 42.76 30.94
CA GLU A 103 -51.53 43.51 32.16
C GLU A 103 -52.51 42.75 33.00
N PRO A 104 -52.19 42.57 34.24
CA PRO A 104 -53.00 41.80 35.13
C PRO A 104 -54.30 42.51 35.29
N VAL A 105 -55.42 41.77 35.40
CA VAL A 105 -56.67 42.45 35.61
C VAL A 105 -56.58 43.15 36.92
N THR A 106 -56.19 42.42 37.97
CA THR A 106 -56.01 43.02 39.26
C THR A 106 -54.92 42.25 39.94
N PHE A 107 -54.33 42.84 40.99
CA PHE A 107 -53.38 42.11 41.76
C PHE A 107 -53.83 42.18 43.18
N THR A 108 -53.60 41.10 43.96
CA THR A 108 -54.04 41.11 45.33
C THR A 108 -52.93 40.55 46.16
N SER A 109 -52.99 40.84 47.48
CA SER A 109 -52.03 40.25 48.37
C SER A 109 -52.80 39.62 49.49
N ASP A 110 -52.20 38.56 50.07
CA ASP A 110 -52.75 37.92 51.22
C ASP A 110 -52.78 38.94 52.30
N ASN A 111 -51.62 39.60 52.52
CA ASN A 111 -51.54 40.55 53.58
C ASN A 111 -52.26 41.77 53.13
N LYS A 112 -52.92 42.46 54.09
CA LYS A 112 -53.60 43.68 53.76
C LYS A 112 -52.57 44.66 53.32
N THR A 113 -51.46 44.74 54.08
CA THR A 113 -50.47 45.74 53.81
C THR A 113 -49.93 45.50 52.44
N LEU A 114 -49.56 44.24 52.15
CA LEU A 114 -48.99 43.93 50.88
C LEU A 114 -50.05 44.18 49.86
N LEU A 115 -51.30 43.82 50.20
CA LEU A 115 -52.38 43.92 49.26
C LEU A 115 -52.52 45.35 48.89
N GLU A 116 -52.39 46.26 49.87
CA GLU A 116 -52.61 47.64 49.58
C GLU A 116 -51.59 48.05 48.56
N TYR A 117 -50.32 47.66 48.77
CA TYR A 117 -49.30 48.05 47.85
C TYR A 117 -49.60 47.42 46.54
N VAL A 118 -49.95 46.11 46.58
CA VAL A 118 -50.11 45.33 45.39
C VAL A 118 -51.25 45.88 44.59
N ASN A 119 -52.31 46.37 45.24
CA ASN A 119 -53.40 46.87 44.45
C ASN A 119 -52.94 48.06 43.68
N GLU A 120 -52.22 48.99 44.36
CA GLU A 120 -52.07 50.32 43.86
C GLU A 120 -51.31 50.32 42.57
N LEU A 121 -50.16 49.63 42.53
CA LEU A 121 -49.25 49.83 41.43
C LEU A 121 -49.84 49.39 40.12
N ALA A 122 -50.56 48.24 40.04
CA ALA A 122 -50.74 47.28 41.09
C ALA A 122 -49.41 46.69 41.40
N ASP A 123 -48.68 46.23 40.36
CA ASP A 123 -47.32 45.89 40.59
C ASP A 123 -46.68 45.74 39.25
N ASP A 124 -46.08 46.83 38.73
CA ASP A 124 -45.42 46.73 37.47
C ASP A 124 -44.28 45.79 37.66
N ASP A 125 -43.57 45.93 38.79
CA ASP A 125 -42.37 45.18 39.01
C ASP A 125 -42.73 43.73 39.08
N PHE A 126 -43.82 43.40 39.80
CA PHE A 126 -44.08 42.02 40.08
C PHE A 126 -44.27 41.31 38.77
N ASP A 127 -45.11 41.88 37.90
CA ASP A 127 -45.43 41.19 36.69
C ASP A 127 -44.15 41.02 35.93
N ASP A 128 -43.35 42.10 35.83
CA ASP A 128 -42.17 42.04 35.03
C ASP A 128 -41.29 40.98 35.61
N ILE A 129 -41.17 40.96 36.96
CA ILE A 129 -40.25 40.07 37.57
C ILE A 129 -40.66 38.67 37.27
N LEU A 130 -41.96 38.36 37.43
CA LEU A 130 -42.39 37.01 37.25
C LEU A 130 -42.14 36.63 35.82
N ASN A 131 -42.52 37.52 34.88
CA ASN A 131 -42.40 37.18 33.50
C ASN A 131 -40.95 36.99 33.22
N GLU A 132 -40.10 37.88 33.76
CA GLU A 132 -38.71 37.79 33.48
C GLU A 132 -38.20 36.49 34.04
N THR A 133 -38.61 36.16 35.28
CA THR A 133 -38.05 35.02 35.92
C THR A 133 -38.39 33.81 35.12
N VAL A 134 -39.68 33.66 34.77
CA VAL A 134 -40.11 32.50 34.05
C VAL A 134 -39.43 32.54 32.72
N LYS A 135 -39.39 33.73 32.10
CA LYS A 135 -38.91 33.87 30.77
C LYS A 135 -37.48 33.42 30.75
N ASN A 136 -36.71 33.89 31.74
CA ASN A 136 -35.29 33.64 31.72
C ASN A 136 -35.07 32.17 31.80
N MET A 137 -35.80 31.49 32.71
CA MET A 137 -35.57 30.09 32.91
C MET A 137 -35.87 29.40 31.63
N SER A 138 -37.00 29.78 31.00
CA SER A 138 -37.40 29.14 29.78
C SER A 138 -36.36 29.39 28.76
N ASN A 139 -35.88 30.64 28.69
CA ASN A 139 -34.99 31.03 27.64
C ASN A 139 -33.64 30.47 27.92
N LYS A 140 -32.78 30.48 26.88
CA LYS A 140 -31.44 30.00 26.99
C LYS A 140 -30.73 30.91 27.93
N GLY A 141 -29.72 30.38 28.66
CA GLY A 141 -29.33 29.00 28.57
C GLY A 141 -30.46 28.12 29.04
N ILE A 142 -31.04 28.38 30.22
CA ILE A 142 -30.60 29.38 31.14
C ILE A 142 -29.20 29.02 31.54
N GLU A 143 -28.89 27.72 31.74
CA GLU A 143 -29.80 26.68 32.11
C GLU A 143 -30.11 26.85 33.55
N TYR A 144 -29.12 27.33 34.33
CA TYR A 144 -29.29 27.32 35.75
C TYR A 144 -29.22 28.74 36.20
N TRP A 145 -30.11 29.10 37.15
CA TRP A 145 -30.13 30.44 37.65
C TRP A 145 -29.73 30.36 39.08
N HIS A 146 -28.85 31.28 39.52
CA HIS A 146 -28.51 31.28 40.92
C HIS A 146 -28.77 32.67 41.42
N PRO A 147 -29.65 32.76 42.38
CA PRO A 147 -30.05 34.02 42.91
C PRO A 147 -28.89 34.66 43.59
N PHE A 148 -28.81 36.00 43.57
CA PHE A 148 -27.84 36.68 44.37
C PHE A 148 -28.55 37.84 44.99
N VAL A 149 -28.03 38.32 46.15
CA VAL A 149 -28.69 39.41 46.78
C VAL A 149 -28.36 40.64 46.01
N ASP A 150 -29.35 41.53 45.84
CA ASP A 150 -29.08 42.78 45.21
C ASP A 150 -28.54 43.69 46.26
N GLU A 151 -27.97 44.82 45.84
CA GLU A 151 -27.52 45.80 46.79
C GLU A 151 -28.75 46.26 47.51
N GLU A 152 -29.84 46.44 46.75
CA GLU A 152 -31.09 46.86 47.33
C GLU A 152 -31.50 45.78 48.27
N GLY A 153 -31.26 44.51 47.88
CA GLY A 153 -31.67 43.41 48.70
C GLY A 153 -32.95 42.90 48.14
N GLU A 154 -33.50 43.63 47.14
CA GLU A 154 -34.63 43.10 46.43
C GLU A 154 -34.09 41.96 45.63
N PHE A 155 -34.93 40.95 45.36
CA PHE A 155 -34.40 39.81 44.68
C PHE A 155 -33.93 40.26 43.35
N ASP A 156 -32.67 39.94 43.02
CA ASP A 156 -32.14 40.24 41.72
C ASP A 156 -31.72 38.94 41.13
N TYR A 157 -31.94 38.77 39.81
CA TYR A 157 -31.55 37.53 39.20
C TYR A 157 -30.53 37.84 38.17
N VAL A 158 -29.43 37.06 38.15
CA VAL A 158 -28.42 37.25 37.15
C VAL A 158 -28.08 35.89 36.63
N ILE A 159 -27.56 35.83 35.39
CA ILE A 159 -27.18 34.57 34.85
C ILE A 159 -25.72 34.62 34.59
N PHE A 160 -25.01 33.56 34.98
CA PHE A 160 -23.60 33.49 34.73
C PHE A 160 -23.37 32.25 33.93
N PRO A 161 -22.35 32.26 33.13
CA PRO A 161 -22.03 31.17 32.27
C PRO A 161 -21.70 30.01 33.17
N ALA A 162 -21.91 28.77 32.71
CA ALA A 162 -21.62 27.67 33.56
C ALA A 162 -20.15 27.66 33.77
N GLU A 163 -19.72 27.28 34.99
CA GLU A 163 -18.32 27.00 35.14
C GLU A 163 -17.98 25.84 34.27
N GLU A 164 -18.72 24.71 34.34
CA GLU A 164 -19.75 24.49 35.30
C GLU A 164 -19.27 23.48 36.29
N MET A 165 -19.63 23.70 37.58
CA MET A 165 -19.28 22.80 38.63
C MET A 165 -20.31 21.71 38.65
N ILE A 166 -19.92 20.51 39.12
CA ILE A 166 -20.90 19.47 39.29
C ILE A 166 -21.60 19.79 40.57
N VAL A 167 -22.94 19.72 40.54
CA VAL A 167 -23.69 20.06 41.71
C VAL A 167 -23.58 18.91 42.66
N VAL A 168 -23.29 19.23 43.94
CA VAL A 168 -23.29 18.26 44.98
C VAL A 168 -23.90 18.93 46.16
N TYR A 169 -24.47 18.15 47.10
CA TYR A 169 -25.09 18.79 48.22
C TYR A 169 -24.29 18.45 49.42
N LYS A 170 -23.78 19.50 50.09
CA LYS A 170 -23.06 19.31 51.31
C LYS A 170 -24.04 18.75 52.29
N ASP A 171 -25.27 19.28 52.27
CA ASP A 171 -26.24 18.93 53.26
C ASP A 171 -26.67 17.53 53.01
N ASN A 172 -27.34 16.93 54.01
CA ASN A 172 -27.75 15.56 53.93
C ASN A 172 -28.69 15.44 52.77
N THR A 173 -29.61 16.42 52.63
CA THR A 173 -30.63 16.28 51.63
C THR A 173 -29.95 16.17 50.30
N ARG A 174 -30.11 14.99 49.67
CA ARG A 174 -29.51 14.73 48.40
C ARG A 174 -30.15 15.63 47.39
N ARG A 175 -31.49 15.77 47.47
CA ARG A 175 -32.22 16.33 46.38
C ARG A 175 -31.72 17.71 46.14
N ASP A 176 -31.64 18.53 47.21
CA ASP A 176 -31.18 19.87 47.02
C ASP A 176 -29.70 19.85 46.97
N ILE A 177 -29.10 20.87 46.32
CA ILE A 177 -27.69 21.08 46.46
C ILE A 177 -27.56 22.35 47.21
N LEU A 178 -27.14 22.28 48.49
CA LEU A 178 -27.13 23.48 49.27
C LEU A 178 -26.18 24.42 48.63
N PHE A 179 -24.98 23.91 48.27
CA PHE A 179 -23.96 24.80 47.82
C PHE A 179 -23.50 24.35 46.47
N ALA A 180 -23.30 25.32 45.56
CA ALA A 180 -22.61 25.03 44.34
C ALA A 180 -21.69 26.18 44.11
N LEU A 181 -20.48 25.90 43.60
CA LEU A 181 -19.56 26.97 43.38
C LEU A 181 -19.25 26.98 41.92
N ARG A 182 -19.04 28.18 41.35
CA ARG A 182 -18.52 28.26 40.02
C ARG A 182 -17.31 29.13 40.10
N TYR A 183 -16.21 28.74 39.42
CA TYR A 183 -15.07 29.60 39.43
C TYR A 183 -14.75 29.95 38.02
N TYR A 184 -14.63 31.25 37.72
CA TYR A 184 -14.28 31.57 36.36
C TYR A 184 -13.13 32.53 36.41
N SER A 185 -12.24 32.43 35.40
CA SER A 185 -11.15 33.37 35.35
C SER A 185 -11.74 34.67 34.93
N TYR A 186 -11.16 35.78 35.44
CA TYR A 186 -11.65 37.07 35.05
C TYR A 186 -10.44 37.89 34.70
N LYS A 187 -10.62 38.86 33.80
CA LYS A 187 -9.53 39.75 33.53
C LYS A 187 -9.69 40.91 34.43
N GLY A 188 -8.57 41.35 35.06
CA GLY A 188 -8.65 42.43 35.97
C GLY A 188 -8.41 43.70 35.20
N ILE A 189 -8.27 44.82 35.92
CA ILE A 189 -7.92 46.05 35.28
C ILE A 189 -6.57 45.82 34.70
N MET A 190 -5.69 45.18 35.48
CA MET A 190 -4.39 44.85 35.00
C MET A 190 -4.59 43.91 33.85
N GLY A 191 -5.58 43.00 33.99
CA GLY A 191 -5.87 42.10 32.92
C GLY A 191 -5.10 40.84 33.18
N GLU A 192 -4.36 40.80 34.30
CA GLU A 192 -3.71 39.57 34.65
C GLU A 192 -4.80 38.62 34.99
N GLU A 193 -4.60 37.33 34.67
CA GLU A 193 -5.68 36.40 34.88
C GLU A 193 -5.46 35.76 36.20
N THR A 194 -6.51 35.77 37.04
CA THR A 194 -6.46 35.04 38.28
C THR A 194 -7.69 34.19 38.32
N GLN A 195 -7.60 33.03 38.99
CA GLN A 195 -8.77 32.20 39.08
C GLN A 195 -9.65 32.81 40.12
N LYS A 196 -10.97 32.86 39.83
CA LYS A 196 -11.89 33.33 40.82
C LYS A 196 -12.92 32.26 40.96
N ALA A 197 -13.34 31.99 42.22
CA ALA A 197 -14.37 31.01 42.43
C ALA A 197 -15.38 31.64 43.32
N GLU A 198 -16.66 31.24 43.16
CA GLU A 198 -17.67 31.78 44.03
C GLU A 198 -18.20 30.63 44.82
N LEU A 199 -18.54 30.89 46.10
CA LEU A 199 -19.12 29.87 46.91
C LEU A 199 -20.57 30.19 47.02
N TYR A 200 -21.44 29.18 46.86
CA TYR A 200 -22.84 29.46 46.97
C TYR A 200 -23.34 28.67 48.12
N THR A 201 -24.24 29.26 48.93
CA THR A 201 -24.86 28.55 49.99
C THR A 201 -26.33 28.65 49.73
N ASP A 202 -27.11 27.69 50.26
CA ASP A 202 -28.51 27.81 50.04
C ASP A 202 -28.94 29.07 50.71
N THR A 203 -28.52 29.25 51.98
CA THR A 203 -28.95 30.38 52.74
C THR A 203 -28.42 31.63 52.11
N HIS A 204 -27.11 31.65 51.79
CA HIS A 204 -26.53 32.88 51.33
C HIS A 204 -25.76 32.59 50.09
N VAL A 205 -25.55 33.62 49.25
CA VAL A 205 -24.70 33.45 48.11
C VAL A 205 -23.41 34.10 48.44
N TYR A 206 -22.29 33.50 48.00
CA TYR A 206 -21.02 34.06 48.32
C TYR A 206 -20.29 34.30 47.04
N TYR A 207 -19.49 35.38 47.00
CA TYR A 207 -18.62 35.59 45.88
C TYR A 207 -17.25 35.59 46.43
N TYR A 208 -16.32 34.85 45.78
CA TYR A 208 -14.98 34.82 46.27
C TYR A 208 -14.08 35.26 45.18
N GLU A 209 -13.06 36.07 45.53
CA GLU A 209 -12.00 36.32 44.61
C GLU A 209 -10.80 35.67 45.20
N LYS A 210 -10.15 34.77 44.44
CA LYS A 210 -9.03 34.08 45.02
C LYS A 210 -7.82 34.52 44.26
N ILE A 211 -7.32 35.73 44.56
CA ILE A 211 -6.13 36.19 43.90
C ILE A 211 -4.99 35.35 44.38
N ASP A 212 -4.87 35.21 45.71
CA ASP A 212 -3.76 34.49 46.26
C ASP A 212 -3.88 33.08 45.84
N GLY A 213 -5.10 32.53 45.96
CA GLY A 213 -5.33 31.15 45.66
C GLY A 213 -5.25 30.42 46.96
N VAL A 214 -4.57 31.03 47.95
CA VAL A 214 -4.45 30.42 49.24
C VAL A 214 -5.82 30.35 49.82
N TYR A 215 -6.54 31.48 49.78
CA TYR A 215 -7.81 31.56 50.46
C TYR A 215 -8.82 32.08 49.50
N GLN A 216 -10.10 31.76 49.76
CA GLN A 216 -11.18 32.31 48.99
C GLN A 216 -11.40 33.69 49.47
N MET A 217 -12.24 34.47 48.76
CA MET A 217 -12.43 35.83 49.17
C MET A 217 -12.99 35.79 50.54
N ASP A 218 -12.60 36.78 51.37
CA ASP A 218 -12.93 36.75 52.76
C ASP A 218 -14.35 37.14 52.92
N TYR A 219 -14.93 36.80 54.09
CA TYR A 219 -14.27 35.83 54.92
C TYR A 219 -14.28 34.53 54.17
N SER A 220 -15.46 34.10 53.68
CA SER A 220 -16.71 34.61 54.16
C SER A 220 -17.18 33.64 55.18
N TYR A 221 -17.35 34.11 56.43
CA TYR A 221 -17.64 33.23 57.51
C TYR A 221 -18.99 32.63 57.32
N GLY A 222 -19.98 33.45 56.90
CA GLY A 222 -21.33 32.98 56.94
C GLY A 222 -22.21 34.04 56.39
N GLU A 223 -23.26 34.40 57.15
CA GLU A 223 -24.30 35.27 56.68
C GLU A 223 -23.68 36.56 56.29
N ASN A 224 -22.66 37.00 57.04
CA ASN A 224 -22.00 38.23 56.70
C ASN A 224 -21.48 38.06 55.31
N ASN A 225 -21.15 39.20 54.65
CA ASN A 225 -21.01 39.23 53.22
C ASN A 225 -20.00 38.21 52.82
N PRO A 226 -20.22 37.53 51.72
CA PRO A 226 -21.24 37.86 50.76
C PRO A 226 -22.61 37.68 51.32
N ARG A 227 -23.59 38.46 50.81
CA ARG A 227 -24.88 38.53 51.40
C ARG A 227 -25.66 37.32 50.99
N PRO A 228 -26.64 37.04 51.82
CA PRO A 228 -27.59 36.00 51.57
C PRO A 228 -28.34 36.40 50.35
N HIS A 229 -29.02 35.45 49.69
CA HIS A 229 -29.66 35.78 48.44
C HIS A 229 -30.64 36.87 48.74
N MET A 230 -31.49 36.67 49.75
CA MET A 230 -32.41 37.70 50.11
C MET A 230 -32.38 37.81 51.59
N THR A 231 -32.68 39.03 52.11
CA THR A 231 -32.76 39.20 53.53
C THR A 231 -34.11 39.76 53.81
N LYS A 232 -34.71 39.34 54.95
CA LYS A 232 -35.97 39.89 55.32
C LYS A 232 -35.80 40.57 56.63
N GLY A 233 -36.48 41.72 56.81
CA GLY A 233 -36.45 42.38 58.08
C GLY A 233 -35.15 43.09 58.19
N GLY A 234 -34.38 43.11 57.09
CA GLY A 234 -33.10 43.75 57.12
C GLY A 234 -32.15 42.75 57.68
N GLN A 235 -32.66 41.55 58.00
CA GLN A 235 -31.82 40.51 58.50
C GLN A 235 -31.76 39.47 57.43
N ALA A 236 -30.73 38.63 57.43
CA ALA A 236 -30.62 37.66 56.38
C ALA A 236 -31.81 36.77 56.50
N ILE A 237 -32.38 36.39 55.34
CA ILE A 237 -33.52 35.52 55.35
C ILE A 237 -33.23 34.43 54.39
N GLY A 238 -33.81 33.23 54.62
CA GLY A 238 -33.60 32.18 53.67
C GLY A 238 -34.92 31.95 53.00
N TRP A 239 -34.88 31.73 51.67
CA TRP A 239 -36.08 31.47 50.95
C TRP A 239 -36.63 30.19 51.47
N GLY A 240 -35.75 29.19 51.64
CA GLY A 240 -36.20 27.88 52.01
C GLY A 240 -36.46 27.16 50.74
N ARG A 241 -36.26 27.87 49.60
CA ARG A 241 -36.41 27.25 48.32
C ARG A 241 -35.23 26.38 48.13
N VAL A 242 -35.40 25.30 47.34
CA VAL A 242 -34.28 24.42 47.12
C VAL A 242 -33.29 25.20 46.34
N PRO A 243 -32.05 25.00 46.68
CA PRO A 243 -31.00 25.81 46.16
C PRO A 243 -30.88 25.51 44.71
N ILE A 244 -30.19 26.38 43.95
CA ILE A 244 -30.25 26.28 42.53
C ILE A 244 -29.65 24.98 42.11
N ILE A 245 -30.38 24.25 41.25
CA ILE A 245 -29.91 23.01 40.74
C ILE A 245 -29.97 23.13 39.25
N PRO A 246 -29.00 22.56 38.60
CA PRO A 246 -28.84 22.72 37.18
C PRO A 246 -30.03 22.09 36.54
N PHE A 247 -30.44 22.59 35.37
CA PHE A 247 -31.59 22.02 34.73
C PHE A 247 -31.09 21.11 33.68
N LYS A 248 -31.63 19.87 33.66
CA LYS A 248 -31.31 18.97 32.60
C LYS A 248 -32.12 19.40 31.43
N ASN A 249 -31.67 19.05 30.20
CA ASN A 249 -32.43 19.46 29.07
C ASN A 249 -33.78 18.84 29.22
N ASN A 250 -34.82 19.60 28.87
CA ASN A 250 -36.16 19.12 29.10
C ASN A 250 -36.45 18.09 28.07
N GLU A 251 -37.36 17.16 28.40
CA GLU A 251 -37.74 16.16 27.45
C GLU A 251 -38.35 16.88 26.32
N GLU A 252 -39.20 17.88 26.63
CA GLU A 252 -39.78 18.66 25.58
C GLU A 252 -38.65 19.31 24.87
N MET A 253 -37.68 19.85 25.65
CA MET A 253 -36.50 20.41 25.08
C MET A 253 -36.91 21.45 24.11
N VAL A 254 -38.02 22.16 24.40
CA VAL A 254 -38.45 23.20 23.54
C VAL A 254 -38.17 24.49 24.23
N SER A 255 -37.70 25.49 23.47
CA SER A 255 -37.42 26.77 24.06
C SER A 255 -38.07 27.79 23.18
N ASP A 256 -38.22 29.01 23.71
CA ASP A 256 -38.75 30.06 22.89
C ASP A 256 -37.77 30.22 21.78
N LEU A 257 -36.47 30.17 22.13
CA LEU A 257 -35.43 30.35 21.16
C LEU A 257 -35.57 29.25 20.17
N LYS A 258 -35.86 28.03 20.66
CA LYS A 258 -35.74 26.85 19.86
C LYS A 258 -36.64 26.97 18.69
N PHE A 259 -37.85 27.53 18.88
CA PHE A 259 -38.85 27.43 17.86
C PHE A 259 -38.34 28.07 16.61
N TYR A 260 -37.90 29.34 16.68
CA TYR A 260 -37.30 29.90 15.52
C TYR A 260 -35.98 29.22 15.30
N LYS A 261 -35.26 28.95 16.40
CA LYS A 261 -33.86 28.70 16.35
C LYS A 261 -33.61 27.53 15.46
N ASP A 262 -34.47 26.50 15.54
CA ASP A 262 -34.20 25.33 14.76
C ASP A 262 -34.19 25.74 13.32
N LEU A 263 -35.20 26.52 12.90
CA LEU A 263 -35.23 26.96 11.54
C LEU A 263 -34.03 27.83 11.31
N ILE A 264 -33.78 28.73 12.28
CA ILE A 264 -32.82 29.79 12.11
C ILE A 264 -31.45 29.23 11.94
N ASP A 265 -31.08 28.21 12.72
CA ASP A 265 -29.72 27.77 12.74
C ASP A 265 -29.36 27.33 11.37
N ASN A 266 -30.28 26.61 10.69
CA ASN A 266 -30.06 26.22 9.33
C ASN A 266 -29.99 27.45 8.49
N TYR A 267 -30.93 28.39 8.74
CA TYR A 267 -31.09 29.52 7.88
C TYR A 267 -29.84 30.33 7.88
N ASP A 268 -29.31 30.62 9.08
CA ASP A 268 -28.18 31.50 9.16
C ASP A 268 -27.02 30.84 8.49
N SER A 269 -26.83 29.54 8.77
CA SER A 269 -25.65 28.89 8.29
C SER A 269 -25.69 28.94 6.80
N ILE A 270 -26.86 28.63 6.21
CA ILE A 270 -26.94 28.54 4.79
C ILE A 270 -26.67 29.90 4.21
N THR A 271 -27.29 30.95 4.79
CA THR A 271 -27.14 32.25 4.21
C THR A 271 -25.70 32.62 4.26
N SER A 272 -25.06 32.40 5.42
CA SER A 272 -23.71 32.83 5.61
C SER A 272 -22.85 32.07 4.65
N SER A 273 -23.10 30.75 4.54
CA SER A 273 -22.25 29.91 3.76
C SER A 273 -22.30 30.38 2.35
N THR A 274 -23.50 30.73 1.86
CA THR A 274 -23.68 30.95 0.46
C THR A 274 -22.78 32.06 0.04
N MET A 275 -22.79 33.17 0.79
CA MET A 275 -22.06 34.32 0.35
C MET A 275 -20.62 33.95 0.28
N ASP A 276 -20.12 33.26 1.32
CA ASP A 276 -18.73 32.92 1.39
C ASP A 276 -18.43 31.98 0.27
N SER A 277 -19.37 31.07 -0.02
CA SER A 277 -19.07 29.92 -0.84
C SER A 277 -18.59 30.39 -2.16
N PHE A 278 -19.25 31.41 -2.75
CA PHE A 278 -18.99 31.75 -4.11
C PHE A 278 -17.55 32.10 -4.25
N SER A 279 -17.07 33.04 -3.41
CA SER A 279 -15.70 33.41 -3.45
C SER A 279 -14.87 32.25 -3.01
N ASP A 280 -15.32 31.58 -1.93
CA ASP A 280 -14.47 30.69 -1.21
C ASP A 280 -14.47 29.34 -1.86
N PHE A 281 -13.68 28.43 -1.26
CA PHE A 281 -13.53 27.04 -1.59
C PHE A 281 -13.05 26.85 -2.99
N GLN A 282 -12.27 27.82 -3.52
CA GLN A 282 -11.56 27.49 -4.71
C GLN A 282 -10.60 26.40 -4.33
N GLN A 283 -9.89 26.56 -3.19
CA GLN A 283 -9.58 27.87 -2.70
C GLN A 283 -8.15 27.86 -2.26
N ILE A 284 -7.24 28.40 -3.08
CA ILE A 284 -7.44 28.46 -4.50
C ILE A 284 -6.32 27.66 -5.08
N VAL A 285 -6.64 26.68 -5.94
CA VAL A 285 -5.59 25.81 -6.36
C VAL A 285 -5.44 25.93 -7.85
N TYR A 286 -4.17 25.97 -8.31
CA TYR A 286 -3.88 25.96 -9.70
C TYR A 286 -2.98 24.80 -9.93
N VAL A 287 -3.37 23.86 -10.81
CA VAL A 287 -2.49 22.75 -11.05
C VAL A 287 -2.43 22.51 -12.52
N LEU A 288 -1.21 22.53 -13.10
CA LEU A 288 -1.09 22.16 -14.47
C LEU A 288 -0.24 20.94 -14.52
N LYS A 289 -0.59 19.99 -15.41
CA LYS A 289 0.21 18.80 -15.50
C LYS A 289 1.57 19.25 -15.93
N ASN A 290 1.63 20.09 -16.97
CA ASN A 290 2.88 20.64 -17.41
C ASN A 290 2.60 22.04 -17.83
N TYR A 291 3.66 22.83 -18.02
CA TYR A 291 4.99 22.35 -17.85
C TYR A 291 5.64 23.24 -16.86
N ASP A 292 6.59 22.69 -16.08
CA ASP A 292 7.20 23.48 -15.05
C ASP A 292 8.07 24.49 -15.71
N GLY A 293 8.27 25.63 -15.02
CA GLY A 293 9.12 26.67 -15.53
C GLY A 293 10.44 26.54 -14.86
N GLU A 294 11.09 27.68 -14.62
CA GLU A 294 12.34 27.68 -13.91
C GLU A 294 12.05 27.25 -12.53
N ASN A 295 13.10 26.84 -11.78
CA ASN A 295 12.92 26.27 -10.49
C ASN A 295 12.15 27.26 -9.67
N PRO A 296 11.25 26.73 -8.89
CA PRO A 296 10.12 27.50 -8.45
C PRO A 296 10.53 28.67 -7.63
N LYS A 297 11.71 28.64 -7.01
CA LYS A 297 12.09 29.78 -6.24
C LYS A 297 12.14 30.92 -7.19
N GLU A 298 12.84 30.72 -8.33
CA GLU A 298 12.87 31.70 -9.37
C GLU A 298 11.49 31.77 -9.94
N PHE A 299 10.84 30.60 -10.06
CA PHE A 299 9.65 30.46 -10.86
C PHE A 299 8.61 31.38 -10.30
N THR A 300 8.43 31.36 -8.97
CA THR A 300 7.34 32.08 -8.40
C THR A 300 7.52 33.53 -8.73
N ALA A 301 8.73 34.05 -8.49
CA ALA A 301 8.93 35.46 -8.66
C ALA A 301 8.71 35.81 -10.09
N ASN A 302 9.32 35.04 -11.02
CA ASN A 302 9.23 35.41 -12.40
C ASN A 302 7.82 35.26 -12.86
N LEU A 303 7.14 34.19 -12.39
CA LEU A 303 5.86 33.86 -12.94
C LEU A 303 4.95 35.02 -12.69
N ARG A 304 5.01 35.57 -11.46
CA ARG A 304 4.14 36.66 -11.14
C ARG A 304 4.48 37.78 -12.06
N TYR A 305 5.78 38.03 -12.26
CA TYR A 305 6.19 39.17 -13.03
C TYR A 305 5.68 38.98 -14.42
N HIS A 306 5.89 37.80 -15.00
CA HIS A 306 5.47 37.57 -16.35
C HIS A 306 3.99 37.71 -16.38
N SER A 307 3.31 37.06 -15.41
CA SER A 307 1.88 37.12 -15.34
C SER A 307 1.35 36.24 -16.42
N VAL A 308 0.05 35.89 -16.31
CA VAL A 308 -0.57 35.06 -17.31
C VAL A 308 0.03 33.69 -17.22
N ILE A 309 -0.76 32.68 -17.61
CA ILE A 309 -0.24 31.35 -17.62
C ILE A 309 -0.35 30.84 -19.01
N LYS A 310 0.75 30.26 -19.53
CA LYS A 310 0.70 29.71 -20.85
C LYS A 310 1.03 28.26 -20.73
N VAL A 311 0.48 27.43 -21.65
CA VAL A 311 0.80 26.04 -21.62
C VAL A 311 1.52 25.73 -22.89
N SER A 312 2.51 24.83 -22.81
CA SER A 312 3.24 24.46 -23.99
C SER A 312 3.42 22.99 -23.93
N GLY A 313 3.86 22.39 -25.05
CA GLY A 313 4.10 20.97 -25.04
C GLY A 313 2.78 20.31 -24.80
N ASP A 314 2.75 19.39 -23.83
CA ASP A 314 1.54 18.68 -23.55
C ASP A 314 0.60 19.66 -22.93
N GLY A 315 -0.68 19.30 -22.85
CA GLY A 315 -1.65 20.22 -22.36
C GLY A 315 -1.34 20.44 -20.91
N GLY A 316 -1.83 21.57 -20.37
CA GLY A 316 -2.62 22.47 -21.16
C GLY A 316 -4.03 22.03 -21.00
N VAL A 317 -4.22 20.91 -20.28
CA VAL A 317 -5.55 20.48 -19.94
C VAL A 317 -6.03 21.47 -18.93
N ASP A 318 -7.36 21.61 -18.80
CA ASP A 318 -7.85 22.59 -17.89
C ASP A 318 -7.34 22.22 -16.54
N THR A 319 -6.89 23.23 -15.79
CA THR A 319 -6.22 22.99 -14.54
C THR A 319 -7.28 22.92 -13.49
N LEU A 320 -6.89 22.91 -12.21
CA LEU A 320 -7.87 22.69 -11.20
C LEU A 320 -8.85 23.81 -11.28
N ARG A 321 -8.36 25.06 -11.40
CA ARG A 321 -9.26 26.16 -11.54
C ARG A 321 -8.84 26.88 -12.80
N ALA A 322 -9.80 27.56 -13.45
CA ALA A 322 -11.18 27.50 -13.09
C ALA A 322 -11.65 26.10 -13.30
N GLU A 323 -11.29 25.52 -14.47
CA GLU A 323 -11.67 24.18 -14.78
C GLU A 323 -13.15 24.07 -14.84
N ILE A 324 -13.61 22.82 -14.99
CA ILE A 324 -14.99 22.46 -14.97
C ILE A 324 -15.56 22.86 -13.64
N PRO A 325 -14.93 22.61 -12.52
CA PRO A 325 -15.60 22.80 -11.27
C PRO A 325 -16.01 24.23 -11.06
N VAL A 326 -15.48 25.19 -11.83
CA VAL A 326 -16.07 26.49 -11.68
C VAL A 326 -17.50 26.38 -12.10
N ASP A 327 -17.74 25.81 -13.30
CA ASP A 327 -19.08 25.64 -13.78
C ASP A 327 -19.78 24.67 -12.88
N SER A 328 -19.11 23.55 -12.56
CA SER A 328 -19.76 22.48 -11.86
C SER A 328 -20.20 22.99 -10.53
N ALA A 329 -19.28 23.68 -9.84
CA ALA A 329 -19.52 24.15 -8.51
C ALA A 329 -20.66 25.10 -8.57
N ALA A 330 -20.71 25.94 -9.63
CA ALA A 330 -21.78 26.89 -9.69
C ALA A 330 -23.05 26.11 -9.75
N LYS A 331 -23.06 25.05 -10.58
CA LYS A 331 -24.27 24.29 -10.74
C LYS A 331 -24.59 23.65 -9.42
N GLU A 332 -23.57 23.07 -8.76
CA GLU A 332 -23.80 22.33 -7.56
C GLU A 332 -24.34 23.27 -6.52
N LEU A 333 -23.72 24.47 -6.45
CA LEU A 333 -24.04 25.41 -5.42
C LEU A 333 -25.46 25.82 -5.60
N GLU A 334 -25.89 26.02 -6.86
CA GLU A 334 -27.19 26.56 -7.10
C GLU A 334 -28.18 25.61 -6.50
N ARG A 335 -27.97 24.30 -6.71
CA ARG A 335 -28.86 23.33 -6.16
C ARG A 335 -28.79 23.48 -4.67
N ILE A 336 -27.57 23.65 -4.14
CA ILE A 336 -27.40 23.66 -2.72
C ILE A 336 -28.16 24.81 -2.15
N GLN A 337 -28.07 25.98 -2.80
CA GLN A 337 -28.67 27.15 -2.22
C GLN A 337 -30.14 26.92 -2.12
N ASP A 338 -30.74 26.35 -3.18
CA ASP A 338 -32.17 26.19 -3.20
C ASP A 338 -32.54 25.27 -2.08
N GLU A 339 -31.78 24.18 -1.92
CA GLU A 339 -32.07 23.24 -0.87
C GLU A 339 -31.90 23.98 0.40
N LEU A 340 -30.92 24.89 0.42
CA LEU A 340 -30.44 25.54 1.61
C LEU A 340 -31.59 26.26 2.24
N TYR A 341 -32.38 26.99 1.43
CA TYR A 341 -33.44 27.75 2.02
C TYR A 341 -34.38 26.77 2.63
N LYS A 342 -34.69 25.68 1.91
CA LYS A 342 -35.65 24.73 2.38
C LYS A 342 -35.13 24.15 3.65
N SER A 343 -33.81 23.88 3.70
CA SER A 343 -33.26 23.22 4.84
C SER A 343 -33.55 24.06 6.03
N ALA A 344 -33.35 25.38 5.92
CA ALA A 344 -33.64 26.25 7.03
C ALA A 344 -35.10 26.07 7.29
N GLN A 345 -35.88 26.01 6.19
CA GLN A 345 -37.29 25.75 6.24
C GLN A 345 -38.00 27.03 6.48
N ALA A 346 -39.03 27.27 5.65
CA ALA A 346 -39.88 28.41 5.79
C ALA A 346 -40.95 28.21 4.77
N VAL A 347 -42.04 28.98 4.85
CA VAL A 347 -43.00 28.82 3.81
C VAL A 347 -42.39 29.40 2.59
N ASP A 348 -42.37 28.62 1.48
CA ASP A 348 -41.75 29.12 0.29
C ASP A 348 -42.53 30.30 -0.15
N ASN A 349 -43.87 30.15 -0.15
CA ASN A 349 -44.72 31.24 -0.54
C ASN A 349 -44.82 32.16 0.62
N SER A 350 -45.10 33.44 0.36
CA SER A 350 -45.29 34.37 1.43
C SER A 350 -46.63 34.07 2.00
N PRO A 351 -46.91 34.62 3.15
CA PRO A 351 -48.05 34.21 3.90
C PRO A 351 -49.26 34.54 3.09
N GLU A 352 -50.33 33.72 3.20
CA GLU A 352 -51.49 33.95 2.40
C GLU A 352 -52.05 35.30 2.76
N THR A 353 -52.24 35.60 4.05
CA THR A 353 -52.14 34.66 5.13
C THR A 353 -53.46 33.97 5.22
N ILE A 354 -53.54 32.94 6.07
CA ILE A 354 -54.74 32.16 6.14
C ILE A 354 -55.83 33.09 6.57
N GLY A 355 -55.53 33.90 7.60
CA GLY A 355 -56.51 34.82 8.09
C GLY A 355 -56.34 36.10 7.34
N GLY A 356 -56.91 37.19 7.88
CA GLY A 356 -56.79 38.49 7.30
C GLY A 356 -57.50 38.58 5.98
N GLY A 357 -58.77 38.11 5.86
CA GLY A 357 -59.49 37.30 6.80
C GLY A 357 -59.60 38.05 8.08
N ALA A 358 -59.76 39.39 8.01
CA ALA A 358 -59.72 40.14 9.22
C ALA A 358 -60.83 39.66 10.09
N THR A 359 -60.47 39.23 11.31
CA THR A 359 -61.43 38.75 12.25
C THR A 359 -60.77 38.84 13.59
N GLY A 360 -61.44 38.33 14.64
CA GLY A 360 -60.78 38.18 15.89
C GLY A 360 -59.64 37.23 15.70
N PRO A 361 -59.86 36.09 15.08
CA PRO A 361 -58.81 35.14 14.90
C PRO A 361 -57.76 35.73 14.01
N ALA A 362 -58.10 36.85 13.32
CA ALA A 362 -57.19 37.42 12.38
C ALA A 362 -55.95 37.78 13.12
N LEU A 363 -56.12 38.32 14.35
CA LEU A 363 -54.98 38.78 15.09
C LEU A 363 -54.09 37.60 15.31
N GLU A 364 -54.69 36.45 15.65
CA GLU A 364 -53.90 35.29 15.94
C GLU A 364 -53.16 34.96 14.68
N LYS A 365 -53.84 35.06 13.53
CA LYS A 365 -53.26 34.73 12.26
C LYS A 365 -52.14 35.68 12.02
N LEU A 366 -52.31 36.94 12.46
CA LEU A 366 -51.48 38.01 12.00
C LEU A 366 -50.07 37.69 12.33
N TYR A 367 -49.79 37.22 13.56
CA TYR A 367 -48.42 36.97 13.88
C TYR A 367 -48.23 35.49 13.81
N ALA A 368 -47.72 34.99 12.67
CA ALA A 368 -47.41 33.60 12.59
C ALA A 368 -46.30 33.34 13.54
N LEU A 369 -45.26 34.19 13.52
CA LEU A 369 -44.10 33.96 14.31
C LEU A 369 -44.51 34.04 15.75
N LEU A 370 -45.30 35.07 16.09
CA LEU A 370 -45.66 35.29 17.44
C LEU A 370 -46.49 34.13 17.89
N ASP A 371 -47.36 33.63 16.99
CA ASP A 371 -48.35 32.68 17.39
C ASP A 371 -47.69 31.48 17.98
N LEU A 372 -46.60 31.01 17.35
CA LEU A 372 -45.95 29.84 17.85
C LEU A 372 -45.52 30.14 19.24
N LYS A 373 -44.99 31.36 19.43
CA LYS A 373 -44.51 31.80 20.70
C LYS A 373 -45.69 31.80 21.64
N ALA A 374 -46.86 32.21 21.12
CA ALA A 374 -48.02 32.42 21.93
C ALA A 374 -48.36 31.13 22.59
N ASN A 375 -48.24 30.03 21.84
CA ASN A 375 -48.58 28.76 22.41
C ASN A 375 -47.70 28.56 23.60
N MET A 376 -46.41 28.89 23.45
CA MET A 376 -45.50 28.74 24.55
C MET A 376 -45.96 29.67 25.64
N ALA A 377 -46.40 30.88 25.24
CA ALA A 377 -46.76 31.87 26.22
C ALA A 377 -47.90 31.33 27.02
N GLU A 378 -48.88 30.73 26.34
CA GLU A 378 -50.03 30.16 26.97
C GLU A 378 -49.54 29.03 27.81
N ARG A 379 -48.54 28.32 27.29
CA ARG A 379 -48.02 27.15 27.94
C ARG A 379 -47.49 27.60 29.27
N LYS A 380 -46.89 28.80 29.32
CA LYS A 380 -46.25 29.27 30.52
C LYS A 380 -47.29 29.34 31.59
N ILE A 381 -48.51 29.77 31.24
CA ILE A 381 -49.54 29.88 32.23
C ILE A 381 -49.76 28.50 32.78
N ARG A 382 -49.78 27.50 31.89
CA ARG A 382 -49.95 26.14 32.27
C ARG A 382 -48.78 25.76 33.12
N ALA A 383 -47.62 26.40 32.84
CA ALA A 383 -46.34 26.02 33.36
C ALA A 383 -46.41 26.10 34.85
N GLY A 384 -47.22 27.02 35.40
CA GLY A 384 -47.06 27.32 36.80
C GLY A 384 -46.52 28.70 36.88
N LEU A 385 -46.63 29.44 35.77
CA LEU A 385 -46.46 30.87 35.86
C LEU A 385 -47.52 31.31 36.81
N ARG A 386 -48.72 30.71 36.68
CA ARG A 386 -49.79 30.92 37.61
C ARG A 386 -49.31 30.43 38.93
N LEU A 387 -48.52 29.33 38.91
CA LEU A 387 -48.05 28.73 40.11
C LEU A 387 -47.24 29.76 40.82
N PHE A 388 -46.52 30.60 40.05
CA PHE A 388 -45.73 31.63 40.64
C PHE A 388 -46.66 32.48 41.42
N PHE A 389 -47.87 32.72 40.90
CA PHE A 389 -48.83 33.52 41.61
C PHE A 389 -49.04 32.85 42.92
N TRP A 390 -49.18 31.51 42.90
CA TRP A 390 -49.39 30.78 44.12
C TRP A 390 -48.20 31.03 44.99
N PHE A 391 -47.01 31.05 44.36
CA PHE A 391 -45.79 31.26 45.09
C PHE A 391 -45.91 32.57 45.78
N PHE A 392 -46.44 33.58 45.05
CA PHE A 392 -46.60 34.89 45.60
C PHE A 392 -47.49 34.72 46.78
N ALA A 393 -48.53 33.90 46.64
CA ALA A 393 -49.44 33.67 47.73
C ALA A 393 -48.63 33.11 48.85
N GLU A 394 -47.67 32.21 48.52
CA GLU A 394 -46.85 31.60 49.54
C GLU A 394 -46.06 32.67 50.21
N TYR A 395 -45.52 33.61 49.40
CA TYR A 395 -44.72 34.68 49.93
C TYR A 395 -45.62 35.43 50.84
N LEU A 396 -46.87 35.59 50.41
CA LEU A 396 -47.87 36.30 51.14
C LEU A 396 -48.06 35.58 52.44
N ARG A 397 -48.09 34.24 52.39
CA ARG A 397 -48.27 33.46 53.58
C ARG A 397 -47.09 33.72 54.47
N ASN A 398 -45.90 33.80 53.87
CA ASN A 398 -44.71 33.87 54.66
C ASN A 398 -44.79 35.09 55.51
N THR A 399 -45.15 36.24 54.91
CA THR A 399 -45.14 37.44 55.68
C THR A 399 -46.14 37.31 56.78
N GLY A 400 -47.34 36.80 56.48
CA GLY A 400 -48.28 36.64 57.55
C GLY A 400 -49.62 36.26 56.98
N LYS A 401 -50.63 36.19 57.87
CA LYS A 401 -51.97 35.85 57.51
C LYS A 401 -51.96 34.63 56.65
N GLY A 402 -51.37 33.52 57.16
CA GLY A 402 -50.96 33.46 58.53
C GLY A 402 -52.17 33.57 59.40
N ASP A 403 -53.18 32.68 59.22
CA ASP A 403 -53.17 31.65 58.24
C ASP A 403 -54.44 31.76 57.46
N PHE A 404 -54.37 32.39 56.27
CA PHE A 404 -55.53 32.47 55.44
C PHE A 404 -55.03 32.56 54.03
N ASN A 405 -55.93 32.42 53.04
CA ASN A 405 -55.48 32.66 51.70
C ASN A 405 -56.25 33.81 51.12
N PRO A 406 -55.82 35.01 51.43
CA PRO A 406 -56.35 36.22 50.88
C PRO A 406 -56.03 36.29 49.42
N ASP A 407 -55.19 35.37 48.91
CA ASP A 407 -54.63 35.52 47.61
C ASP A 407 -55.77 35.65 46.64
N LYS A 408 -56.81 34.82 46.80
CA LYS A 408 -57.98 35.05 46.00
C LYS A 408 -58.89 35.88 46.83
N GLU A 409 -59.34 37.02 46.27
CA GLU A 409 -60.27 37.82 47.03
C GLU A 409 -61.63 37.54 46.49
N LEU A 410 -62.27 36.49 47.04
CA LEU A 410 -63.65 36.17 46.80
C LEU A 410 -63.83 35.71 45.39
N THR A 411 -62.78 35.82 44.56
CA THR A 411 -62.85 35.30 43.23
C THR A 411 -61.45 35.08 42.78
N MET A 412 -61.28 34.29 41.70
CA MET A 412 -60.04 34.30 40.99
C MET A 412 -60.38 34.54 39.56
N THR A 413 -59.78 35.58 38.96
CA THR A 413 -60.04 35.80 37.57
C THR A 413 -58.74 36.06 36.89
N PHE A 414 -58.54 35.46 35.70
CA PHE A 414 -57.44 35.82 34.87
C PHE A 414 -58.01 36.08 33.52
N THR A 415 -57.53 37.16 32.85
CA THR A 415 -57.99 37.36 31.51
C THR A 415 -56.78 37.57 30.66
N ARG A 416 -56.68 36.82 29.55
CA ARG A 416 -55.70 37.14 28.56
C ARG A 416 -56.10 38.45 27.96
N THR A 417 -57.41 38.66 27.69
CA THR A 417 -58.35 37.62 27.43
C THR A 417 -58.02 37.00 26.11
N ARG A 418 -57.82 37.82 25.06
CA ARG A 418 -58.28 39.18 25.06
C ARG A 418 -59.60 39.15 24.36
N ILE A 419 -60.68 39.51 25.09
CA ILE A 419 -62.00 39.36 24.57
C ILE A 419 -62.18 40.29 23.41
N GLN A 420 -61.76 41.55 23.57
CA GLN A 420 -62.22 42.55 22.67
C GLN A 420 -61.13 42.90 21.72
N ASN A 421 -61.48 43.06 20.44
CA ASN A 421 -60.57 43.68 19.53
C ASN A 421 -60.68 45.14 19.79
N ASP A 422 -59.54 45.86 19.79
CA ASP A 422 -59.59 47.25 20.10
C ASP A 422 -60.37 47.93 19.03
N SER A 423 -60.05 47.60 17.76
CA SER A 423 -60.58 48.34 16.66
C SER A 423 -62.07 48.16 16.62
N GLU A 424 -62.53 46.90 16.70
CA GLU A 424 -63.89 46.62 16.36
C GLU A 424 -64.78 47.35 17.32
N ILE A 425 -64.47 47.28 18.62
CA ILE A 425 -65.35 47.87 19.59
C ILE A 425 -65.39 49.34 19.34
N VAL A 426 -64.21 49.94 19.12
CA VAL A 426 -64.14 51.37 19.00
C VAL A 426 -64.98 51.78 17.83
N GLN A 427 -64.84 51.04 16.71
CA GLN A 427 -65.52 51.44 15.51
C GLN A 427 -66.98 51.39 15.78
N SER A 428 -67.43 50.31 16.47
CA SER A 428 -68.83 50.12 16.69
C SER A 428 -69.31 51.28 17.51
N LEU A 429 -68.49 51.71 18.48
CA LEU A 429 -68.93 52.64 19.47
C LEU A 429 -69.33 53.91 18.77
N VAL A 430 -68.52 54.36 17.81
CA VAL A 430 -68.74 55.65 17.23
C VAL A 430 -70.11 55.65 16.62
N GLN A 431 -70.42 54.62 15.83
CA GLN A 431 -71.68 54.56 15.16
C GLN A 431 -72.75 54.48 16.20
N GLY A 432 -72.47 53.70 17.26
CA GLY A 432 -73.47 53.33 18.21
C GLY A 432 -74.01 54.56 18.86
N VAL A 433 -73.13 55.55 19.13
CA VAL A 433 -73.49 56.61 20.02
C VAL A 433 -74.71 57.31 19.50
N THR A 434 -74.75 57.58 18.18
CA THR A 434 -75.89 58.30 17.69
C THR A 434 -77.11 57.47 17.93
N GLY A 435 -77.05 56.18 17.55
CA GLY A 435 -78.20 55.34 17.60
C GLY A 435 -78.64 55.18 19.02
N GLY A 436 -77.67 54.98 19.93
CA GLY A 436 -77.99 54.65 21.29
C GLY A 436 -76.74 54.89 22.07
N ILE A 437 -76.73 54.48 23.35
CA ILE A 437 -75.64 54.91 24.17
C ILE A 437 -74.59 53.85 24.11
N MET A 438 -73.46 54.17 23.44
CA MET A 438 -72.34 53.28 23.52
C MET A 438 -71.10 54.11 23.40
N SER A 439 -69.97 53.57 23.89
CA SER A 439 -70.03 52.37 24.68
C SER A 439 -70.77 52.71 25.92
N LYS A 440 -70.42 53.85 26.56
CA LYS A 440 -69.05 54.25 26.64
C LYS A 440 -68.42 53.28 27.59
N GLU A 441 -69.21 52.90 28.62
CA GLU A 441 -68.73 52.12 29.70
C GLU A 441 -68.32 50.77 29.21
N THR A 442 -69.07 50.19 28.25
CA THR A 442 -69.04 48.77 28.05
C THR A 442 -67.65 48.32 27.73
N ALA A 443 -66.96 49.01 26.81
CA ALA A 443 -65.64 48.60 26.44
C ALA A 443 -64.81 48.71 27.68
N VAL A 444 -65.06 49.77 28.45
CA VAL A 444 -64.33 50.06 29.64
C VAL A 444 -64.52 48.92 30.58
N ALA A 445 -65.75 48.38 30.66
CA ALA A 445 -66.27 47.65 31.78
C ALA A 445 -65.41 46.44 32.01
N ARG A 446 -64.90 45.84 30.93
CA ARG A 446 -64.21 44.60 31.06
C ARG A 446 -63.06 44.79 31.99
N ASN A 447 -62.36 45.93 31.88
CA ASN A 447 -61.20 46.09 32.71
C ASN A 447 -61.62 46.07 34.15
N PRO A 448 -62.65 46.75 34.59
CA PRO A 448 -63.22 47.91 33.94
C PRO A 448 -62.23 49.02 34.02
N PHE A 449 -62.14 49.87 32.96
CA PHE A 449 -61.23 50.96 33.02
C PHE A 449 -61.67 51.87 34.11
N VAL A 450 -62.95 52.28 34.06
CA VAL A 450 -63.55 53.04 35.11
C VAL A 450 -65.01 52.74 35.07
N GLN A 451 -65.65 52.73 36.26
CA GLN A 451 -67.07 52.56 36.32
C GLN A 451 -67.71 53.79 35.75
N ASP A 452 -67.12 54.97 36.04
CA ASP A 452 -67.82 56.21 35.90
C ASP A 452 -68.27 56.37 34.49
N PRO A 453 -69.56 56.57 34.38
CA PRO A 453 -70.24 56.84 33.15
C PRO A 453 -69.82 58.18 32.64
N GLU A 454 -69.07 58.96 33.45
CA GLU A 454 -68.93 60.36 33.22
C GLU A 454 -68.35 60.56 31.85
N GLU A 455 -67.36 59.72 31.48
CA GLU A 455 -66.74 59.91 30.20
C GLU A 455 -67.81 59.76 29.17
N GLU A 456 -68.70 58.78 29.38
CA GLU A 456 -69.79 58.54 28.48
C GLU A 456 -70.66 59.75 28.49
N LEU A 457 -70.84 60.34 29.68
CA LEU A 457 -71.85 61.34 29.87
C LEU A 457 -71.58 62.48 28.96
N ALA A 458 -70.29 62.86 28.83
CA ALA A 458 -69.97 64.05 28.09
C ALA A 458 -70.46 63.87 26.70
N ARG A 459 -70.26 62.67 26.12
CA ARG A 459 -70.60 62.46 24.75
C ARG A 459 -72.06 62.71 24.60
N ILE A 460 -72.87 62.14 25.53
CA ILE A 460 -74.30 62.28 25.45
C ILE A 460 -74.62 63.73 25.61
N GLU A 461 -73.95 64.40 26.57
CA GLU A 461 -74.31 65.73 26.92
C GLU A 461 -74.17 66.58 25.70
N GLU A 462 -73.10 66.34 24.93
CA GLU A 462 -72.87 67.15 23.76
C GLU A 462 -74.05 66.98 22.87
N GLU A 463 -74.54 65.74 22.74
CA GLU A 463 -75.62 65.49 21.83
C GLU A 463 -76.81 66.28 22.30
N MET A 464 -77.08 66.26 23.61
CA MET A 464 -78.25 66.93 24.10
C MET A 464 -78.10 68.38 23.80
N ASN A 465 -76.88 68.91 24.06
CA ASN A 465 -76.65 70.32 23.90
C ASN A 465 -76.81 70.64 22.45
N GLN A 466 -76.30 69.76 21.57
CA GLN A 466 -76.16 70.14 20.20
C GLN A 466 -77.51 70.40 19.64
N TYR A 467 -77.60 71.45 18.81
CA TYR A 467 -76.47 72.33 18.66
C TYR A 467 -77.03 73.72 18.36
N PRO B 29 -38.44 -8.56 51.08
CA PRO B 29 -37.66 -9.25 50.01
C PRO B 29 -36.23 -9.13 50.39
N ASP B 30 -35.42 -10.17 50.10
CA ASP B 30 -34.03 -10.12 50.45
C ASP B 30 -33.37 -9.17 49.51
N THR B 31 -32.25 -8.58 49.94
CA THR B 31 -31.57 -7.60 49.15
C THR B 31 -31.16 -8.27 47.88
N THR B 32 -30.62 -9.50 48.01
CA THR B 32 -30.09 -10.18 46.87
C THR B 32 -31.20 -10.37 45.88
N MET B 33 -32.38 -10.81 46.37
CA MET B 33 -33.47 -11.07 45.49
C MET B 33 -33.83 -9.78 44.83
N ILE B 34 -33.84 -8.70 45.63
CA ILE B 34 -34.25 -7.43 45.12
C ILE B 34 -33.28 -7.06 44.03
N GLN B 35 -31.98 -7.21 44.30
CA GLN B 35 -30.99 -6.75 43.37
C GLN B 35 -31.13 -7.51 42.09
N LYS B 36 -31.40 -8.82 42.18
CA LYS B 36 -31.34 -9.69 41.05
C LYS B 36 -32.35 -9.22 40.04
N LEU B 37 -33.53 -8.81 40.52
CA LEU B 37 -34.64 -8.58 39.65
C LEU B 37 -34.25 -7.53 38.66
N ILE B 38 -33.55 -6.48 39.13
CA ILE B 38 -33.29 -5.36 38.27
C ILE B 38 -32.48 -5.80 37.11
N ASP B 39 -31.44 -6.62 37.37
CA ASP B 39 -30.44 -6.86 36.38
C ASP B 39 -31.10 -7.45 35.19
N GLU B 40 -32.08 -8.34 35.42
CA GLU B 40 -32.63 -9.10 34.34
C GLU B 40 -33.24 -8.15 33.37
N HIS B 41 -33.95 -7.11 33.85
CA HIS B 41 -34.67 -6.27 32.95
C HIS B 41 -33.69 -5.44 32.20
N ASN B 42 -34.07 -5.04 30.97
CA ASN B 42 -33.13 -4.34 30.13
C ASN B 42 -33.35 -2.88 30.34
N PRO B 43 -32.29 -2.29 30.78
CA PRO B 43 -32.23 -0.89 31.10
C PRO B 43 -32.50 -0.08 29.89
N GLU B 44 -32.30 -0.68 28.70
CA GLU B 44 -32.06 0.12 27.54
C GLU B 44 -33.20 1.05 27.27
N PRO B 45 -34.44 0.60 27.22
CA PRO B 45 -35.44 1.39 26.58
C PRO B 45 -35.64 2.74 27.20
N LEU B 46 -35.61 2.84 28.53
CA LEU B 46 -35.75 4.14 29.11
C LEU B 46 -34.50 4.93 28.83
N LEU B 47 -33.34 4.27 28.92
CA LEU B 47 -32.09 4.95 28.79
C LEU B 47 -32.02 5.51 27.40
N LYS B 48 -32.45 4.72 26.41
CA LYS B 48 -32.26 5.10 25.05
C LYS B 48 -32.97 6.39 24.84
N GLY B 49 -34.19 6.51 25.38
CA GLY B 49 -34.95 7.70 25.15
C GLY B 49 -34.19 8.85 25.74
N VAL B 50 -33.63 8.66 26.95
CA VAL B 50 -32.97 9.75 27.60
C VAL B 50 -31.82 10.15 26.76
N ARG B 51 -31.03 9.17 26.30
CA ARG B 51 -29.86 9.48 25.53
C ARG B 51 -30.31 10.17 24.29
N TYR B 52 -31.39 9.64 23.68
CA TYR B 52 -31.86 10.14 22.43
C TYR B 52 -32.26 11.56 22.63
N TYR B 53 -32.95 11.85 23.76
CA TYR B 53 -33.42 13.18 23.96
C TYR B 53 -32.23 14.07 24.00
N MET B 54 -31.20 13.67 24.75
CA MET B 54 -30.05 14.54 24.86
C MET B 54 -29.50 14.69 23.48
N CYS B 55 -29.34 13.55 22.76
CA CYS B 55 -28.89 13.64 21.40
C CYS B 55 -29.37 12.41 20.71
N GLU B 56 -29.44 12.47 19.36
CA GLU B 56 -29.73 11.29 18.62
C GLU B 56 -28.50 10.46 18.65
N ASN B 57 -28.61 9.15 18.42
CA ASN B 57 -27.40 8.38 18.47
C ASN B 57 -26.81 8.39 17.11
N ASP B 58 -25.72 9.17 16.94
CA ASP B 58 -24.95 9.12 15.74
C ASP B 58 -24.31 7.78 15.72
N ILE B 59 -24.02 7.24 16.93
CA ILE B 59 -23.26 6.06 17.16
C ILE B 59 -23.93 4.93 16.46
N GLU B 60 -25.27 4.95 16.40
CA GLU B 60 -25.99 3.85 15.85
C GLU B 60 -25.50 3.64 14.45
N LYS B 61 -25.19 4.73 13.72
CA LYS B 61 -24.75 4.56 12.37
C LYS B 61 -23.49 3.72 12.40
N LYS B 62 -22.54 4.03 13.30
CA LYS B 62 -22.27 5.36 13.75
C LYS B 62 -21.68 6.11 12.61
N ARG B 63 -20.70 5.49 11.92
CA ARG B 63 -19.97 6.19 10.92
C ARG B 63 -19.64 5.21 9.84
N ARG B 64 -19.03 5.70 8.75
CA ARG B 64 -18.61 4.83 7.70
C ARG B 64 -17.49 4.01 8.25
N THR B 65 -17.38 2.75 7.77
CA THR B 65 -16.40 1.88 8.32
C THR B 65 -15.59 1.31 7.20
N TYR B 66 -14.52 0.58 7.55
CA TYR B 66 -13.68 -0.05 6.58
C TYR B 66 -13.63 -1.50 6.93
N TYR B 67 -13.23 -2.35 5.97
CA TYR B 67 -13.25 -3.75 6.25
C TYR B 67 -11.84 -4.19 6.37
N ASP B 68 -11.52 -4.87 7.49
CA ASP B 68 -10.21 -5.35 7.73
C ASP B 68 -10.08 -6.66 7.05
N ALA B 69 -8.90 -7.30 7.18
CA ALA B 69 -8.71 -8.60 6.60
C ALA B 69 -9.72 -9.49 7.25
N ALA B 70 -9.90 -9.31 8.58
CA ALA B 70 -10.90 -10.06 9.27
C ALA B 70 -12.19 -9.70 8.64
N GLY B 71 -12.36 -8.41 8.31
CA GLY B 71 -13.55 -7.98 7.64
C GLY B 71 -14.55 -7.58 8.67
N GLN B 72 -14.16 -7.64 9.96
CA GLN B 72 -15.04 -7.16 10.97
C GLN B 72 -15.10 -5.68 10.81
N GLN B 73 -16.30 -5.10 11.00
CA GLN B 73 -16.44 -3.69 10.76
C GLN B 73 -15.79 -2.99 11.90
N LEU B 74 -14.96 -1.97 11.59
CA LEU B 74 -14.38 -1.17 12.62
C LEU B 74 -14.75 0.25 12.29
N VAL B 75 -15.08 1.05 13.32
CA VAL B 75 -15.38 2.42 13.07
C VAL B 75 -14.08 3.12 12.87
N ASP B 76 -14.01 4.01 11.87
CA ASP B 76 -12.78 4.72 11.69
C ASP B 76 -12.73 5.80 12.72
N ASP B 77 -11.50 6.19 13.11
CA ASP B 77 -11.32 7.26 14.04
C ASP B 77 -11.78 8.52 13.36
N THR B 78 -11.48 8.63 12.06
CA THR B 78 -11.59 9.88 11.37
C THR B 78 -13.00 10.35 11.45
N LYS B 79 -13.97 9.45 11.18
CA LYS B 79 -15.32 9.91 11.10
C LYS B 79 -15.70 10.43 12.44
N THR B 80 -16.39 11.60 12.46
CA THR B 80 -16.80 12.18 13.69
C THR B 80 -18.16 11.66 13.99
N ASN B 81 -18.62 11.81 15.25
CA ASN B 81 -19.93 11.40 15.61
C ASN B 81 -20.73 12.65 15.77
N ASN B 82 -21.81 12.81 14.98
CA ASN B 82 -22.59 14.00 15.12
C ASN B 82 -24.03 13.58 15.23
N ARG B 83 -24.78 14.28 16.10
CA ARG B 83 -26.19 14.01 16.18
C ARG B 83 -26.85 15.28 16.59
N THR B 84 -28.10 15.48 16.13
CA THR B 84 -28.89 16.57 16.61
C THR B 84 -30.25 16.03 16.85
N SER B 85 -31.07 16.70 17.68
CA SER B 85 -32.42 16.25 17.83
C SER B 85 -33.24 17.40 18.33
N HIS B 86 -34.57 17.29 18.17
CA HIS B 86 -35.50 18.18 18.81
C HIS B 86 -36.31 17.31 19.70
N ALA B 87 -36.76 17.81 20.88
CA ALA B 87 -36.80 19.17 21.33
C ALA B 87 -37.87 19.89 20.57
N TRP B 88 -38.58 19.18 19.69
CA TRP B 88 -39.82 19.68 19.19
C TRP B 88 -40.82 19.60 20.29
N HIS B 89 -40.69 18.55 21.11
CA HIS B 89 -41.75 18.03 21.92
C HIS B 89 -42.22 19.12 22.84
N LYS B 90 -41.28 19.85 23.45
CA LYS B 90 -41.61 20.65 24.59
C LYS B 90 -42.65 21.65 24.19
N LEU B 91 -42.47 22.31 23.04
CA LEU B 91 -43.33 23.42 22.74
C LEU B 91 -44.74 22.94 22.66
N PHE B 92 -44.96 21.84 21.92
CA PHE B 92 -46.30 21.40 21.68
C PHE B 92 -46.92 20.98 22.96
N VAL B 93 -46.17 20.25 23.80
CA VAL B 93 -46.74 19.61 24.95
C VAL B 93 -47.31 20.65 25.83
N ASP B 94 -46.57 21.75 26.04
CA ASP B 94 -46.98 22.72 27.01
C ASP B 94 -48.30 23.24 26.59
N GLN B 95 -48.46 23.51 25.27
CA GLN B 95 -49.69 24.06 24.80
C GLN B 95 -50.76 23.07 25.06
N LYS B 96 -50.46 21.77 24.84
CA LYS B 96 -51.45 20.75 24.95
C LYS B 96 -51.98 20.79 26.35
N THR B 97 -51.07 20.84 27.32
CA THR B 97 -51.46 20.69 28.68
C THR B 97 -52.39 21.81 29.02
N GLN B 98 -52.00 23.04 28.65
CA GLN B 98 -52.75 24.18 29.08
C GLN B 98 -54.12 24.07 28.52
N TYR B 99 -54.22 23.73 27.22
CA TYR B 99 -55.49 23.71 26.58
C TYR B 99 -56.33 22.66 27.24
N LEU B 100 -55.72 21.49 27.47
CA LEU B 100 -56.47 20.35 27.91
C LEU B 100 -57.07 20.67 29.23
N VAL B 101 -56.27 21.29 30.13
CA VAL B 101 -56.68 21.40 31.50
C VAL B 101 -57.98 22.14 31.55
N GLY B 102 -58.06 23.30 30.89
CA GLY B 102 -59.29 24.03 30.89
C GLY B 102 -59.52 24.46 32.30
N GLU B 103 -60.73 24.96 32.60
CA GLU B 103 -61.09 25.21 33.96
C GLU B 103 -62.38 24.49 34.20
N PRO B 104 -62.45 23.80 35.30
CA PRO B 104 -63.58 22.99 35.61
C PRO B 104 -64.75 23.89 35.81
N VAL B 105 -65.96 23.47 35.40
CA VAL B 105 -67.09 24.31 35.63
C VAL B 105 -67.25 24.43 37.12
N THR B 106 -67.27 23.29 37.81
CA THR B 106 -67.37 23.30 39.25
C THR B 106 -66.65 22.10 39.74
N PHE B 107 -66.28 22.09 41.03
CA PHE B 107 -65.71 20.90 41.59
C PHE B 107 -66.51 20.56 42.80
N THR B 108 -66.65 19.26 43.08
CA THR B 108 -67.43 18.87 44.21
C THR B 108 -66.69 17.77 44.91
N SER B 109 -67.05 17.53 46.19
CA SER B 109 -66.46 16.45 46.91
C SER B 109 -67.59 15.65 47.47
N ASP B 110 -67.34 14.34 47.68
CA ASP B 110 -68.27 13.49 48.34
C ASP B 110 -68.40 14.01 49.73
N ASN B 111 -67.26 14.29 50.38
CA ASN B 111 -67.37 14.73 51.74
C ASN B 111 -67.76 16.17 51.74
N LYS B 112 -68.53 16.59 52.77
CA LYS B 112 -68.91 17.97 52.85
C LYS B 112 -67.67 18.75 53.07
N THR B 113 -66.80 18.27 53.98
CA THR B 113 -65.63 19.01 54.35
C THR B 113 -64.78 19.14 53.13
N LEU B 114 -64.55 18.02 52.43
CA LEU B 114 -63.72 18.06 51.26
C LEU B 114 -64.40 18.93 50.26
N LEU B 115 -65.73 18.80 50.18
CA LEU B 115 -66.48 19.51 49.19
C LEU B 115 -66.28 20.96 49.42
N GLU B 116 -66.31 21.39 50.69
CA GLU B 116 -66.22 22.79 50.97
C GLU B 116 -64.91 23.28 50.43
N TYR B 117 -63.83 22.53 50.70
CA TYR B 117 -62.54 22.95 50.26
C TYR B 117 -62.56 22.96 48.77
N VAL B 118 -63.09 21.88 48.18
CA VAL B 118 -63.04 21.66 46.77
C VAL B 118 -63.82 22.71 46.06
N ASN B 119 -64.93 23.18 46.64
CA ASN B 119 -65.69 24.19 45.95
C ASN B 119 -64.87 25.42 45.85
N GLU B 120 -64.23 25.83 46.97
CA GLU B 120 -63.73 27.17 47.09
C GLU B 120 -62.66 27.45 46.09
N LEU B 121 -61.66 26.54 45.99
CA LEU B 121 -60.47 26.89 45.27
C LEU B 121 -60.74 27.13 43.80
N ALA B 122 -61.59 26.32 43.12
CA ALA B 122 -62.19 25.11 43.62
C ALA B 122 -61.10 24.13 43.89
N ASP B 123 -60.20 23.93 42.91
CA ASP B 123 -59.02 23.20 43.23
C ASP B 123 -58.08 23.40 42.09
N ASP B 124 -57.20 24.40 42.20
CA ASP B 124 -56.23 24.62 41.17
C ASP B 124 -55.35 23.42 41.15
N ASP B 125 -54.95 22.96 42.34
CA ASP B 125 -54.00 21.89 42.43
C ASP B 125 -54.58 20.66 41.82
N PHE B 126 -55.86 20.37 42.12
CA PHE B 126 -56.39 19.10 41.74
C PHE B 126 -56.34 19.01 40.26
N ASP B 127 -56.82 20.05 39.56
CA ASP B 127 -56.90 19.97 38.13
C ASP B 127 -55.51 19.77 37.62
N ASP B 128 -54.55 20.56 38.15
CA ASP B 128 -53.22 20.50 37.63
C ASP B 128 -52.71 19.12 37.86
N ILE B 129 -52.95 18.57 39.07
CA ILE B 129 -52.37 17.31 39.41
C ILE B 129 -52.91 16.29 38.47
N LEU B 130 -54.23 16.29 38.26
CA LEU B 130 -54.81 15.25 37.45
C LEU B 130 -54.24 15.39 36.08
N ASN B 131 -54.21 16.62 35.55
CA ASN B 131 -53.79 16.80 34.20
C ASN B 131 -52.36 16.35 34.13
N GLU B 132 -51.56 16.74 35.13
CA GLU B 132 -50.17 16.41 35.10
C GLU B 132 -50.04 14.93 35.14
N THR B 133 -50.81 14.27 36.03
CA THR B 133 -50.63 12.87 36.23
C THR B 133 -50.94 12.18 34.94
N VAL B 134 -52.09 12.50 34.33
CA VAL B 134 -52.48 11.84 33.12
C VAL B 134 -51.47 12.19 32.08
N LYS B 135 -51.08 13.47 32.04
CA LYS B 135 -50.24 13.96 30.99
C LYS B 135 -48.94 13.23 31.06
N ASN B 136 -48.40 13.07 32.28
CA ASN B 136 -47.09 12.50 32.42
C ASN B 136 -47.13 11.11 31.91
N MET B 137 -48.18 10.35 32.30
CA MET B 137 -48.23 8.97 31.93
C MET B 137 -48.28 8.91 30.44
N SER B 138 -49.12 9.77 29.83
CA SER B 138 -49.28 9.74 28.41
C SER B 138 -47.96 10.09 27.79
N ASN B 139 -47.30 11.11 28.35
CA ASN B 139 -46.10 11.61 27.75
C ASN B 139 -44.98 10.67 28.02
N LYS B 140 -43.88 10.84 27.27
CA LYS B 140 -42.72 10.02 27.40
C LYS B 140 -42.16 10.30 28.76
N GLY B 141 -41.47 9.30 29.37
CA GLY B 141 -41.31 8.01 28.78
C GLY B 141 -42.63 7.33 28.61
N ILE B 142 -43.47 7.27 29.66
CA ILE B 142 -43.14 7.71 30.98
C ILE B 142 -41.98 6.89 31.44
N GLU B 143 -41.94 5.58 31.13
CA GLU B 143 -43.07 4.74 30.85
C GLU B 143 -43.74 4.44 32.15
N TYR B 144 -42.94 4.35 33.23
CA TYR B 144 -43.48 3.85 34.46
C TYR B 144 -43.33 4.94 35.46
N TRP B 145 -44.37 5.13 36.29
CA TRP B 145 -44.31 6.15 37.29
C TRP B 145 -44.33 5.44 38.60
N HIS B 146 -43.46 5.85 39.53
CA HIS B 146 -43.51 5.27 40.85
C HIS B 146 -43.68 6.39 41.81
N PRO B 147 -44.75 6.34 42.56
CA PRO B 147 -45.08 7.39 43.47
C PRO B 147 -44.07 7.40 44.56
N PHE B 148 -43.80 8.59 45.12
CA PHE B 148 -42.98 8.66 46.30
C PHE B 148 -43.64 9.64 47.21
N VAL B 149 -43.38 9.51 48.52
CA VAL B 149 -44.00 10.41 49.44
C VAL B 149 -43.29 11.72 49.34
N ASP B 150 -44.05 12.82 49.38
CA ASP B 150 -43.43 14.11 49.40
C ASP B 150 -43.05 14.39 50.81
N GLU B 151 -42.23 15.43 51.02
CA GLU B 151 -41.91 15.83 52.36
C GLU B 151 -43.20 16.29 52.96
N GLU B 152 -44.01 17.01 52.16
CA GLU B 152 -45.28 17.47 52.62
C GLU B 152 -46.10 16.27 52.93
N GLY B 153 -45.96 15.22 52.09
CA GLY B 153 -46.75 14.04 52.29
C GLY B 153 -47.88 14.11 51.34
N GLU B 154 -48.03 15.27 50.66
CA GLU B 154 -49.00 15.34 49.60
C GLU B 154 -48.44 14.50 48.50
N PHE B 155 -49.32 13.90 47.69
CA PHE B 155 -48.81 12.99 46.70
C PHE B 155 -47.93 13.78 45.78
N ASP B 156 -46.70 13.28 45.59
CA ASP B 156 -45.81 13.92 44.65
C ASP B 156 -45.44 12.87 43.66
N TYR B 157 -45.32 13.26 42.39
CA TYR B 157 -44.98 12.28 41.40
C TYR B 157 -43.68 12.69 40.79
N VAL B 158 -42.75 11.71 40.66
CA VAL B 158 -41.50 12.00 40.03
C VAL B 158 -41.23 10.90 39.07
N ILE B 159 -40.42 11.17 38.04
CA ILE B 159 -40.11 10.15 37.08
C ILE B 159 -38.64 9.92 37.15
N PHE B 160 -38.24 8.64 37.18
CA PHE B 160 -36.84 8.31 37.19
C PHE B 160 -36.61 7.44 36.01
N PRO B 161 -35.41 7.49 35.49
CA PRO B 161 -35.05 6.75 34.33
C PRO B 161 -35.14 5.30 34.68
N ALA B 162 -35.42 4.42 33.71
CA ALA B 162 -35.56 3.04 34.08
C ALA B 162 -34.23 2.56 34.51
N GLU B 163 -34.21 1.67 35.53
CA GLU B 163 -32.97 1.01 35.81
C GLU B 163 -32.59 0.21 34.61
N GLU B 164 -33.49 -0.62 34.05
CA GLU B 164 -34.77 -0.92 34.62
C GLU B 164 -34.73 -2.31 35.16
N MET B 165 -35.37 -2.50 36.33
CA MET B 165 -35.46 -3.79 36.95
C MET B 165 -36.61 -4.52 36.32
N ILE B 166 -36.56 -5.86 36.36
CA ILE B 166 -37.71 -6.60 35.87
C ILE B 166 -38.68 -6.64 36.99
N VAL B 167 -39.95 -6.37 36.68
CA VAL B 167 -40.92 -6.33 37.72
C VAL B 167 -41.25 -7.72 38.11
N VAL B 168 -41.30 -7.95 39.43
CA VAL B 168 -41.72 -9.22 39.96
C VAL B 168 -42.52 -8.88 41.17
N TYR B 169 -43.43 -9.78 41.57
CA TYR B 169 -44.23 -9.48 42.71
C TYR B 169 -43.84 -10.42 43.79
N LYS B 170 -43.38 -9.87 44.92
CA LYS B 170 -43.05 -10.68 46.06
C LYS B 170 -44.34 -11.28 46.52
N ASP B 171 -45.42 -10.49 46.48
CA ASP B 171 -46.67 -10.92 47.03
C ASP B 171 -47.23 -11.98 46.14
N ASN B 172 -48.23 -12.70 46.65
CA ASN B 172 -48.80 -13.79 45.93
C ASN B 172 -49.41 -13.25 44.68
N THR B 173 -50.08 -12.09 44.79
CA THR B 173 -50.79 -11.59 43.65
C THR B 173 -49.80 -11.37 42.56
N ARG B 174 -49.95 -12.16 41.47
CA ARG B 174 -49.08 -12.07 40.35
C ARG B 174 -49.26 -10.73 39.71
N ARG B 175 -50.53 -10.30 39.58
CA ARG B 175 -50.83 -9.19 38.72
C ARG B 175 -50.07 -8.00 39.20
N ASP B 176 -50.17 -7.69 40.51
CA ASP B 176 -49.50 -6.53 41.00
C ASP B 176 -48.07 -6.90 41.23
N ILE B 177 -47.19 -5.88 41.25
CA ILE B 177 -45.84 -6.10 41.70
C ILE B 177 -45.69 -5.27 42.93
N LEU B 178 -45.66 -5.92 44.12
CA LEU B 178 -45.67 -5.15 45.32
C LEU B 178 -44.43 -4.31 45.33
N PHE B 179 -43.29 -4.92 44.98
CA PHE B 179 -42.07 -4.21 45.14
C PHE B 179 -41.34 -4.23 43.83
N ALA B 180 -40.76 -3.08 43.45
CA ALA B 180 -39.83 -3.06 42.36
C ALA B 180 -38.69 -2.20 42.81
N LEU B 181 -37.45 -2.59 42.44
CA LEU B 181 -36.33 -1.80 42.87
C LEU B 181 -35.63 -1.32 41.65
N ARG B 182 -35.14 -0.07 41.68
CA ARG B 182 -34.26 0.36 40.63
C ARG B 182 -33.01 0.83 41.29
N TYR B 183 -31.84 0.46 40.73
CA TYR B 183 -30.62 0.93 41.32
C TYR B 183 -29.86 1.67 40.26
N TYR B 184 -29.47 2.92 40.55
CA TYR B 184 -28.71 3.62 39.55
C TYR B 184 -27.49 4.16 40.20
N SER B 185 -26.39 4.26 39.44
CA SER B 185 -25.21 4.83 40.01
C SER B 185 -25.45 6.30 40.08
N TYR B 186 -24.87 6.95 41.11
CA TYR B 186 -25.02 8.37 41.22
C TYR B 186 -23.66 8.94 41.48
N LYS B 187 -23.43 10.18 41.05
CA LYS B 187 -22.18 10.81 41.36
C LYS B 187 -22.39 11.55 42.64
N GLY B 188 -21.43 11.42 43.58
CA GLY B 188 -21.57 12.08 44.84
C GLY B 188 -20.93 13.42 44.72
N ILE B 189 -20.82 14.13 45.85
CA ILE B 189 -20.11 15.38 45.86
C ILE B 189 -18.70 15.05 45.49
N MET B 190 -18.18 13.96 46.08
CA MET B 190 -16.87 13.50 45.75
C MET B 190 -16.91 13.14 44.31
N GLY B 191 -18.02 12.53 43.87
CA GLY B 191 -18.16 12.18 42.49
C GLY B 191 -17.69 10.78 42.32
N GLU B 192 -17.30 10.13 43.44
CA GLU B 192 -16.97 8.74 43.35
C GLU B 192 -18.25 8.04 43.05
N GLU B 193 -18.19 6.95 42.26
CA GLU B 193 -19.40 6.32 41.86
C GLU B 193 -19.66 5.19 42.80
N THR B 194 -20.87 5.16 43.36
CA THR B 194 -21.28 4.05 44.17
C THR B 194 -22.58 3.57 43.62
N GLN B 195 -22.87 2.27 43.73
CA GLN B 195 -24.12 1.79 43.25
C GLN B 195 -25.15 2.18 44.26
N LYS B 196 -26.32 2.66 43.79
CA LYS B 196 -27.38 2.95 44.69
C LYS B 196 -28.57 2.20 44.20
N ALA B 197 -29.34 1.58 45.11
CA ALA B 197 -30.52 0.89 44.71
C ALA B 197 -31.64 1.37 45.57
N GLU B 198 -32.86 1.40 45.02
CA GLU B 198 -33.98 1.82 45.82
C GLU B 198 -34.88 0.64 45.95
N LEU B 199 -35.51 0.49 47.14
CA LEU B 199 -36.44 -0.57 47.33
C LEU B 199 -37.80 0.04 47.29
N TYR B 200 -38.74 -0.58 46.56
CA TYR B 200 -40.05 -0.02 46.52
C TYR B 200 -40.97 -1.03 47.12
N THR B 201 -41.95 -0.55 47.90
CA THR B 201 -42.94 -1.42 48.44
C THR B 201 -44.25 -0.88 47.98
N ASP B 202 -45.27 -1.74 47.90
CA ASP B 202 -46.54 -1.20 47.50
C ASP B 202 -46.95 -0.22 48.55
N THR B 203 -46.84 -0.63 49.83
CA THR B 203 -47.28 0.21 50.90
C THR B 203 -46.42 1.42 50.97
N HIS B 204 -45.08 1.23 50.93
CA HIS B 204 -44.21 2.35 51.15
C HIS B 204 -43.19 2.36 50.07
N VAL B 205 -42.61 3.54 49.80
CA VAL B 205 -41.52 3.60 48.86
C VAL B 205 -40.27 3.73 49.68
N TYR B 206 -39.19 3.06 49.23
CA TYR B 206 -37.98 3.12 50.00
C TYR B 206 -36.90 3.63 49.09
N TYR B 207 -35.97 4.41 49.66
CA TYR B 207 -34.81 4.79 48.91
C TYR B 207 -33.64 4.25 49.65
N TYR B 208 -32.72 3.60 48.93
CA TYR B 208 -31.59 3.04 49.61
C TYR B 208 -30.37 3.62 48.98
N GLU B 209 -29.37 3.96 49.82
CA GLU B 209 -28.07 4.26 49.31
C GLU B 209 -27.18 3.17 49.80
N LYS B 210 -26.51 2.47 48.88
CA LYS B 210 -25.70 1.37 49.32
C LYS B 210 -24.28 1.74 49.04
N ILE B 211 -23.68 2.58 49.91
CA ILE B 211 -22.31 2.92 49.71
C ILE B 211 -21.48 1.71 49.97
N ASP B 212 -21.75 1.05 51.13
CA ASP B 212 -20.95 -0.07 51.51
C ASP B 212 -21.17 -1.15 50.51
N GLY B 213 -22.46 -1.36 50.16
CA GLY B 213 -22.81 -2.42 49.27
C GLY B 213 -23.20 -3.58 50.12
N VAL B 214 -22.72 -3.58 51.38
CA VAL B 214 -23.05 -4.64 52.28
C VAL B 214 -24.53 -4.57 52.54
N TYR B 215 -25.03 -3.37 52.85
CA TYR B 215 -26.40 -3.25 53.24
C TYR B 215 -27.02 -2.16 52.43
N GLN B 216 -28.36 -2.23 52.29
CA GLN B 216 -29.10 -1.20 51.64
C GLN B 216 -29.23 -0.08 52.62
N MET B 217 -29.70 1.09 52.16
CA MET B 217 -29.79 2.20 53.05
C MET B 217 -30.70 1.80 54.17
N ASP B 218 -30.40 2.28 55.38
CA ASP B 218 -31.11 1.80 56.53
C ASP B 218 -32.44 2.46 56.58
N TYR B 219 -33.35 1.87 57.38
CA TYR B 219 -33.09 0.54 57.83
C TYR B 219 -33.10 -0.35 56.63
N SER B 220 -34.17 -0.27 55.79
CA SER B 220 -35.40 0.34 56.20
C SER B 220 -36.29 -0.78 56.63
N TYR B 221 -36.70 -0.76 57.90
CA TYR B 221 -37.40 -1.86 58.46
C TYR B 221 -38.74 -1.99 57.80
N GLY B 222 -39.42 -0.85 57.56
CA GLY B 222 -40.80 -0.95 57.15
C GLY B 222 -41.33 0.43 56.93
N GLU B 223 -42.47 0.73 57.58
CA GLU B 223 -43.20 1.94 57.32
C GLU B 223 -42.30 3.08 57.62
N ASN B 224 -41.47 2.95 58.68
CA ASN B 224 -40.55 4.00 59.00
C ASN B 224 -39.71 4.23 57.80
N ASN B 225 -39.04 5.40 57.75
CA ASN B 225 -38.50 5.92 56.52
C ASN B 225 -37.59 4.90 55.92
N PRO B 226 -37.62 4.74 54.62
CA PRO B 226 -38.27 5.66 53.72
C PRO B 226 -39.75 5.65 53.88
N ARG B 227 -40.41 6.79 53.57
CA ARG B 227 -41.80 6.96 53.89
C ARG B 227 -42.61 6.24 52.88
N PRO B 228 -43.81 5.92 53.30
CA PRO B 228 -44.81 5.31 52.48
C PRO B 228 -45.14 6.32 51.42
N HIS B 229 -45.75 5.89 50.30
CA HIS B 229 -45.97 6.80 49.22
C HIS B 229 -46.79 7.92 49.76
N MET B 230 -47.92 7.57 50.42
CA MET B 230 -48.73 8.60 51.01
C MET B 230 -49.07 8.14 52.39
N THR B 231 -49.30 9.11 53.29
CA THR B 231 -49.74 8.75 54.61
C THR B 231 -51.02 9.48 54.85
N LYS B 232 -51.95 8.85 55.58
CA LYS B 232 -53.17 9.51 55.90
C LYS B 232 -53.26 9.58 57.39
N GLY B 233 -53.78 10.71 57.90
CA GLY B 233 -53.99 10.82 59.31
C GLY B 233 -52.67 11.09 59.95
N GLY B 234 -51.65 11.33 59.13
CA GLY B 234 -50.34 11.57 59.66
C GLY B 234 -49.74 10.23 59.91
N GLN B 235 -50.49 9.16 59.60
CA GLN B 235 -49.99 7.83 59.75
C GLN B 235 -49.81 7.30 58.37
N ALA B 236 -48.96 6.27 58.22
CA ALA B 236 -48.73 5.78 56.90
C ALA B 236 -50.02 5.24 56.40
N ILE B 237 -50.31 5.47 55.11
CA ILE B 237 -51.53 4.98 54.54
C ILE B 237 -51.17 4.29 53.27
N GLY B 238 -51.96 3.28 52.87
CA GLY B 238 -51.69 2.64 51.63
C GLY B 238 -52.78 3.02 50.69
N TRP B 239 -52.41 3.29 49.43
CA TRP B 239 -53.39 3.64 48.45
C TRP B 239 -54.27 2.45 48.28
N GLY B 240 -53.65 1.26 48.18
CA GLY B 240 -54.40 0.08 47.87
C GLY B 240 -54.41 -0.02 46.38
N ARG B 241 -53.80 0.97 45.72
CA ARG B 241 -53.69 0.93 44.29
C ARG B 241 -52.66 -0.09 43.97
N VAL B 242 -52.77 -0.72 42.79
CA VAL B 242 -51.80 -1.71 42.43
C VAL B 242 -50.52 -0.97 42.24
N PRO B 243 -49.45 -1.58 42.66
CA PRO B 243 -48.17 -0.94 42.74
C PRO B 243 -47.73 -0.70 41.34
N ILE B 244 -46.75 0.20 41.16
CA ILE B 244 -46.45 0.66 39.84
C ILE B 244 -45.96 -0.50 39.05
N ILE B 245 -46.52 -0.65 37.84
CA ILE B 245 -46.12 -1.69 36.95
C ILE B 245 -45.75 -1.02 35.67
N PRO B 246 -44.74 -1.54 35.04
CA PRO B 246 -44.19 -0.92 33.88
C PRO B 246 -45.23 -0.96 32.82
N PHE B 247 -45.22 0.03 31.91
CA PHE B 247 -46.23 0.05 30.90
C PHE B 247 -45.62 -0.51 29.67
N LYS B 248 -46.32 -1.47 29.03
CA LYS B 248 -45.87 -1.96 27.76
C LYS B 248 -46.25 -0.93 26.76
N ASN B 249 -45.56 -0.92 25.60
CA ASN B 249 -45.91 0.06 24.63
C ASN B 249 -47.33 -0.20 24.26
N ASN B 250 -48.11 0.88 24.07
CA ASN B 250 -49.51 0.71 23.82
C ASN B 250 -49.66 0.23 22.43
N GLU B 251 -50.77 -0.49 22.16
CA GLU B 251 -51.03 -0.95 20.83
C GLU B 251 -51.17 0.26 19.99
N GLU B 252 -51.89 1.27 20.51
CA GLU B 252 -52.03 2.50 19.81
C GLU B 252 -50.66 3.05 19.66
N MET B 253 -49.88 2.99 20.76
CA MET B 253 -48.51 3.41 20.72
C MET B 253 -48.49 4.82 20.21
N VAL B 254 -49.51 5.61 20.58
CA VAL B 254 -49.53 6.97 20.17
C VAL B 254 -49.26 7.80 21.38
N SER B 255 -48.44 8.86 21.20
CA SER B 255 -48.14 9.71 22.31
C SER B 255 -48.35 11.11 21.84
N ASP B 256 -48.46 12.05 22.80
CA ASP B 256 -48.59 13.42 22.40
C ASP B 256 -47.32 13.74 21.68
N LEU B 257 -46.19 13.27 22.22
CA LEU B 257 -44.91 13.52 21.64
C LEU B 257 -44.94 12.94 20.27
N LYS B 258 -45.53 11.74 20.16
CA LYS B 258 -45.37 10.95 18.98
C LYS B 258 -45.86 11.71 17.80
N PHE B 259 -46.99 12.43 17.97
CA PHE B 259 -47.69 12.96 16.83
C PHE B 259 -46.76 13.86 16.08
N TYR B 260 -46.18 14.87 16.76
CA TYR B 260 -45.19 15.66 16.09
C TYR B 260 -44.01 14.80 15.85
N LYS B 261 -43.66 13.99 16.86
CA LYS B 261 -42.35 13.42 16.97
C LYS B 261 -42.06 12.63 15.75
N ASP B 262 -43.06 11.93 15.21
CA ASP B 262 -42.76 11.10 14.08
C ASP B 262 -42.29 11.99 12.98
N LEU B 263 -43.01 13.10 12.72
CA LEU B 263 -42.61 14.00 11.68
C LEU B 263 -41.29 14.58 12.09
N ILE B 264 -41.18 14.95 13.37
CA ILE B 264 -40.07 15.72 13.85
C ILE B 264 -38.81 14.96 13.71
N ASP B 265 -38.83 13.65 14.06
CA ASP B 265 -37.61 12.91 14.16
C ASP B 265 -36.97 12.94 12.82
N ASN B 266 -37.79 12.74 11.77
CA ASN B 266 -37.24 12.84 10.46
C ASN B 266 -36.72 14.24 10.33
N TYR B 267 -37.56 15.23 10.68
CA TYR B 267 -37.31 16.59 10.31
C TYR B 267 -35.99 17.01 10.88
N ASP B 268 -35.76 16.69 12.17
CA ASP B 268 -34.58 17.15 12.82
C ASP B 268 -33.39 16.53 12.17
N SER B 269 -33.47 15.21 11.88
CA SER B 269 -32.31 14.52 11.41
C SER B 269 -31.91 15.15 10.12
N ILE B 270 -32.90 15.40 9.27
CA ILE B 270 -32.66 15.85 7.94
C ILE B 270 -32.02 17.21 7.99
N THR B 271 -32.56 18.11 8.83
CA THR B 271 -32.08 19.45 8.88
C THR B 271 -30.66 19.39 9.34
N SER B 272 -30.43 18.60 10.42
CA SER B 272 -29.14 18.54 11.01
C SER B 272 -28.20 17.98 10.01
N SER B 273 -28.61 16.91 9.31
CA SER B 273 -27.72 16.23 8.43
C SER B 273 -27.32 17.19 7.35
N THR B 274 -28.28 17.99 6.85
CA THR B 274 -28.03 18.75 5.67
C THR B 274 -26.88 19.68 5.93
N MET B 275 -26.91 20.39 7.07
CA MET B 275 -25.90 21.38 7.30
C MET B 275 -24.58 20.70 7.34
N ASP B 276 -24.52 19.57 8.07
CA ASP B 276 -23.27 18.87 8.24
C ASP B 276 -22.83 18.38 6.90
N SER B 277 -23.79 17.92 6.08
CA SER B 277 -23.46 17.13 4.94
C SER B 277 -22.56 17.93 4.04
N PHE B 278 -22.88 19.22 3.83
CA PHE B 278 -22.21 19.96 2.80
C PHE B 278 -20.76 19.97 3.10
N SER B 279 -20.39 20.36 4.33
CA SER B 279 -19.01 20.36 4.71
C SER B 279 -18.53 18.95 4.76
N ASP B 280 -19.35 18.06 5.36
CA ASP B 280 -18.87 16.77 5.77
C ASP B 280 -18.90 15.81 4.63
N PHE B 281 -18.48 14.57 4.94
CA PHE B 281 -18.46 13.42 4.08
C PHE B 281 -17.65 13.66 2.86
N GLN B 282 -16.62 14.53 2.95
CA GLN B 282 -15.65 14.49 1.90
C GLN B 282 -15.04 13.13 1.94
N GLN B 283 -14.65 12.67 3.14
CA GLN B 283 -14.29 13.55 4.21
C GLN B 283 -13.07 12.99 4.87
N ILE B 284 -11.89 13.56 4.55
CA ILE B 284 -11.68 14.20 3.29
C ILE B 284 -10.56 13.44 2.65
N VAL B 285 -10.77 12.97 1.41
CA VAL B 285 -9.76 12.11 0.87
C VAL B 285 -9.20 12.77 -0.35
N TYR B 286 -7.86 12.66 -0.51
CA TYR B 286 -7.21 13.11 -1.69
C TYR B 286 -6.48 11.93 -2.24
N VAL B 287 -6.76 11.55 -3.50
CA VAL B 287 -6.02 10.45 -4.05
C VAL B 287 -5.59 10.85 -5.42
N LEU B 288 -4.32 10.54 -5.76
CA LEU B 288 -3.88 10.73 -7.11
C LEU B 288 -3.27 9.42 -7.52
N LYS B 289 -3.50 9.01 -8.78
CA LYS B 289 -2.91 7.79 -9.23
C LYS B 289 -1.43 7.99 -9.17
N ASN B 290 -0.97 9.13 -9.71
CA ASN B 290 0.43 9.45 -9.65
C ASN B 290 0.50 10.94 -9.45
N TYR B 291 1.70 11.44 -9.09
CA TYR B 291 2.83 10.58 -8.91
C TYR B 291 3.34 10.84 -7.54
N ASP B 292 3.93 9.81 -6.91
CA ASP B 292 4.35 9.97 -5.56
C ASP B 292 5.52 10.89 -5.55
N GLY B 293 5.70 11.61 -4.43
CA GLY B 293 6.80 12.51 -4.29
C GLY B 293 7.84 11.81 -3.49
N GLU B 294 8.59 12.59 -2.68
CA GLU B 294 9.58 12.02 -1.82
C GLU B 294 8.84 11.19 -0.81
N ASN B 295 9.57 10.29 -0.13
CA ASN B 295 8.95 9.35 0.76
C ASN B 295 8.16 10.14 1.75
N PRO B 296 7.00 9.62 2.05
CA PRO B 296 5.94 10.43 2.54
C PRO B 296 6.29 11.08 3.84
N LYS B 297 7.24 10.52 4.60
CA LYS B 297 7.58 11.18 5.84
C LYS B 297 8.06 12.53 5.46
N GLU B 298 9.00 12.58 4.51
CA GLU B 298 9.48 13.82 3.98
C GLU B 298 8.34 14.46 3.24
N PHE B 299 7.57 13.61 2.52
CA PHE B 299 6.64 14.09 1.55
C PHE B 299 5.65 14.97 2.23
N THR B 300 5.11 14.51 3.38
CA THR B 300 4.03 15.24 3.98
C THR B 300 4.54 16.60 4.33
N ALA B 301 5.70 16.68 4.99
CA ALA B 301 6.16 17.95 5.46
C ALA B 301 6.39 18.84 4.29
N ASN B 302 7.09 18.34 3.25
CA ASN B 302 7.44 19.21 2.17
C ASN B 302 6.19 19.59 1.45
N LEU B 303 5.25 18.64 1.30
CA LEU B 303 4.13 18.86 0.45
C LEU B 303 3.37 20.02 0.99
N ARG B 304 3.19 20.04 2.32
CA ARG B 304 2.44 21.12 2.92
C ARG B 304 3.19 22.39 2.63
N TYR B 305 4.52 22.35 2.79
CA TYR B 305 5.29 23.55 2.66
C TYR B 305 5.14 24.04 1.26
N HIS B 306 5.32 23.14 0.28
CA HIS B 306 5.25 23.55 -1.10
C HIS B 306 3.86 24.06 -1.33
N SER B 307 2.86 23.28 -0.87
CA SER B 307 1.49 23.67 -1.04
C SER B 307 1.13 23.41 -2.47
N VAL B 308 -0.18 23.40 -2.77
CA VAL B 308 -0.62 23.20 -4.11
C VAL B 308 -0.29 21.79 -4.51
N ILE B 309 -1.09 21.22 -5.44
CA ILE B 309 -0.80 19.91 -5.91
C ILE B 309 -0.60 20.00 -7.38
N LYS B 310 0.49 19.39 -7.88
CA LYS B 310 0.72 19.39 -9.29
C LYS B 310 0.76 17.97 -9.74
N VAL B 311 0.38 17.71 -11.00
CA VAL B 311 0.45 16.38 -11.50
C VAL B 311 1.45 16.39 -12.62
N SER B 312 2.22 15.29 -12.74
CA SER B 312 3.19 15.20 -13.78
C SER B 312 3.12 13.82 -14.32
N GLY B 313 3.75 13.58 -15.48
CA GLY B 313 3.74 12.27 -16.03
C GLY B 313 2.33 11.94 -16.36
N ASP B 314 1.86 10.76 -15.91
CA ASP B 314 0.52 10.35 -16.20
C ASP B 314 -0.38 11.23 -15.40
N GLY B 315 -1.69 11.19 -15.71
CA GLY B 315 -2.60 12.07 -15.05
C GLY B 315 -2.67 11.64 -13.63
N GLY B 316 -3.09 12.55 -12.74
CA GLY B 316 -3.54 13.83 -13.19
C GLY B 316 -5.02 13.73 -13.38
N VAL B 317 -5.57 12.54 -13.12
CA VAL B 317 -6.99 12.35 -13.19
C VAL B 317 -7.57 13.03 -12.00
N ASP B 318 -8.84 13.46 -12.11
CA ASP B 318 -9.42 14.24 -11.07
C ASP B 318 -9.44 13.40 -9.83
N THR B 319 -9.28 14.05 -8.67
CA THR B 319 -9.11 13.32 -7.46
C THR B 319 -10.38 13.39 -6.67
N LEU B 320 -10.37 12.76 -5.48
CA LEU B 320 -11.58 12.51 -4.74
C LEU B 320 -12.19 13.81 -4.33
N ARG B 321 -11.39 14.75 -3.82
CA ARG B 321 -12.01 15.91 -3.23
C ARG B 321 -11.35 17.13 -3.77
N ALA B 322 -12.02 18.29 -3.65
CA ALA B 322 -13.40 18.30 -3.25
C ALA B 322 -14.16 17.60 -4.32
N GLU B 323 -13.85 17.95 -5.58
CA GLU B 323 -14.32 17.16 -6.69
C GLU B 323 -15.74 17.49 -6.96
N ILE B 324 -16.34 16.73 -7.90
CA ILE B 324 -17.70 16.86 -8.29
C ILE B 324 -18.60 16.63 -7.11
N PRO B 325 -18.39 15.64 -6.26
CA PRO B 325 -19.40 15.31 -5.29
C PRO B 325 -19.66 16.44 -4.37
N VAL B 326 -18.81 17.49 -4.33
CA VAL B 326 -19.21 18.60 -3.53
C VAL B 326 -20.48 19.13 -4.13
N ASP B 327 -20.46 19.37 -5.45
CA ASP B 327 -21.63 19.87 -6.14
C ASP B 327 -22.68 18.81 -6.11
N SER B 328 -22.28 17.55 -6.40
CA SER B 328 -23.24 16.51 -6.58
C SER B 328 -23.96 16.34 -5.28
N ALA B 329 -23.20 16.35 -4.18
CA ALA B 329 -23.74 16.09 -2.89
C ALA B 329 -24.74 17.17 -2.60
N ALA B 330 -24.41 18.42 -2.96
CA ALA B 330 -25.32 19.47 -2.65
C ALA B 330 -26.60 19.19 -3.37
N LYS B 331 -26.49 18.79 -4.65
CA LYS B 331 -27.66 18.56 -5.43
C LYS B 331 -28.42 17.44 -4.82
N GLU B 332 -27.71 16.36 -4.43
CA GLU B 332 -28.36 15.18 -3.93
C GLU B 332 -29.06 15.55 -2.67
N LEU B 333 -28.36 16.34 -1.82
CA LEU B 333 -28.84 16.68 -0.53
C LEU B 333 -30.09 17.48 -0.69
N GLU B 334 -30.10 18.39 -1.68
CA GLU B 334 -31.22 19.27 -1.82
C GLU B 334 -32.43 18.43 -2.07
N ARG B 335 -32.29 17.41 -2.94
CA ARG B 335 -33.39 16.54 -3.22
C ARG B 335 -33.75 15.87 -1.95
N ILE B 336 -32.73 15.43 -1.20
CA ILE B 336 -32.96 14.66 -0.02
C ILE B 336 -33.75 15.50 0.93
N GLN B 337 -33.37 16.78 1.11
CA GLN B 337 -33.98 17.58 2.12
C GLN B 337 -35.43 17.70 1.80
N ASP B 338 -35.77 17.91 0.53
CA ASP B 338 -37.13 18.13 0.16
C ASP B 338 -37.89 16.90 0.54
N GLU B 339 -37.32 15.72 0.21
CA GLU B 339 -37.97 14.49 0.50
C GLU B 339 -38.09 14.37 1.97
N LEU B 340 -37.05 14.81 2.69
CA LEU B 340 -36.95 14.58 4.09
C LEU B 340 -38.10 15.29 4.76
N TYR B 341 -38.43 16.50 4.30
CA TYR B 341 -39.55 17.19 4.86
C TYR B 341 -40.77 16.37 4.61
N LYS B 342 -40.88 15.84 3.37
CA LYS B 342 -42.04 15.10 2.96
C LYS B 342 -42.14 13.87 3.80
N SER B 343 -41.00 13.29 4.19
CA SER B 343 -41.03 12.16 5.05
C SER B 343 -41.72 12.61 6.30
N ALA B 344 -41.43 13.84 6.74
CA ALA B 344 -42.12 14.40 7.86
C ALA B 344 -43.55 14.49 7.45
N GLN B 345 -43.79 14.92 6.19
CA GLN B 345 -45.11 14.93 5.65
C GLN B 345 -45.93 15.86 6.48
N ALA B 346 -45.29 16.89 7.08
CA ALA B 346 -46.10 17.82 7.81
C ALA B 346 -47.01 18.47 6.83
N VAL B 347 -46.45 18.97 5.71
CA VAL B 347 -47.18 19.39 4.55
C VAL B 347 -46.24 20.25 3.76
N ASP B 348 -46.34 20.21 2.42
CA ASP B 348 -45.49 21.03 1.62
C ASP B 348 -45.89 22.47 1.80
N ASN B 349 -47.20 22.75 1.68
CA ASN B 349 -47.62 24.12 1.51
C ASN B 349 -47.85 24.74 2.85
N SER B 350 -47.86 26.08 2.88
CA SER B 350 -48.24 26.76 4.09
C SER B 350 -49.72 26.66 4.18
N PRO B 351 -50.24 26.87 5.35
CA PRO B 351 -51.61 26.57 5.62
C PRO B 351 -52.46 27.45 4.77
N GLU B 352 -53.62 26.95 4.32
CA GLU B 352 -54.47 27.75 3.50
C GLU B 352 -54.89 28.96 4.27
N THR B 353 -55.39 28.81 5.52
CA THR B 353 -55.74 27.53 6.08
C THR B 353 -57.13 27.23 5.64
N ILE B 354 -57.60 26.00 5.92
CA ILE B 354 -58.88 25.60 5.43
C ILE B 354 -59.87 26.53 6.01
N GLY B 355 -59.76 26.78 7.32
CA GLY B 355 -60.68 27.67 7.98
C GLY B 355 -60.11 29.04 7.90
N GLY B 356 -60.63 29.93 8.75
CA GLY B 356 -60.15 31.29 8.83
C GLY B 356 -60.47 32.05 7.57
N GLY B 357 -61.70 31.99 7.02
CA GLY B 357 -62.77 31.10 7.36
C GLY B 357 -63.10 31.31 8.81
N ALA B 358 -63.04 32.57 9.27
CA ALA B 358 -63.21 32.78 10.68
C ALA B 358 -64.57 32.31 11.03
N THR B 359 -64.64 31.39 12.01
CA THR B 359 -65.87 30.84 12.47
C THR B 359 -65.59 30.27 13.82
N GLY B 360 -66.59 29.62 14.42
CA GLY B 360 -66.32 28.85 15.60
C GLY B 360 -65.33 27.78 15.25
N PRO B 361 -65.56 27.05 14.18
CA PRO B 361 -64.64 26.00 13.82
C PRO B 361 -63.33 26.60 13.46
N ALA B 362 -63.29 27.93 13.27
CA ALA B 362 -62.08 28.56 12.82
C ALA B 362 -61.05 28.31 13.87
N LEU B 363 -61.44 28.38 15.15
CA LEU B 363 -60.48 28.24 16.20
C LEU B 363 -59.88 26.88 16.07
N GLU B 364 -60.70 25.86 15.79
CA GLU B 364 -60.21 24.53 15.68
C GLU B 364 -59.22 24.51 14.56
N LYS B 365 -59.56 25.20 13.46
CA LYS B 365 -58.73 25.25 12.29
C LYS B 365 -57.45 25.91 12.67
N LEU B 366 -57.53 26.92 13.55
CA LEU B 366 -56.45 27.83 13.73
C LEU B 366 -55.25 27.08 14.14
N TYR B 367 -55.39 26.13 15.10
CA TYR B 367 -54.21 25.44 15.51
C TYR B 367 -54.25 24.08 14.88
N ALA B 368 -53.54 23.91 13.75
CA ALA B 368 -53.46 22.61 13.16
C ALA B 368 -52.72 21.73 14.11
N LEU B 369 -51.59 22.24 14.64
CA LEU B 369 -50.75 21.44 15.48
C LEU B 369 -51.52 21.10 16.69
N LEU B 370 -52.20 22.10 17.27
CA LEU B 370 -52.89 21.90 18.51
C LEU B 370 -53.97 20.92 18.26
N ASP B 371 -54.63 20.99 17.09
CA ASP B 371 -55.83 20.25 16.87
C ASP B 371 -55.54 18.79 17.02
N LEU B 372 -54.39 18.33 16.48
CA LEU B 372 -54.09 16.93 16.56
C LEU B 372 -54.00 16.60 18.01
N LYS B 373 -53.37 17.49 18.78
CA LYS B 373 -53.21 17.30 20.18
C LYS B 373 -54.58 17.24 20.79
N ALA B 374 -55.48 18.10 20.31
CA ALA B 374 -56.76 18.29 20.89
C ALA B 374 -57.47 16.98 20.86
N ASN B 375 -57.31 16.24 19.76
CA ASN B 375 -57.99 14.98 19.66
C ASN B 375 -57.51 14.14 20.79
N MET B 376 -56.19 14.17 21.05
CA MET B 376 -55.64 13.38 22.12
C MET B 376 -56.26 13.88 23.38
N ALA B 377 -56.37 15.22 23.51
CA ALA B 377 -56.84 15.81 24.73
C ALA B 377 -58.22 15.31 24.96
N GLU B 378 -59.05 15.31 23.90
CA GLU B 378 -60.39 14.85 23.99
C GLU B 378 -60.33 13.40 24.33
N ARG B 379 -59.33 12.71 23.77
CA ARG B 379 -59.17 11.31 23.97
C ARG B 379 -58.97 11.09 25.43
N LYS B 380 -58.23 12.00 26.09
CA LYS B 380 -57.89 11.82 27.47
C LYS B 380 -59.16 11.73 28.26
N ILE B 381 -60.17 12.55 27.90
CA ILE B 381 -61.40 12.52 28.62
C ILE B 381 -61.95 11.14 28.49
N ARG B 382 -61.87 10.58 27.28
CA ARG B 382 -62.32 9.25 27.01
C ARG B 382 -61.49 8.32 27.83
N ALA B 383 -60.23 8.72 28.06
CA ALA B 383 -59.22 7.88 28.63
C ALA B 383 -59.67 7.43 29.97
N GLY B 384 -60.46 8.25 30.68
CA GLY B 384 -60.66 7.96 32.07
C GLY B 384 -59.95 9.01 32.85
N LEU B 385 -59.64 10.13 32.17
CA LEU B 385 -59.27 11.31 32.87
C LEU B 385 -60.45 11.62 33.72
N ARG B 386 -61.65 11.45 33.13
CA ARG B 386 -62.89 11.57 33.83
C ARG B 386 -62.87 10.51 34.88
N LEU B 387 -62.31 9.34 34.55
CA LEU B 387 -62.27 8.23 35.45
C LEU B 387 -61.51 8.69 36.66
N PHE B 388 -60.49 9.54 36.46
CA PHE B 388 -59.74 10.02 37.57
C PHE B 388 -60.72 10.71 38.47
N PHE B 389 -61.68 11.45 37.88
CA PHE B 389 -62.65 12.14 38.67
C PHE B 389 -63.33 11.10 39.52
N TRP B 390 -63.66 9.96 38.89
CA TRP B 390 -64.29 8.89 39.62
C TRP B 390 -63.35 8.49 40.71
N PHE B 391 -62.05 8.45 40.39
CA PHE B 391 -61.06 8.05 41.35
C PHE B 391 -61.15 8.99 42.49
N PHE B 392 -61.30 10.29 42.20
CA PHE B 392 -61.40 11.31 43.20
C PHE B 392 -62.58 10.95 44.02
N ALA B 393 -63.67 10.54 43.34
CA ALA B 393 -64.86 10.18 44.05
C ALA B 393 -64.50 9.04 44.95
N GLU B 394 -63.66 8.11 44.45
CA GLU B 394 -63.25 6.98 45.24
C GLU B 394 -62.52 7.49 46.44
N TYR B 395 -61.65 8.50 46.22
CA TYR B 395 -60.86 9.06 47.28
C TYR B 395 -61.84 9.57 48.25
N LEU B 396 -62.87 10.21 47.71
CA LEU B 396 -63.89 10.85 48.48
C LEU B 396 -64.54 9.79 49.30
N ARG B 397 -64.79 8.62 48.69
CA ARG B 397 -65.41 7.52 49.35
C ARG B 397 -64.51 7.11 50.46
N ASN B 398 -63.19 7.11 50.20
CA ASN B 398 -62.27 6.56 51.15
C ASN B 398 -62.38 7.34 52.41
N THR B 399 -62.38 8.68 52.31
CA THR B 399 -62.37 9.47 53.50
C THR B 399 -63.64 9.20 54.24
N GLY B 400 -64.78 9.15 53.52
CA GLY B 400 -65.99 8.84 54.22
C GLY B 400 -67.16 9.08 53.32
N LYS B 401 -68.38 8.94 53.88
CA LYS B 401 -69.60 9.12 53.16
C LYS B 401 -69.54 8.35 51.88
N GLY B 402 -69.28 7.03 51.97
CA GLY B 402 -69.28 6.34 53.22
C GLY B 402 -70.64 6.43 53.83
N ASP B 403 -71.70 5.96 53.14
CA ASP B 403 -71.58 5.41 51.82
C ASP B 403 -72.56 6.12 50.95
N PHE B 404 -72.09 7.14 50.21
CA PHE B 404 -72.94 7.81 49.27
C PHE B 404 -72.06 8.28 48.16
N ASN B 405 -72.65 8.73 47.04
CA ASN B 405 -71.84 9.35 46.04
C ASN B 405 -72.26 10.78 45.89
N PRO B 406 -71.72 11.62 46.73
CA PRO B 406 -71.88 13.04 46.66
C PRO B 406 -71.17 13.57 45.47
N ASP B 407 -70.40 12.72 44.75
CA ASP B 407 -69.51 13.22 43.74
C ASP B 407 -70.32 13.97 42.75
N LYS B 408 -71.48 13.43 42.33
CA LYS B 408 -72.33 14.22 41.50
C LYS B 408 -73.31 14.86 42.41
N GLU B 409 -73.43 16.20 42.34
CA GLU B 409 -74.40 16.84 43.18
C GLU B 409 -75.58 17.13 42.31
N LEU B 410 -76.50 16.15 42.22
CA LEU B 410 -77.79 16.28 41.63
C LEU B 410 -77.64 16.45 40.14
N THR B 411 -76.40 16.60 39.66
CA THR B 411 -76.17 16.64 38.24
C THR B 411 -74.74 16.27 38.01
N MET B 412 -74.41 15.93 36.76
CA MET B 412 -73.03 15.88 36.38
C MET B 412 -72.92 16.72 35.14
N THR B 413 -72.02 17.71 35.14
CA THR B 413 -71.86 18.49 33.95
C THR B 413 -70.39 18.64 33.70
N PHE B 414 -69.98 18.49 32.43
CA PHE B 414 -68.65 18.85 32.05
C PHE B 414 -68.79 19.72 30.85
N THR B 415 -68.00 20.81 30.79
CA THR B 415 -68.04 21.61 29.59
C THR B 415 -66.64 21.82 29.15
N ARG B 416 -66.35 21.53 27.87
CA ARG B 416 -65.10 21.95 27.31
C ARG B 416 -65.13 23.45 27.27
N THR B 417 -66.26 24.07 26.87
CA THR B 417 -67.25 23.46 26.03
C THR B 417 -66.67 23.32 24.66
N ARG B 418 -66.07 24.39 24.11
CA ARG B 418 -66.31 25.72 24.59
C ARG B 418 -67.38 26.29 23.72
N ILE B 419 -68.53 26.62 24.33
CA ILE B 419 -69.68 26.99 23.57
C ILE B 419 -69.40 28.28 22.88
N GLN B 420 -68.85 29.26 23.61
CA GLN B 420 -68.88 30.61 23.10
C GLN B 420 -67.52 31.00 22.66
N ASN B 421 -67.44 31.71 21.52
CA ASN B 421 -66.23 32.38 21.17
C ASN B 421 -66.19 33.61 22.00
N ASP B 422 -65.00 33.97 22.51
CA ASP B 422 -64.92 35.11 23.36
C ASP B 422 -65.26 36.31 22.54
N SER B 423 -64.67 36.40 21.33
CA SER B 423 -64.78 37.60 20.55
C SER B 423 -66.20 37.82 20.17
N GLU B 424 -66.85 36.77 19.65
CA GLU B 424 -68.11 36.99 18.99
C GLU B 424 -69.09 37.54 19.97
N ILE B 425 -69.15 36.93 21.18
CA ILE B 425 -70.14 37.35 22.12
C ILE B 425 -69.88 38.78 22.48
N VAL B 426 -68.60 39.10 22.74
CA VAL B 426 -68.27 40.40 23.24
C VAL B 426 -68.69 41.40 22.22
N GLN B 427 -68.38 41.13 20.94
CA GLN B 427 -68.65 42.09 19.92
C GLN B 427 -70.12 42.30 19.86
N SER B 428 -70.89 41.20 19.94
CA SER B 428 -72.32 41.30 19.81
C SER B 428 -72.82 42.14 20.93
N LEU B 429 -72.24 41.96 22.13
CA LEU B 429 -72.79 42.54 23.31
C LEU B 429 -72.79 44.02 23.16
N VAL B 430 -71.68 44.59 22.64
CA VAL B 430 -71.54 46.01 22.63
C VAL B 430 -72.67 46.57 21.83
N GLN B 431 -72.90 46.01 20.63
CA GLN B 431 -73.93 46.50 19.77
C GLN B 431 -75.23 46.30 20.47
N GLY B 432 -75.35 45.14 21.13
CA GLY B 432 -76.62 44.70 21.65
C GLY B 432 -77.11 45.68 22.65
N VAL B 433 -76.20 46.26 23.46
CA VAL B 433 -76.61 46.98 24.62
C VAL B 433 -77.51 48.11 24.20
N THR B 434 -77.15 48.83 23.12
CA THR B 434 -77.97 49.94 22.75
C THR B 434 -79.32 49.42 22.39
N GLY B 435 -79.36 48.37 21.55
CA GLY B 435 -80.61 47.88 21.02
C GLY B 435 -81.44 47.37 22.15
N GLY B 436 -80.81 46.63 23.08
CA GLY B 436 -81.53 45.97 24.12
C GLY B 436 -80.52 45.58 25.14
N ILE B 437 -80.91 44.79 26.16
CA ILE B 437 -80.01 44.60 27.24
C ILE B 437 -79.22 43.38 26.95
N MET B 438 -77.93 43.57 26.62
CA MET B 438 -77.06 42.43 26.51
C MET B 438 -75.70 42.85 26.95
N SER B 439 -74.88 41.88 27.38
CA SER B 439 -75.35 40.55 27.56
C SER B 439 -76.34 40.59 28.68
N LYS B 440 -76.00 41.30 29.77
CA LYS B 440 -74.66 41.29 30.27
C LYS B 440 -74.47 39.92 30.82
N GLU B 441 -75.55 39.42 31.46
CA GLU B 441 -75.50 38.21 32.22
C GLU B 441 -75.17 37.07 31.31
N THR B 442 -75.75 37.05 30.09
CA THR B 442 -75.86 35.83 29.34
C THR B 442 -74.52 35.22 29.12
N ALA B 443 -73.53 36.02 28.70
CA ALA B 443 -72.22 35.48 28.43
C ALA B 443 -71.73 34.93 29.72
N VAL B 444 -72.02 35.67 30.81
CA VAL B 444 -71.60 35.31 32.12
C VAL B 444 -72.19 33.98 32.44
N ALA B 445 -73.47 33.77 32.07
CA ALA B 445 -74.37 32.84 32.66
C ALA B 445 -73.80 31.46 32.53
N ARG B 446 -73.12 31.19 31.41
CA ARG B 446 -72.69 29.86 31.13
C ARG B 446 -71.82 29.41 32.25
N ASN B 447 -70.93 30.29 32.75
CA ASN B 447 -70.03 29.83 33.77
C ASN B 447 -70.83 29.38 34.96
N PRO B 448 -71.81 30.11 35.44
CA PRO B 448 -71.99 31.52 35.25
C PRO B 448 -70.90 32.24 35.96
N PHE B 449 -70.40 33.35 35.39
CA PHE B 449 -69.37 34.07 36.07
C PHE B 449 -69.96 34.58 37.35
N VAL B 450 -71.10 35.28 37.24
CA VAL B 450 -71.82 35.72 38.39
C VAL B 450 -73.25 35.83 37.97
N GLN B 451 -74.18 35.56 38.90
CA GLN B 451 -75.57 35.73 38.64
C GLN B 451 -75.83 37.21 38.53
N ASP B 452 -75.16 38.00 39.39
CA ASP B 452 -75.60 39.34 39.65
C ASP B 452 -75.64 40.11 38.37
N PRO B 453 -76.80 40.64 38.12
CA PRO B 453 -77.07 41.51 37.01
C PRO B 453 -76.33 42.79 37.19
N GLU B 454 -75.74 43.01 38.38
CA GLU B 454 -75.33 44.32 38.78
C GLU B 454 -74.38 44.86 37.76
N GLU B 455 -73.46 44.01 37.25
CA GLU B 455 -72.51 44.49 36.31
C GLU B 455 -73.27 45.00 35.14
N GLU B 456 -74.32 44.25 34.74
CA GLU B 456 -75.13 44.64 33.64
C GLU B 456 -75.80 45.92 33.99
N LEU B 457 -76.21 46.05 35.26
CA LEU B 457 -77.06 47.13 35.66
C LEU B 457 -76.36 48.42 35.39
N ALA B 458 -75.04 48.46 35.69
CA ALA B 458 -74.34 49.71 35.61
C ALA B 458 -74.44 50.20 34.21
N ARG B 459 -74.27 49.30 33.23
CA ARG B 459 -74.26 49.72 31.86
C ARG B 459 -75.59 50.35 31.57
N ILE B 460 -76.67 49.70 32.03
CA ILE B 460 -77.99 50.20 31.76
C ILE B 460 -78.13 51.52 32.44
N GLU B 461 -77.64 51.61 33.69
CA GLU B 461 -77.87 52.78 34.48
C GLU B 461 -77.27 53.93 33.76
N GLU B 462 -76.08 53.74 33.17
CA GLU B 462 -75.43 54.84 32.53
C GLU B 462 -76.31 55.33 31.44
N GLU B 463 -76.94 54.39 30.70
CA GLU B 463 -77.75 54.78 29.59
C GLU B 463 -78.86 55.62 30.11
N MET B 464 -79.50 55.18 31.21
CA MET B 464 -80.64 55.89 31.71
C MET B 464 -80.17 57.25 32.11
N ASN B 465 -79.01 57.31 32.79
CA ASN B 465 -78.52 58.56 33.29
C ASN B 465 -78.22 59.45 32.13
N GLN B 466 -77.63 58.88 31.07
CA GLN B 466 -77.09 59.69 30.03
C GLN B 466 -78.21 60.45 29.40
N TYR B 467 -77.94 61.72 29.05
CA TYR B 467 -76.69 62.30 29.44
C TYR B 467 -76.93 63.78 29.65
N GLN C 4 22.99 -7.44 -15.64
CA GLN C 4 23.81 -8.65 -15.80
C GLN C 4 24.67 -8.85 -14.60
N ARG C 5 25.99 -9.01 -14.82
CA ARG C 5 26.90 -9.21 -13.73
C ARG C 5 27.06 -7.91 -13.04
N VAL C 6 27.53 -7.96 -11.78
CA VAL C 6 27.69 -6.76 -11.00
C VAL C 6 28.67 -5.92 -11.74
N LYS C 7 29.73 -6.54 -12.27
CA LYS C 7 30.72 -5.81 -12.98
C LYS C 7 30.04 -5.16 -14.14
N ARG C 8 29.15 -5.91 -14.82
CA ARG C 8 28.48 -5.38 -15.96
C ARG C 8 27.68 -4.21 -15.52
N LEU C 9 26.99 -4.34 -14.37
CA LEU C 9 26.14 -3.28 -13.92
C LEU C 9 27.00 -2.08 -13.70
N LEU C 10 28.16 -2.28 -13.04
CA LEU C 10 29.02 -1.19 -12.72
C LEU C 10 29.51 -0.59 -14.00
N SER C 11 29.88 -1.46 -14.96
CA SER C 11 30.51 -1.00 -16.17
C SER C 11 29.54 -0.10 -16.87
N ILE C 12 28.24 -0.41 -16.74
CA ILE C 12 27.25 0.40 -17.40
C ILE C 12 27.43 1.79 -16.89
N THR C 13 27.48 2.76 -17.82
CA THR C 13 27.75 4.11 -17.44
C THR C 13 26.64 4.58 -16.58
N ASN C 14 25.39 4.31 -16.98
CA ASN C 14 24.28 4.87 -16.27
C ASN C 14 24.32 4.37 -14.87
N ASP C 15 24.50 3.04 -14.71
CA ASP C 15 24.53 2.47 -13.40
C ASP C 15 25.71 3.00 -12.69
N LYS C 16 26.85 3.07 -13.40
CA LYS C 16 28.09 3.41 -12.75
C LYS C 16 27.94 4.77 -12.17
N HIS C 17 27.43 5.72 -12.97
CA HIS C 17 27.22 7.02 -12.43
C HIS C 17 25.77 7.13 -12.10
N ASP C 18 25.44 6.93 -10.82
CA ASP C 18 24.10 7.19 -10.39
C ASP C 18 23.88 8.65 -10.55
N GLU C 19 24.91 9.44 -10.17
CA GLU C 19 24.77 10.86 -10.13
C GLU C 19 24.50 11.35 -11.52
N TYR C 20 25.24 10.83 -12.51
CA TYR C 20 25.13 11.39 -13.82
C TYR C 20 23.73 11.18 -14.29
N LEU C 21 23.22 9.95 -14.16
CA LEU C 21 21.89 9.66 -14.63
C LEU C 21 20.94 10.46 -13.81
N THR C 22 21.17 10.48 -12.49
CA THR C 22 20.22 11.06 -11.58
C THR C 22 20.10 12.51 -11.90
N GLU C 23 21.24 13.18 -12.13
CA GLU C 23 21.23 14.60 -12.34
C GLU C 23 20.52 14.90 -13.62
N MET C 24 20.80 14.12 -14.68
CA MET C 24 20.55 14.62 -16.01
C MET C 24 19.09 14.90 -16.19
N VAL C 25 18.22 13.95 -15.81
CA VAL C 25 16.83 14.16 -16.12
C VAL C 25 16.34 15.38 -15.39
N PRO C 26 16.55 15.51 -14.10
CA PRO C 26 15.89 16.55 -13.37
C PRO C 26 16.34 17.89 -13.81
N LEU C 27 17.49 18.01 -14.51
CA LEU C 27 17.93 19.33 -14.83
C LEU C 27 16.88 19.94 -15.70
N LEU C 28 16.48 19.22 -16.77
CA LEU C 28 15.45 19.69 -17.64
C LEU C 28 14.17 19.69 -16.88
N VAL C 29 13.92 18.60 -16.13
CA VAL C 29 12.63 18.34 -15.57
C VAL C 29 12.26 19.42 -14.61
N GLU C 30 13.21 19.80 -13.74
CA GLU C 30 12.86 20.51 -12.55
C GLU C 30 12.17 21.78 -12.91
N PHE C 31 12.78 22.58 -13.81
CA PHE C 31 12.29 23.91 -13.97
C PHE C 31 10.91 23.89 -14.54
N ALA C 32 10.70 23.10 -15.60
CA ALA C 32 9.56 23.30 -16.44
C ALA C 32 8.28 23.06 -15.72
N LYS C 33 8.20 21.93 -14.98
CA LYS C 33 7.05 21.10 -15.17
C LYS C 33 5.78 21.81 -14.86
N ASP C 34 5.55 22.18 -13.58
CA ASP C 34 4.27 22.79 -13.31
C ASP C 34 4.28 24.19 -13.86
N GLU C 35 5.33 24.99 -13.53
CA GLU C 35 6.26 24.69 -12.49
C GLU C 35 5.82 25.41 -11.26
N CYS C 36 5.31 24.65 -10.26
CA CYS C 36 4.95 25.17 -8.98
C CYS C 36 6.16 25.64 -8.23
N HIS C 37 7.27 24.86 -8.19
CA HIS C 37 7.49 23.61 -8.84
C HIS C 37 6.65 22.56 -8.18
N ASN C 38 6.20 21.58 -8.98
CA ASN C 38 5.69 20.38 -8.39
C ASN C 38 6.90 19.61 -8.02
N PRO C 39 7.13 19.53 -6.75
CA PRO C 39 8.49 19.49 -6.28
C PRO C 39 9.21 18.29 -6.78
N PHE C 40 8.50 17.15 -6.94
CA PHE C 40 9.05 15.89 -7.36
C PHE C 40 10.22 15.61 -6.50
N ILE C 41 10.18 16.13 -5.25
CA ILE C 41 11.27 16.01 -4.34
C ILE C 41 10.66 16.01 -2.98
N ASP C 42 11.39 15.46 -1.99
CA ASP C 42 10.92 15.58 -0.64
C ASP C 42 11.32 16.92 -0.15
N LYS C 43 10.85 17.29 1.05
CA LYS C 43 11.28 18.51 1.66
C LYS C 43 12.74 18.36 1.89
N ASP C 44 13.15 17.11 2.18
CA ASP C 44 14.53 16.81 2.42
C ASP C 44 15.27 17.20 1.17
N GLY C 45 14.61 17.04 0.01
CA GLY C 45 15.27 17.39 -1.21
C GLY C 45 15.78 16.14 -1.84
N ASN C 46 15.41 14.98 -1.27
CA ASN C 46 15.76 13.76 -1.93
C ASN C 46 15.04 13.79 -3.24
N GLU C 47 15.72 13.34 -4.32
CA GLU C 47 15.17 13.51 -5.63
C GLU C 47 14.04 12.55 -5.80
N SER C 48 13.02 12.98 -6.57
CA SER C 48 11.97 12.09 -6.97
C SER C 48 11.77 12.34 -8.43
N ILE C 49 11.19 11.36 -9.15
CA ILE C 49 11.02 11.53 -10.55
C ILE C 49 9.56 11.41 -10.85
N PRO C 50 9.11 12.24 -11.75
CA PRO C 50 7.73 12.30 -12.12
C PRO C 50 7.41 11.02 -12.78
N SER C 51 6.12 10.63 -12.83
CA SER C 51 5.77 9.37 -13.40
C SER C 51 6.18 9.40 -14.84
N GLY C 52 5.81 10.47 -15.56
CA GLY C 52 6.07 10.52 -16.97
C GLY C 52 7.55 10.49 -17.15
N VAL C 53 8.27 11.23 -16.30
CA VAL C 53 9.70 11.29 -16.41
C VAL C 53 10.22 9.91 -16.19
N LEU C 54 9.65 9.21 -15.19
CA LEU C 54 10.18 7.95 -14.78
C LEU C 54 10.11 7.00 -15.92
N ILE C 55 8.97 6.97 -16.63
CA ILE C 55 8.82 5.98 -17.66
C ILE C 55 9.86 6.21 -18.70
N PHE C 56 9.98 7.48 -19.15
CA PHE C 56 10.91 7.79 -20.20
C PHE C 56 12.28 7.50 -19.70
N VAL C 57 12.59 8.02 -18.50
CA VAL C 57 13.93 7.96 -18.00
C VAL C 57 14.31 6.52 -17.83
N ALA C 58 13.41 5.72 -17.25
CA ALA C 58 13.78 4.38 -16.93
C ALA C 58 14.11 3.66 -18.20
N LYS C 59 13.22 3.81 -19.22
CA LYS C 59 13.43 3.08 -20.43
C LYS C 59 14.68 3.56 -21.06
N ALA C 60 14.83 4.90 -21.16
CA ALA C 60 15.93 5.44 -21.89
C ALA C 60 17.20 5.02 -21.23
N ALA C 61 17.22 5.11 -19.88
CA ALA C 61 18.45 4.86 -19.20
C ALA C 61 18.83 3.44 -19.44
N GLN C 62 17.86 2.50 -19.30
CA GLN C 62 18.20 1.12 -19.44
C GLN C 62 18.62 0.88 -20.85
N PHE C 63 17.85 1.44 -21.81
CA PHE C 63 18.11 1.16 -23.19
C PHE C 63 19.47 1.68 -23.53
N TYR C 64 19.76 2.92 -23.10
CA TYR C 64 20.90 3.61 -23.63
C TYR C 64 22.12 2.81 -23.31
N MET C 65 22.23 2.35 -22.06
CA MET C 65 23.44 1.68 -21.66
C MET C 65 23.58 0.46 -22.51
N THR C 66 22.47 -0.28 -22.69
CA THR C 66 22.53 -1.49 -23.45
C THR C 66 22.94 -1.14 -24.84
N ASN C 67 22.30 -0.11 -25.40
CA ASN C 67 22.49 0.24 -26.78
C ASN C 67 23.91 0.64 -26.96
N ALA C 68 24.44 1.44 -26.01
CA ALA C 68 25.75 2.00 -26.21
C ALA C 68 26.70 0.85 -26.32
N GLY C 69 26.53 -0.16 -25.47
CA GLY C 69 27.45 -1.26 -25.47
C GLY C 69 27.73 -1.58 -24.05
N LEU C 70 28.94 -2.07 -23.76
CA LEU C 70 29.87 -2.45 -24.77
C LEU C 70 29.35 -3.65 -25.47
N THR C 71 28.68 -4.52 -24.70
CA THR C 71 28.61 -5.93 -24.99
C THR C 71 28.06 -6.21 -26.36
N GLY C 72 26.89 -5.65 -26.75
CA GLY C 72 26.30 -4.47 -26.22
C GLY C 72 26.44 -3.42 -27.27
N ARG C 73 27.36 -3.66 -28.23
CA ARG C 73 27.49 -2.76 -29.34
C ARG C 73 27.30 -3.56 -30.59
N SER C 74 26.99 -2.87 -31.70
CA SER C 74 26.60 -3.53 -32.92
C SER C 74 27.82 -4.17 -33.51
N MET C 75 27.61 -5.20 -34.35
CA MET C 75 28.70 -5.92 -34.92
C MET C 75 29.23 -5.14 -36.08
N ASP C 76 30.57 -5.11 -36.22
CA ASP C 76 31.25 -4.40 -37.26
C ASP C 76 30.97 -5.03 -38.59
N THR C 77 30.91 -6.37 -38.63
CA THR C 77 31.07 -7.09 -39.87
C THR C 77 30.03 -6.63 -40.82
N VAL C 78 28.76 -6.59 -40.36
CA VAL C 78 27.72 -6.08 -41.20
C VAL C 78 27.15 -4.92 -40.47
N SER C 79 26.43 -4.04 -41.17
CA SER C 79 25.71 -3.04 -40.43
C SER C 79 24.82 -3.82 -39.55
N TYR C 80 24.64 -3.37 -38.30
CA TYR C 80 24.11 -4.32 -37.38
C TYR C 80 22.67 -4.02 -37.19
N ASN C 81 21.82 -5.00 -37.52
CA ASN C 81 20.43 -4.81 -37.36
C ASN C 81 20.19 -4.64 -35.90
N PHE C 82 20.85 -5.45 -35.05
CA PHE C 82 20.44 -5.57 -33.69
C PHE C 82 20.52 -4.24 -33.02
N ALA C 83 21.66 -3.55 -33.15
CA ALA C 83 21.88 -2.40 -32.31
C ALA C 83 20.81 -1.39 -32.61
N THR C 84 20.56 -1.13 -33.90
CA THR C 84 19.53 -0.19 -34.21
C THR C 84 18.24 -0.79 -33.77
N GLU C 85 18.04 -2.09 -34.07
CA GLU C 85 16.76 -2.76 -34.15
C GLU C 85 16.13 -2.87 -32.81
N ILE C 86 14.79 -3.04 -32.80
CA ILE C 86 14.12 -3.22 -34.05
C ILE C 86 13.18 -2.09 -34.34
N PRO C 87 13.71 -0.99 -34.79
CA PRO C 87 14.88 -0.45 -34.16
C PRO C 87 14.41 -0.21 -32.76
N SER C 88 15.25 -0.43 -31.73
CA SER C 88 14.85 -0.30 -30.36
C SER C 88 14.65 1.15 -30.08
N THR C 89 15.48 1.99 -30.72
CA THR C 89 15.35 3.40 -30.54
C THR C 89 13.97 3.70 -31.01
N ILE C 90 13.59 3.09 -32.13
CA ILE C 90 12.26 3.19 -32.66
C ILE C 90 11.31 2.55 -31.71
N LEU C 91 11.72 1.49 -30.99
CA LEU C 91 10.79 0.89 -30.08
C LEU C 91 10.43 1.93 -29.07
N LYS C 92 11.46 2.64 -28.54
CA LYS C 92 11.23 3.63 -27.53
C LYS C 92 10.41 4.72 -28.12
N LYS C 93 10.79 5.18 -29.33
CA LYS C 93 10.11 6.27 -29.98
C LYS C 93 8.74 5.78 -30.29
N LEU C 94 7.73 6.67 -30.18
CA LEU C 94 6.37 6.29 -30.48
C LEU C 94 6.05 5.09 -29.65
N ASN C 95 6.49 5.08 -28.38
CA ASN C 95 6.57 3.89 -27.57
C ASN C 95 5.23 3.25 -27.60
N PRO C 96 5.17 1.95 -27.56
CA PRO C 96 4.08 1.28 -28.18
C PRO C 96 2.74 1.64 -27.63
N TYR C 97 2.65 2.12 -26.38
CA TYR C 97 1.34 2.52 -25.93
C TYR C 97 0.93 3.64 -26.84
N ARG C 98 1.83 4.64 -26.95
CA ARG C 98 1.91 5.63 -27.99
C ARG C 98 1.73 6.95 -27.33
N LYS C 99 2.64 7.91 -27.66
CA LYS C 99 2.59 9.25 -27.12
C LYS C 99 2.39 9.15 -25.64
N MET C 100 3.34 8.49 -24.93
CA MET C 100 3.06 7.85 -23.68
C MET C 100 2.45 8.85 -22.76
N ALA C 101 1.14 8.62 -22.50
CA ALA C 101 0.20 9.55 -21.96
C ALA C 101 -0.88 9.58 -22.98
N ARG C 102 -1.95 10.37 -22.74
CA ARG C 102 -2.84 10.60 -23.84
C ARG C 102 -3.03 12.10 -23.95
N GLN D 4 14.69 -21.38 -16.15
CA GLN D 4 15.32 -22.62 -16.66
C GLN D 4 15.79 -23.45 -15.51
N ARG D 5 17.07 -23.84 -15.54
CA ARG D 5 17.61 -24.65 -14.49
C ARG D 5 17.78 -23.78 -13.29
N VAL D 6 17.87 -24.42 -12.11
CA VAL D 6 18.00 -23.68 -10.89
C VAL D 6 19.26 -22.89 -11.01
N LYS D 7 20.32 -23.53 -11.55
CA LYS D 7 21.57 -22.85 -11.68
C LYS D 7 21.34 -21.67 -12.57
N ARG D 8 20.56 -21.87 -13.64
CA ARG D 8 20.32 -20.80 -14.57
C ARG D 8 19.62 -19.71 -13.82
N LEU D 9 18.63 -20.09 -12.99
CA LEU D 9 17.87 -19.09 -12.31
C LEU D 9 18.81 -18.32 -11.45
N LEU D 10 19.70 -19.03 -10.74
CA LEU D 10 20.60 -18.40 -9.83
C LEU D 10 21.50 -17.51 -10.63
N SER D 11 21.98 -18.02 -11.78
CA SER D 11 22.98 -17.32 -12.54
C SER D 11 22.39 -16.02 -12.95
N ILE D 12 21.07 -16.01 -13.22
CA ILE D 12 20.44 -14.80 -13.64
C ILE D 12 20.68 -13.79 -12.58
N THR D 13 21.14 -12.58 -12.98
CA THR D 13 21.50 -11.58 -12.03
C THR D 13 20.28 -11.21 -11.26
N ASN D 14 19.16 -10.98 -11.97
CA ASN D 14 18.01 -10.46 -11.31
C ASN D 14 17.59 -11.44 -10.27
N ASP D 15 17.51 -12.73 -10.65
CA ASP D 15 17.09 -13.74 -9.73
C ASP D 15 18.10 -13.82 -8.65
N LYS D 16 19.39 -13.79 -9.03
CA LYS D 16 20.44 -14.04 -8.09
C LYS D 16 20.36 -13.00 -7.03
N HIS D 17 20.24 -11.72 -7.44
CA HIS D 17 20.09 -10.71 -6.44
C HIS D 17 18.65 -10.36 -6.37
N ASP D 18 17.95 -10.94 -5.38
CA ASP D 18 16.60 -10.53 -5.15
C ASP D 18 16.67 -9.11 -4.71
N GLU D 19 17.66 -8.80 -3.86
CA GLU D 19 17.74 -7.51 -3.24
C GLU D 19 17.93 -6.49 -4.32
N TYR D 20 18.83 -6.77 -5.29
CA TYR D 20 19.16 -5.76 -6.23
C TYR D 20 17.93 -5.41 -7.00
N LEU D 21 17.22 -6.44 -7.50
CA LEU D 21 16.04 -6.19 -8.28
C LEU D 21 15.04 -5.54 -7.39
N THR D 22 14.89 -6.08 -6.16
CA THR D 22 13.84 -5.64 -5.29
C THR D 22 14.04 -4.20 -4.98
N GLU D 23 15.29 -3.81 -4.69
CA GLU D 23 15.56 -2.45 -4.29
C GLU D 23 15.28 -1.53 -5.43
N MET D 24 15.71 -1.90 -6.65
CA MET D 24 15.91 -0.91 -7.66
C MET D 24 14.61 -0.23 -7.97
N VAL D 25 13.54 -0.99 -8.20
CA VAL D 25 12.33 -0.34 -8.63
C VAL D 25 11.86 0.60 -7.58
N PRO D 26 11.73 0.19 -6.34
CA PRO D 26 11.07 1.01 -5.37
C PRO D 26 11.82 2.27 -5.12
N LEU D 27 13.13 2.34 -5.47
CA LEU D 27 13.83 3.53 -5.13
C LEU D 27 13.17 4.66 -5.84
N LEU D 28 12.97 4.51 -7.16
CA LEU D 28 12.30 5.52 -7.92
C LEU D 28 10.88 5.56 -7.48
N VAL D 29 10.27 4.37 -7.32
CA VAL D 29 8.85 4.26 -7.18
C VAL D 29 8.41 4.96 -5.94
N GLU D 30 9.13 4.74 -4.83
CA GLU D 30 8.58 5.01 -3.54
C GLU D 30 8.22 6.46 -3.44
N PHE D 31 9.18 7.35 -3.80
CA PHE D 31 8.96 8.73 -3.47
C PHE D 31 7.80 9.27 -4.24
N ALA D 32 7.77 9.00 -5.55
CA ALA D 32 6.95 9.79 -6.43
C ALA D 32 5.49 9.62 -6.12
N LYS D 33 5.04 8.37 -5.96
CA LYS D 33 3.87 7.97 -6.69
C LYS D 33 2.69 8.82 -6.34
N ASP D 34 2.18 8.73 -5.10
CA ASP D 34 1.00 9.51 -4.84
C ASP D 34 1.37 10.96 -4.73
N GLU D 35 2.40 11.29 -3.91
CA GLU D 35 2.95 10.39 -2.94
C GLU D 35 2.31 10.69 -1.62
N CYS D 36 1.44 9.77 -1.16
CA CYS D 36 0.83 9.86 0.13
C CYS D 36 1.85 9.69 1.22
N HIS D 37 2.78 8.71 1.13
CA HIS D 37 2.96 7.76 0.07
C HIS D 37 1.83 6.81 0.06
N ASN D 38 1.46 6.33 -1.14
CA ASN D 38 0.62 5.17 -1.22
C ASN D 38 1.57 4.04 -0.98
N PRO D 39 1.43 3.44 0.15
CA PRO D 39 2.58 2.89 0.80
C PRO D 39 3.21 1.82 -0.01
N PHE D 40 2.40 1.04 -0.76
CA PHE D 40 2.84 -0.06 -1.57
C PHE D 40 3.68 -0.94 -0.70
N ILE D 41 3.38 -0.93 0.60
CA ILE D 41 4.14 -1.65 1.57
C ILE D 41 3.20 -2.01 2.67
N ASP D 42 3.53 -3.05 3.45
CA ASP D 42 2.74 -3.32 4.62
C ASP D 42 3.21 -2.39 5.69
N LYS D 43 2.49 -2.39 6.82
CA LYS D 43 2.92 -1.64 7.96
C LYS D 43 4.22 -2.23 8.37
N ASP D 44 4.34 -3.55 8.18
CA ASP D 44 5.55 -4.25 8.51
C ASP D 44 6.63 -3.64 7.71
N GLY D 45 6.30 -3.18 6.48
CA GLY D 45 7.31 -2.58 5.67
C GLY D 45 7.77 -3.60 4.68
N ASN D 46 7.10 -4.75 4.63
CA ASN D 46 7.42 -5.68 3.59
C ASN D 46 7.09 -4.99 2.31
N GLU D 47 7.95 -5.16 1.29
CA GLU D 47 7.81 -4.39 0.10
C GLU D 47 6.64 -4.90 -0.67
N SER D 48 5.95 -3.98 -1.36
CA SER D 48 4.92 -4.35 -2.28
C SER D 48 5.16 -3.54 -3.51
N ILE D 49 4.65 -4.00 -4.66
CA ILE D 49 4.90 -3.28 -5.87
C ILE D 49 3.58 -2.91 -6.46
N PRO D 50 3.53 -1.73 -6.99
CA PRO D 50 2.32 -1.18 -7.55
C PRO D 50 1.99 -2.01 -8.74
N SER D 51 0.71 -2.01 -9.17
CA SER D 51 0.35 -2.84 -10.29
C SER D 51 1.13 -2.39 -11.47
N GLY D 52 1.14 -1.06 -11.73
CA GLY D 52 1.78 -0.56 -12.92
C GLY D 52 3.22 -0.90 -12.81
N VAL D 53 3.80 -0.73 -11.61
CA VAL D 53 5.20 -0.99 -11.43
C VAL D 53 5.41 -2.45 -11.71
N LEU D 54 4.49 -3.30 -11.23
CA LEU D 54 4.69 -4.71 -11.29
C LEU D 54 4.79 -5.11 -12.72
N ILE D 55 3.89 -4.59 -13.58
CA ILE D 55 3.87 -5.07 -14.92
C ILE D 55 5.18 -4.72 -15.56
N PHE D 56 5.62 -3.46 -15.41
CA PHE D 56 6.83 -3.03 -16.04
C PHE D 56 7.96 -3.81 -15.46
N VAL D 57 8.00 -3.88 -14.11
CA VAL D 57 9.13 -4.45 -13.45
C VAL D 57 9.22 -5.89 -13.84
N ALA D 58 8.08 -6.60 -13.82
CA ALA D 58 8.13 -8.02 -14.04
C ALA D 58 8.68 -8.26 -15.41
N LYS D 59 8.13 -7.54 -16.41
CA LYS D 59 8.55 -7.79 -17.75
C LYS D 59 9.99 -7.43 -17.88
N ALA D 60 10.36 -6.25 -17.37
CA ALA D 60 11.69 -5.76 -17.60
C ALA D 60 12.64 -6.70 -16.95
N ALA D 61 12.32 -7.13 -15.71
CA ALA D 61 13.25 -7.93 -14.99
C ALA D 61 13.47 -9.20 -15.74
N GLN D 62 12.36 -9.83 -16.19
CA GLN D 62 12.50 -11.11 -16.82
C GLN D 62 13.24 -10.91 -18.10
N PHE D 63 12.87 -9.86 -18.85
CA PHE D 63 13.45 -9.67 -20.15
C PHE D 63 14.90 -9.41 -19.99
N TYR D 64 15.26 -8.54 -19.03
CA TYR D 64 16.59 -8.01 -19.00
C TYR D 64 17.54 -9.15 -18.82
N MET D 65 17.24 -10.05 -17.88
CA MET D 65 18.17 -11.11 -17.59
C MET D 65 18.34 -11.92 -18.83
N THR D 66 17.23 -12.23 -19.51
CA THR D 66 17.30 -13.05 -20.68
C THR D 66 18.12 -12.33 -21.70
N ASN D 67 17.83 -11.03 -21.88
CA ASN D 67 18.44 -10.26 -22.93
C ASN D 67 19.90 -10.19 -22.65
N ALA D 68 20.27 -9.96 -21.38
CA ALA D 68 21.65 -9.73 -21.07
C ALA D 68 22.41 -10.94 -21.48
N GLY D 69 21.85 -12.13 -21.18
CA GLY D 69 22.56 -13.33 -21.48
C GLY D 69 22.38 -14.22 -20.30
N LEU D 70 23.39 -15.07 -20.02
CA LEU D 70 24.49 -15.27 -20.90
C LEU D 70 23.99 -15.96 -22.12
N THR D 71 23.00 -16.85 -21.94
CA THR D 71 22.80 -17.98 -22.80
C THR D 71 22.61 -17.58 -24.24
N GLY D 72 21.69 -16.64 -24.56
CA GLY D 72 21.16 -15.63 -23.70
C GLY D 72 21.75 -14.35 -24.17
N ARG D 73 22.85 -14.44 -24.95
CA ARG D 73 23.41 -13.25 -25.53
C ARG D 73 23.44 -13.45 -27.02
N SER D 74 23.56 -12.35 -27.77
CA SER D 74 23.42 -12.39 -29.20
C SER D 74 24.64 -13.06 -29.76
N MET D 75 24.50 -13.61 -30.99
CA MET D 75 25.58 -14.31 -31.60
C MET D 75 26.52 -13.31 -32.20
N ASP D 76 27.83 -13.59 -32.07
CA ASP D 76 28.87 -12.73 -32.57
C ASP D 76 28.87 -12.73 -34.06
N THR D 77 28.61 -13.90 -34.67
CA THR D 77 28.99 -14.12 -36.04
C THR D 77 28.33 -13.10 -36.90
N VAL D 78 27.01 -12.91 -36.70
CA VAL D 78 26.33 -11.88 -37.43
C VAL D 78 25.77 -10.98 -36.38
N SER D 79 25.41 -9.75 -36.77
CA SER D 79 24.69 -8.94 -35.83
C SER D 79 23.48 -9.74 -35.53
N TYR D 80 23.03 -9.77 -34.27
CA TYR D 80 22.13 -10.82 -33.96
C TYR D 80 20.77 -10.25 -33.93
N ASN D 81 19.89 -10.79 -34.80
CA ASN D 81 18.56 -10.32 -34.82
C ASN D 81 17.96 -10.65 -33.50
N PHE D 82 18.23 -11.87 -32.97
CA PHE D 82 17.45 -12.37 -31.88
C PHE D 82 17.55 -11.46 -30.71
N ALA D 83 18.78 -11.07 -30.32
CA ALA D 83 18.94 -10.41 -29.06
C ALA D 83 18.17 -9.13 -29.09
N THR D 84 18.32 -8.35 -30.18
CA THR D 84 17.56 -7.14 -30.26
C THR D 84 16.12 -7.52 -30.34
N GLU D 85 15.81 -8.52 -31.20
CA GLU D 85 14.52 -8.76 -31.80
C GLU D 85 13.54 -9.20 -30.76
N ILE D 86 12.25 -9.02 -31.07
CA ILE D 86 11.92 -8.54 -32.38
C ILE D 86 11.28 -7.19 -32.34
N PRO D 87 12.08 -6.17 -32.17
CA PRO D 87 13.09 -6.22 -31.18
C PRO D 87 12.31 -6.41 -29.92
N SER D 88 12.79 -7.20 -28.93
CA SER D 88 12.06 -7.49 -27.74
C SER D 88 12.03 -6.24 -26.91
N THR D 89 13.12 -5.46 -26.98
CA THR D 89 13.16 -4.23 -26.25
C THR D 89 12.03 -3.44 -26.79
N ILE D 90 11.88 -3.47 -28.12
CA ILE D 90 10.77 -2.86 -28.79
C ILE D 90 9.51 -3.55 -28.39
N LEU D 91 9.54 -4.86 -28.12
CA LEU D 91 8.31 -5.50 -27.74
C LEU D 91 7.86 -4.85 -26.47
N LYS D 92 8.80 -4.67 -25.52
CA LYS D 92 8.47 -4.10 -24.24
C LYS D 92 8.02 -2.70 -24.46
N LYS D 93 8.79 -1.94 -25.26
CA LYS D 93 8.48 -0.56 -25.51
C LYS D 93 7.18 -0.53 -26.25
N LEU D 94 6.34 0.48 -25.97
CA LEU D 94 5.07 0.59 -26.64
C LEU D 94 4.35 -0.71 -26.47
N ASN D 95 4.43 -1.30 -25.26
CA ASN D 95 4.10 -2.68 -25.03
C ASN D 95 2.73 -2.91 -25.57
N PRO D 96 2.46 -4.07 -26.09
CA PRO D 96 1.49 -4.16 -27.13
C PRO D 96 0.12 -3.71 -26.73
N TYR D 97 -0.23 -3.72 -25.43
CA TYR D 97 -1.53 -3.19 -25.11
C TYR D 97 -1.51 -1.76 -25.52
N ARG D 98 -0.46 -1.05 -25.04
CA ARG D 98 0.05 0.20 -25.53
C ARG D 98 -0.08 1.19 -24.42
N LYS D 99 1.00 1.93 -24.14
CA LYS D 99 1.03 2.94 -23.11
C LYS D 99 0.42 2.36 -21.88
N MET D 100 1.03 1.27 -21.35
CA MET D 100 0.32 0.30 -20.55
C MET D 100 -0.35 1.00 -19.43
N ALA D 101 -1.70 1.04 -19.54
CA ALA D 101 -2.60 1.91 -18.84
C ALA D 101 -3.34 2.58 -19.93
N ARG D 102 -4.30 3.46 -19.59
CA ARG D 102 -4.81 4.30 -20.63
C ARG D 102 -4.72 5.73 -20.13
N MET E 1 23.66 -11.46 -15.37
CA MET E 1 23.10 -12.49 -15.61
C MET E 1 24.15 -12.72 -14.59
N TYR E 2 25.40 -12.97 -15.06
CA TYR E 2 26.37 -13.71 -14.31
C TYR E 2 26.56 -13.05 -12.98
N GLU E 3 26.74 -11.72 -13.00
CA GLU E 3 27.02 -11.02 -11.79
C GLU E 3 28.45 -11.29 -11.46
N GLU E 4 28.93 -10.75 -10.33
CA GLU E 4 30.30 -10.96 -9.96
C GLU E 4 30.49 -12.43 -9.91
N PHE E 5 31.54 -12.92 -10.60
CA PHE E 5 31.68 -14.34 -10.77
C PHE E 5 32.82 -14.75 -9.93
N ARG E 6 32.71 -15.95 -9.32
CA ARG E 6 33.79 -16.41 -8.52
C ARG E 6 34.60 -17.30 -9.41
N ASP E 7 35.86 -16.91 -9.66
CA ASP E 7 36.72 -17.77 -10.41
C ASP E 7 37.62 -18.42 -9.42
N VAL E 8 37.30 -19.66 -9.03
CA VAL E 8 38.09 -20.33 -8.05
C VAL E 8 39.45 -20.49 -8.62
N ILE E 9 39.52 -20.90 -9.90
CA ILE E 9 40.78 -21.16 -10.52
C ILE E 9 41.33 -19.87 -11.03
N THR E 10 42.64 -19.65 -10.81
CA THR E 10 43.27 -18.46 -11.26
C THR E 10 44.01 -18.80 -12.50
N PHE E 11 44.13 -17.83 -13.42
CA PHE E 11 44.69 -18.14 -14.69
C PHE E 11 46.13 -18.49 -14.47
N GLN E 12 46.59 -19.60 -15.07
CA GLN E 12 47.98 -19.93 -15.02
C GLN E 12 48.40 -20.13 -16.43
N SER E 13 49.63 -19.71 -16.77
CA SER E 13 50.06 -19.82 -18.13
C SER E 13 51.27 -20.70 -18.16
N TYR E 14 51.48 -21.37 -19.30
CA TYR E 14 52.66 -22.16 -19.49
C TYR E 14 53.37 -21.55 -20.65
N VAL E 15 54.65 -21.19 -20.45
CA VAL E 15 55.38 -20.57 -21.52
C VAL E 15 56.78 -21.06 -21.47
N GLU E 16 57.49 -20.98 -22.61
CA GLU E 16 58.89 -21.27 -22.66
C GLU E 16 59.10 -22.74 -22.44
N GLN E 17 60.14 -23.28 -23.09
CA GLN E 17 60.53 -24.65 -22.87
C GLN E 17 61.97 -24.61 -22.50
N SER E 18 62.46 -25.68 -21.85
CA SER E 18 63.85 -25.69 -21.48
C SER E 18 64.52 -26.69 -22.36
N ASN E 19 65.74 -26.36 -22.83
CA ASN E 19 66.46 -27.27 -23.67
C ASN E 19 67.86 -27.31 -23.17
N GLY E 20 68.59 -28.39 -23.52
CA GLY E 20 69.97 -28.48 -23.17
C GLY E 20 70.06 -29.09 -21.82
N GLU E 21 68.90 -29.34 -21.19
CA GLU E 21 68.91 -29.98 -19.91
C GLU E 21 68.31 -31.33 -20.09
N GLY E 22 68.79 -32.32 -19.32
CA GLY E 22 68.22 -33.62 -19.45
C GLY E 22 66.79 -33.50 -19.05
N GLY E 23 66.54 -32.78 -17.96
CA GLY E 23 65.19 -32.51 -17.56
C GLY E 23 64.76 -31.29 -18.32
N LYS E 24 63.47 -30.93 -18.19
CA LYS E 24 63.03 -29.72 -18.79
C LYS E 24 62.64 -28.80 -17.68
N THR E 25 62.85 -27.48 -17.88
CA THR E 25 62.45 -26.56 -16.86
C THR E 25 61.35 -25.74 -17.44
N TYR E 26 60.26 -25.57 -16.68
CA TYR E 26 59.17 -24.76 -17.17
C TYR E 26 58.84 -23.79 -16.09
N LYS E 27 58.41 -22.58 -16.50
CA LYS E 27 57.96 -21.63 -15.53
C LYS E 27 56.52 -21.37 -15.83
N TRP E 28 55.68 -21.34 -14.77
CA TRP E 28 54.31 -20.99 -14.98
C TRP E 28 54.03 -19.85 -14.05
N VAL E 29 53.21 -18.89 -14.51
CA VAL E 29 52.84 -17.81 -13.66
C VAL E 29 51.35 -17.70 -13.72
N ASP E 30 50.72 -17.29 -12.61
CA ASP E 30 49.33 -17.00 -12.68
C ASP E 30 49.23 -15.56 -13.00
N GLU E 31 48.67 -15.24 -14.18
CA GLU E 31 48.62 -13.86 -14.58
C GLU E 31 47.76 -13.16 -13.59
N PHE E 32 46.59 -13.74 -13.31
CA PHE E 32 45.73 -13.20 -12.30
C PHE E 32 44.56 -14.13 -12.21
N THR E 33 43.64 -13.88 -11.25
CA THR E 33 42.45 -14.67 -11.23
C THR E 33 41.30 -13.75 -11.49
N ALA E 34 40.42 -14.14 -12.44
CA ALA E 34 39.22 -13.40 -12.65
C ALA E 34 38.29 -14.27 -13.42
N ALA E 35 36.98 -13.97 -13.35
CA ALA E 35 36.02 -14.69 -14.13
C ALA E 35 36.10 -14.15 -15.52
N ALA E 36 35.74 -14.97 -16.52
CA ALA E 36 35.77 -14.48 -17.86
C ALA E 36 34.61 -15.03 -18.60
N HIS E 37 34.16 -14.31 -19.64
CA HIS E 37 33.07 -14.74 -20.47
C HIS E 37 33.59 -14.69 -21.86
N VAL E 38 33.35 -15.77 -22.64
CA VAL E 38 33.78 -15.77 -24.00
C VAL E 38 32.75 -16.51 -24.80
N GLN E 39 32.47 -16.08 -26.03
CA GLN E 39 31.61 -16.85 -26.89
C GLN E 39 32.50 -17.60 -27.82
N PRO E 40 32.21 -18.83 -28.12
CA PRO E 40 33.05 -19.61 -28.96
C PRO E 40 33.06 -18.91 -30.28
N ILE E 41 34.18 -18.97 -31.01
CA ILE E 41 34.12 -18.52 -32.36
C ILE E 41 33.16 -19.46 -33.01
N SER E 42 33.33 -20.76 -32.71
CA SER E 42 32.48 -21.79 -33.21
C SER E 42 32.49 -21.67 -34.69
N GLN E 43 33.62 -21.16 -35.23
CA GLN E 43 33.76 -21.00 -36.63
C GLN E 43 32.73 -20.04 -37.11
N GLU E 44 32.84 -19.63 -38.39
CA GLU E 44 31.88 -18.75 -38.97
C GLU E 44 30.57 -19.45 -38.93
N GLU E 45 30.61 -20.75 -39.24
CA GLU E 45 29.42 -21.51 -39.39
C GLU E 45 28.59 -20.88 -40.46
N TYR E 46 29.21 -20.18 -41.43
CA TYR E 46 28.81 -20.42 -42.79
C TYR E 46 29.44 -21.71 -43.19
N TYR E 47 30.69 -21.91 -42.74
CA TYR E 47 31.49 -23.05 -43.08
C TYR E 47 31.67 -23.10 -44.55
N LYS E 48 31.88 -21.94 -45.21
CA LYS E 48 31.98 -22.02 -46.63
C LYS E 48 33.17 -22.86 -47.00
N ALA E 49 34.41 -22.47 -46.65
CA ALA E 49 35.44 -23.47 -46.67
C ALA E 49 35.28 -24.35 -45.47
N GLN E 50 35.11 -23.70 -44.30
CA GLN E 50 34.93 -24.31 -43.01
C GLN E 50 36.12 -25.14 -42.63
N GLN E 51 37.28 -24.95 -43.28
CA GLN E 51 38.41 -25.74 -42.88
C GLN E 51 38.71 -25.35 -41.46
N LEU E 52 38.58 -24.05 -41.19
CA LEU E 52 38.72 -23.43 -39.90
C LEU E 52 37.33 -23.33 -39.35
N GLN E 53 37.08 -22.62 -38.22
CA GLN E 53 38.06 -21.90 -37.46
C GLN E 53 38.22 -22.61 -36.17
N THR E 54 39.48 -22.72 -35.73
CA THR E 54 39.70 -23.36 -34.47
C THR E 54 40.52 -22.42 -33.66
N PRO E 55 40.01 -22.06 -32.52
CA PRO E 55 40.62 -21.02 -31.77
C PRO E 55 42.00 -21.45 -31.39
N ILE E 56 42.95 -20.52 -31.36
CA ILE E 56 42.72 -19.12 -31.58
C ILE E 56 42.31 -18.90 -32.99
N GLY E 57 41.48 -17.87 -33.23
CA GLY E 57 41.14 -16.93 -32.19
C GLY E 57 39.88 -17.37 -31.51
N TYR E 58 39.52 -16.63 -30.44
CA TYR E 58 38.34 -16.90 -29.67
C TYR E 58 37.58 -15.61 -29.68
N ASN E 59 36.27 -15.61 -29.41
CA ASN E 59 35.63 -14.34 -29.33
C ASN E 59 35.17 -14.16 -27.91
N ILE E 60 35.85 -13.32 -27.12
CA ILE E 60 35.60 -13.33 -25.71
C ILE E 60 35.05 -12.00 -25.29
N TYR E 61 34.02 -12.01 -24.44
CA TYR E 61 33.55 -10.79 -23.85
C TYR E 61 33.56 -10.96 -22.37
N THR E 62 34.50 -10.28 -21.66
CA THR E 62 34.55 -10.45 -20.24
C THR E 62 34.65 -9.11 -19.59
N PRO E 63 33.70 -8.79 -18.76
CA PRO E 63 33.58 -7.46 -18.23
C PRO E 63 34.71 -7.11 -17.31
N TYR E 64 35.27 -5.90 -17.48
CA TYR E 64 36.24 -5.31 -16.59
C TYR E 64 37.28 -6.33 -16.26
N ASP E 65 37.63 -7.19 -17.22
CA ASP E 65 38.70 -8.10 -16.97
C ASP E 65 39.77 -7.80 -17.95
N ASP E 66 40.74 -6.97 -17.55
CA ASP E 66 41.82 -6.77 -18.46
C ASP E 66 42.49 -8.08 -18.62
N ARG E 67 42.84 -8.73 -17.49
CA ARG E 67 43.97 -9.60 -17.44
C ARG E 67 43.84 -10.81 -18.33
N ILE E 68 42.62 -11.37 -18.50
CA ILE E 68 42.48 -12.78 -18.75
C ILE E 68 43.24 -13.21 -19.97
N ASP E 69 43.17 -12.45 -21.08
CA ASP E 69 43.56 -12.98 -22.36
C ASP E 69 45.05 -13.04 -22.46
N LYS E 70 45.56 -13.38 -23.67
CA LYS E 70 46.86 -13.99 -23.78
C LYS E 70 47.93 -12.99 -23.52
N LYS E 71 49.18 -13.51 -23.53
CA LYS E 71 50.30 -13.01 -22.78
C LYS E 71 49.89 -13.09 -21.35
N MET E 72 48.92 -13.99 -21.11
CA MET E 72 48.37 -14.40 -19.88
C MET E 72 47.60 -15.61 -20.30
N ARG E 73 47.65 -16.71 -19.55
CA ARG E 73 46.93 -17.82 -20.05
C ARG E 73 45.52 -17.65 -19.65
N VAL E 74 44.58 -18.22 -20.42
CA VAL E 74 43.21 -18.12 -20.04
C VAL E 74 42.88 -19.35 -19.28
N ILE E 75 42.40 -19.17 -18.03
CA ILE E 75 41.93 -20.32 -17.32
C ILE E 75 40.53 -20.02 -16.92
N TYR E 76 39.61 -20.94 -17.24
CA TYR E 76 38.29 -20.79 -16.73
C TYR E 76 38.03 -21.99 -15.89
N ARG E 77 37.81 -21.76 -14.58
CA ARG E 77 37.55 -22.82 -13.66
C ARG E 77 38.61 -23.86 -13.80
N GLY E 78 39.86 -23.43 -14.05
CA GLY E 78 40.96 -24.33 -13.96
C GLY E 78 41.27 -24.88 -15.32
N LYS E 79 40.42 -24.63 -16.33
CA LYS E 79 40.78 -25.11 -17.62
C LYS E 79 41.85 -24.20 -18.14
N ILE E 80 42.86 -24.76 -18.82
CA ILE E 80 43.94 -23.94 -19.29
C ILE E 80 44.04 -24.10 -20.77
N VAL E 81 44.15 -22.96 -21.49
CA VAL E 81 44.43 -23.00 -22.90
C VAL E 81 45.13 -21.71 -23.20
N THR E 82 45.88 -21.66 -24.31
CA THR E 82 46.59 -20.46 -24.65
C THR E 82 45.93 -19.90 -25.87
N PHE E 83 46.04 -18.57 -26.06
CA PHE E 83 45.29 -17.94 -27.11
C PHE E 83 46.09 -16.80 -27.70
N ILE E 84 45.48 -16.14 -28.71
CA ILE E 84 46.06 -15.06 -29.45
C ILE E 84 44.96 -14.09 -29.70
N GLY E 85 45.11 -13.22 -30.72
CA GLY E 85 44.05 -12.29 -30.99
C GLY E 85 44.12 -11.23 -29.95
N ASP E 86 45.24 -10.49 -29.97
CA ASP E 86 45.57 -9.53 -28.96
C ASP E 86 44.41 -8.61 -28.81
N PRO E 87 44.28 -8.18 -27.59
CA PRO E 87 43.00 -8.05 -26.99
C PRO E 87 42.29 -6.86 -27.47
N VAL E 88 40.96 -6.87 -27.27
CA VAL E 88 40.16 -5.90 -27.93
C VAL E 88 38.96 -5.73 -27.07
N ASP E 89 38.47 -4.49 -26.87
CA ASP E 89 37.27 -4.44 -26.12
C ASP E 89 36.12 -4.62 -27.05
N LEU E 90 35.83 -5.89 -27.41
CA LEU E 90 34.97 -6.15 -28.52
C LEU E 90 33.67 -5.51 -28.23
N SER E 91 33.07 -5.92 -27.10
CA SER E 91 31.86 -5.31 -26.70
C SER E 91 31.49 -5.91 -25.40
N GLY E 92 31.19 -5.04 -24.42
CA GLY E 92 30.73 -5.46 -23.14
C GLY E 92 30.62 -4.20 -22.37
N LEU E 93 29.69 -4.16 -21.42
CA LEU E 93 29.40 -2.90 -20.80
C LEU E 93 30.65 -2.47 -20.10
N GLN E 94 31.24 -3.38 -19.30
CA GLN E 94 32.46 -3.05 -18.65
C GLN E 94 33.53 -3.65 -19.48
N GLU E 95 34.71 -3.02 -19.52
CA GLU E 95 35.64 -3.23 -20.58
C GLU E 95 35.97 -4.68 -20.67
N ILE E 96 35.66 -5.28 -21.82
CA ILE E 96 35.87 -6.69 -21.98
C ILE E 96 36.77 -6.86 -23.14
N THR E 97 37.78 -7.75 -23.02
CA THR E 97 38.60 -8.01 -24.16
C THR E 97 38.05 -9.20 -24.88
N ARG E 98 38.30 -9.26 -26.20
CA ARG E 98 37.84 -10.31 -27.05
C ARG E 98 39.01 -10.66 -27.91
N ILE E 99 38.86 -11.70 -28.75
CA ILE E 99 39.95 -12.02 -29.61
C ILE E 99 39.41 -12.02 -31.00
N LYS E 100 40.23 -11.59 -31.98
CA LYS E 100 39.76 -11.66 -33.33
C LYS E 100 40.67 -12.55 -34.09
N GLY E 101 40.10 -13.27 -35.08
CA GLY E 101 40.89 -13.84 -36.12
C GLY E 101 41.39 -15.19 -35.74
N LYS E 102 42.14 -15.81 -36.68
CA LYS E 102 42.70 -17.11 -36.51
C LYS E 102 44.18 -16.99 -36.66
N GLU E 103 44.94 -17.89 -36.00
CA GLU E 103 46.36 -17.87 -36.11
C GLU E 103 46.74 -18.51 -37.42
N ASP E 104 47.92 -18.13 -37.93
CA ASP E 104 48.49 -18.74 -39.11
C ASP E 104 47.67 -18.38 -40.31
N GLY E 105 48.33 -17.91 -41.38
CA GLY E 105 47.61 -17.70 -42.59
C GLY E 105 47.27 -19.05 -43.12
N ALA E 106 45.98 -19.30 -43.39
CA ALA E 106 45.57 -20.53 -43.98
C ALA E 106 46.16 -20.59 -45.35
N TYR E 107 46.16 -19.44 -46.05
CA TYR E 107 46.77 -19.41 -47.34
C TYR E 107 48.19 -19.82 -47.13
N VAL E 108 48.64 -20.82 -47.90
CA VAL E 108 49.93 -21.39 -47.61
C VAL E 108 50.75 -21.27 -48.85
N GLY E 109 52.08 -21.22 -48.66
CA GLY E 109 52.96 -21.12 -49.78
C GLY E 109 52.66 -22.30 -50.69
N MET F 1 16.15 -25.10 -17.43
CA MET F 1 14.82 -25.69 -17.30
C MET F 1 15.06 -27.06 -16.79
N TYR F 2 16.34 -27.46 -16.88
CA TYR F 2 16.82 -28.73 -16.44
C TYR F 2 16.65 -28.79 -14.96
N GLU F 3 17.00 -27.68 -14.26
CA GLU F 3 17.01 -27.69 -12.83
C GLU F 3 18.23 -28.43 -12.40
N GLU F 4 18.31 -28.83 -11.12
CA GLU F 4 19.49 -29.46 -10.62
C GLU F 4 19.77 -30.66 -11.47
N PHE F 5 21.05 -30.88 -11.80
CA PHE F 5 21.39 -31.88 -12.77
C PHE F 5 22.85 -32.16 -12.64
N ARG F 6 23.43 -33.01 -13.52
CA ARG F 6 22.72 -33.99 -14.29
C ARG F 6 22.18 -35.07 -13.40
N ASP F 7 23.05 -35.63 -12.53
CA ASP F 7 22.72 -36.84 -11.85
C ASP F 7 24.02 -37.44 -11.44
N VAL F 8 24.07 -38.79 -11.35
CA VAL F 8 25.34 -39.42 -11.14
C VAL F 8 25.92 -39.70 -12.48
N ILE F 9 27.04 -39.04 -12.81
CA ILE F 9 27.68 -39.23 -14.07
C ILE F 9 29.13 -39.40 -13.81
N THR F 10 29.83 -40.16 -14.67
CA THR F 10 31.24 -40.34 -14.44
C THR F 10 31.96 -39.74 -15.60
N PHE F 11 33.16 -39.19 -15.35
CA PHE F 11 33.94 -38.62 -16.40
C PHE F 11 35.27 -39.29 -16.39
N GLN F 12 35.90 -39.40 -17.58
CA GLN F 12 37.22 -39.96 -17.66
C GLN F 12 38.07 -38.91 -18.28
N SER F 13 39.37 -38.86 -17.93
CA SER F 13 40.17 -37.84 -18.56
C SER F 13 41.29 -38.54 -19.25
N TYR F 14 41.73 -37.98 -20.40
CA TYR F 14 42.83 -38.58 -21.11
C TYR F 14 43.93 -37.59 -21.09
N VAL F 15 45.11 -38.01 -20.58
CA VAL F 15 46.23 -37.14 -20.59
C VAL F 15 47.43 -37.95 -20.95
N GLU F 16 48.44 -37.29 -21.55
CA GLU F 16 49.69 -37.93 -21.83
C GLU F 16 49.49 -38.97 -22.88
N GLN F 17 50.55 -39.21 -23.66
CA GLN F 17 50.53 -40.28 -24.62
C GLN F 17 51.71 -41.14 -24.30
N SER F 18 51.69 -42.40 -24.78
CA SER F 18 52.80 -43.27 -24.50
C SER F 18 53.59 -43.39 -25.76
N ASN F 19 54.92 -43.40 -25.64
CA ASN F 19 55.74 -43.53 -26.80
C ASN F 19 56.78 -44.57 -26.52
N GLY F 20 57.36 -45.13 -27.60
CA GLY F 20 58.43 -46.06 -27.43
C GLY F 20 57.83 -47.42 -27.27
N GLU F 21 56.49 -47.49 -27.23
CA GLU F 21 55.85 -48.76 -27.13
C GLU F 21 55.12 -48.99 -28.41
N GLY F 22 55.09 -50.25 -28.87
CA GLY F 22 54.39 -50.53 -30.09
C GLY F 22 52.95 -50.18 -29.84
N GLY F 23 52.44 -50.59 -28.67
CA GLY F 23 51.09 -50.25 -28.34
C GLY F 23 51.13 -48.89 -27.72
N LYS F 24 49.94 -48.32 -27.45
CA LYS F 24 49.90 -47.06 -26.78
C LYS F 24 49.31 -47.31 -25.43
N THR F 25 49.80 -46.58 -24.41
CA THR F 25 49.23 -46.73 -23.11
C THR F 25 48.66 -45.39 -22.75
N TYR F 26 47.44 -45.40 -22.19
CA TYR F 26 46.84 -44.17 -21.77
C TYR F 26 46.39 -44.33 -20.36
N LYS F 27 46.50 -43.25 -19.57
CA LYS F 27 45.99 -43.30 -18.23
C LYS F 27 44.87 -42.33 -18.18
N TRP F 28 43.80 -42.66 -17.44
CA TRP F 28 42.69 -41.76 -17.35
C TRP F 28 42.31 -41.64 -15.91
N VAL F 29 41.82 -40.45 -15.52
CA VAL F 29 41.40 -40.26 -14.18
C VAL F 29 39.99 -39.78 -14.23
N ASP F 30 39.22 -40.03 -13.16
CA ASP F 30 37.85 -39.61 -13.14
C ASP F 30 37.84 -38.13 -12.96
N GLU F 31 36.71 -37.50 -13.32
CA GLU F 31 36.59 -36.08 -13.19
C GLU F 31 35.45 -35.85 -12.26
N PHE F 32 35.34 -34.62 -11.73
CA PHE F 32 34.25 -34.34 -10.84
C PHE F 32 33.01 -34.53 -11.63
N THR F 33 31.93 -34.94 -10.95
CA THR F 33 30.76 -35.29 -11.69
C THR F 33 29.87 -34.10 -11.69
N ALA F 34 29.48 -33.65 -12.90
CA ALA F 34 28.64 -32.49 -13.02
C ALA F 34 27.87 -32.65 -14.28
N ALA F 35 26.79 -31.88 -14.43
CA ALA F 35 26.04 -31.96 -15.64
C ALA F 35 26.90 -31.39 -16.72
N ALA F 36 26.82 -31.95 -17.93
CA ALA F 36 27.47 -31.31 -19.03
C ALA F 36 26.45 -31.18 -20.09
N HIS F 37 26.31 -29.98 -20.67
CA HIS F 37 25.38 -29.82 -21.74
C HIS F 37 26.12 -29.08 -22.81
N VAL F 38 25.85 -29.43 -24.08
CA VAL F 38 26.65 -28.99 -25.17
C VAL F 38 25.71 -28.85 -26.32
N GLN F 39 25.87 -27.85 -27.20
CA GLN F 39 24.95 -27.85 -28.29
C GLN F 39 25.72 -28.04 -29.56
N PRO F 40 25.32 -29.02 -30.31
CA PRO F 40 25.86 -29.27 -31.61
C PRO F 40 25.57 -28.09 -32.45
N ILE F 41 26.62 -27.52 -33.07
CA ILE F 41 26.43 -26.66 -34.17
C ILE F 41 25.84 -27.55 -35.21
N SER F 42 26.42 -28.76 -35.34
CA SER F 42 26.10 -29.66 -36.41
C SER F 42 26.37 -28.88 -37.65
N GLN F 43 27.34 -27.96 -37.56
CA GLN F 43 27.56 -26.95 -38.54
C GLN F 43 26.28 -26.19 -38.79
N GLU F 44 26.40 -25.09 -39.55
CA GLU F 44 25.26 -24.29 -39.84
C GLU F 44 24.31 -25.12 -40.62
N GLU F 45 24.86 -26.09 -41.39
CA GLU F 45 24.08 -26.81 -42.34
C GLU F 45 23.75 -25.87 -43.44
N TYR F 46 24.55 -24.79 -43.54
CA TYR F 46 24.88 -24.32 -44.84
C TYR F 46 25.75 -25.38 -45.42
N TYR F 47 26.79 -25.78 -44.63
CA TYR F 47 27.78 -26.72 -45.06
C TYR F 47 28.20 -26.34 -46.45
N LYS F 48 28.71 -25.11 -46.66
CA LYS F 48 29.00 -24.78 -48.03
C LYS F 48 30.06 -25.72 -48.50
N ALA F 49 31.18 -25.77 -47.79
CA ALA F 49 32.18 -26.74 -48.13
C ALA F 49 31.60 -28.06 -47.81
N GLN F 50 30.91 -28.11 -46.66
CA GLN F 50 30.18 -29.23 -46.14
C GLN F 50 31.11 -30.38 -45.93
N GLN F 51 32.42 -30.14 -46.10
CA GLN F 51 33.41 -31.17 -46.01
C GLN F 51 33.43 -31.67 -44.59
N LEU F 52 33.42 -30.74 -43.63
CA LEU F 52 33.61 -31.12 -42.26
C LEU F 52 32.77 -30.23 -41.41
N GLN F 53 32.75 -30.44 -40.08
CA GLN F 53 33.46 -31.50 -39.42
C GLN F 53 32.61 -31.95 -38.28
N THR F 54 33.08 -32.97 -37.54
CA THR F 54 32.52 -33.24 -36.25
C THR F 54 33.33 -32.44 -35.30
N PRO F 55 32.67 -31.64 -34.53
CA PRO F 55 33.33 -30.78 -33.60
C PRO F 55 34.05 -31.65 -32.64
N ILE F 56 35.28 -31.27 -32.26
CA ILE F 56 36.08 -32.14 -31.45
C ILE F 56 35.46 -32.34 -30.09
N GLY F 57 35.12 -31.26 -29.35
CA GLY F 57 35.04 -29.92 -29.83
C GLY F 57 33.61 -29.62 -30.08
N TYR F 58 32.72 -30.49 -29.58
CA TYR F 58 31.32 -30.22 -29.69
C TYR F 58 31.04 -29.06 -28.79
N ASN F 59 30.57 -27.93 -29.37
CA ASN F 59 30.48 -26.69 -28.67
C ASN F 59 29.46 -26.84 -27.59
N ILE F 60 29.89 -26.56 -26.34
CA ILE F 60 29.18 -27.03 -25.19
C ILE F 60 28.70 -25.85 -24.41
N TYR F 61 27.52 -25.97 -23.78
CA TYR F 61 27.03 -24.95 -22.91
C TYR F 61 26.74 -25.65 -21.62
N THR F 62 27.59 -25.52 -20.59
CA THR F 62 27.18 -26.20 -19.40
C THR F 62 27.18 -25.25 -18.25
N PRO F 63 26.07 -25.22 -17.57
CA PRO F 63 25.87 -24.34 -16.47
C PRO F 63 26.88 -24.63 -15.41
N TYR F 64 27.72 -23.64 -15.07
CA TYR F 64 28.59 -23.71 -13.95
C TYR F 64 29.38 -24.97 -14.04
N ASP F 65 29.60 -25.50 -15.26
CA ASP F 65 30.38 -26.70 -15.34
C ASP F 65 31.49 -26.44 -16.29
N ASP F 66 32.45 -25.60 -15.87
CA ASP F 66 33.62 -25.37 -16.67
C ASP F 66 34.45 -26.61 -16.66
N ARG F 67 34.56 -27.24 -15.47
CA ARG F 67 35.66 -28.11 -15.17
C ARG F 67 35.67 -29.26 -16.11
N ILE F 68 34.50 -29.82 -16.42
CA ILE F 68 34.48 -31.08 -17.11
C ILE F 68 35.13 -30.88 -18.44
N ASP F 69 34.83 -29.76 -19.12
CA ASP F 69 35.28 -29.61 -20.47
C ASP F 69 36.77 -29.43 -20.47
N LYS F 70 37.39 -29.94 -21.56
CA LYS F 70 38.77 -29.83 -21.92
C LYS F 70 39.68 -30.34 -20.86
N LYS F 71 40.80 -30.94 -21.31
CA LYS F 71 41.75 -31.55 -20.44
C LYS F 71 41.01 -32.59 -19.66
N MET F 72 39.89 -33.08 -20.22
CA MET F 72 39.11 -34.07 -19.57
C MET F 72 38.19 -34.62 -20.61
N ARG F 73 37.62 -35.80 -20.34
CA ARG F 73 36.61 -36.32 -21.18
C ARG F 73 35.38 -36.39 -20.33
N VAL F 74 34.24 -35.93 -20.85
CA VAL F 74 33.07 -35.98 -20.03
C VAL F 74 32.23 -37.07 -20.57
N ILE F 75 31.68 -37.92 -19.69
CA ILE F 75 30.88 -38.98 -20.20
C ILE F 75 29.46 -38.57 -20.00
N TYR F 76 28.84 -38.12 -21.10
CA TYR F 76 27.42 -38.01 -21.17
C TYR F 76 27.09 -38.95 -22.27
N ARG F 77 25.93 -39.62 -22.19
CA ARG F 77 25.52 -40.55 -23.20
C ARG F 77 26.56 -41.60 -23.35
N GLY F 78 27.50 -41.70 -22.40
CA GLY F 78 28.51 -42.70 -22.48
C GLY F 78 29.61 -42.17 -23.34
N LYS F 79 29.30 -41.30 -24.32
CA LYS F 79 30.28 -41.14 -25.36
C LYS F 79 31.44 -40.43 -24.78
N ILE F 80 32.59 -40.57 -25.45
CA ILE F 80 33.80 -40.05 -24.94
C ILE F 80 34.35 -39.11 -25.97
N VAL F 81 34.79 -37.91 -25.53
CA VAL F 81 35.45 -37.01 -26.44
C VAL F 81 36.41 -36.19 -25.64
N THR F 82 37.47 -35.68 -26.29
CA THR F 82 38.42 -34.84 -25.63
C THR F 82 38.08 -33.44 -26.03
N PHE F 83 38.43 -32.46 -25.17
CA PHE F 83 38.01 -31.12 -25.44
C PHE F 83 39.23 -30.28 -25.62
N ILE F 84 39.07 -29.20 -26.41
CA ILE F 84 40.10 -28.24 -26.67
C ILE F 84 39.43 -26.92 -26.58
N GLY F 85 40.15 -25.82 -26.85
CA GLY F 85 39.46 -24.57 -26.90
C GLY F 85 38.95 -24.24 -25.53
N ASP F 86 39.79 -23.56 -24.73
CA ASP F 86 39.50 -23.27 -23.36
C ASP F 86 38.16 -22.62 -23.31
N PRO F 87 37.54 -22.66 -22.16
CA PRO F 87 36.12 -22.60 -22.07
C PRO F 87 35.71 -21.26 -22.55
N VAL F 88 34.52 -21.15 -23.15
CA VAL F 88 34.00 -19.84 -23.35
C VAL F 88 32.56 -19.91 -22.97
N ASP F 89 32.13 -19.01 -22.07
CA ASP F 89 30.74 -18.98 -21.73
C ASP F 89 30.14 -17.95 -22.61
N LEU F 90 29.78 -18.37 -23.84
CA LEU F 90 29.14 -17.48 -24.77
C LEU F 90 27.83 -17.17 -24.17
N SER F 91 27.22 -18.23 -23.62
CA SER F 91 25.87 -18.17 -23.19
C SER F 91 25.81 -18.91 -21.90
N GLY F 92 24.58 -19.24 -21.47
CA GLY F 92 24.42 -19.96 -20.25
C GLY F 92 24.27 -18.90 -19.23
N LEU F 93 23.08 -18.82 -18.60
CA LEU F 93 22.85 -17.70 -17.76
C LEU F 93 23.80 -17.77 -16.62
N GLN F 94 24.17 -18.99 -16.21
CA GLN F 94 25.33 -19.14 -15.39
C GLN F 94 26.44 -19.47 -16.33
N GLU F 95 27.70 -19.22 -15.92
CA GLU F 95 28.76 -19.35 -16.88
C GLU F 95 28.80 -20.76 -17.34
N ILE F 96 28.97 -20.95 -18.66
CA ILE F 96 28.96 -22.27 -19.21
C ILE F 96 30.20 -22.43 -20.00
N THR F 97 30.84 -23.61 -19.92
CA THR F 97 32.01 -23.83 -20.72
C THR F 97 31.56 -24.21 -22.08
N ARG F 98 32.26 -23.70 -23.10
CA ARG F 98 32.05 -24.05 -24.47
C ARG F 98 33.34 -24.64 -24.94
N ILE F 99 33.29 -25.40 -26.04
CA ILE F 99 34.51 -25.81 -26.66
C ILE F 99 34.59 -25.08 -27.96
N LYS F 100 35.78 -24.60 -28.32
CA LYS F 100 35.84 -23.83 -29.52
C LYS F 100 36.80 -24.49 -30.44
N GLY F 101 36.47 -24.51 -31.75
CA GLY F 101 37.39 -24.93 -32.75
C GLY F 101 37.32 -26.42 -32.88
N LYS F 102 37.84 -26.94 -34.00
CA LYS F 102 37.98 -28.35 -34.18
C LYS F 102 39.42 -28.59 -34.51
N GLU F 103 39.97 -29.73 -34.06
CA GLU F 103 41.39 -29.88 -34.13
C GLU F 103 41.80 -30.01 -35.56
N ASP F 104 43.04 -29.55 -35.86
CA ASP F 104 43.60 -29.61 -37.18
C ASP F 104 42.83 -28.71 -38.10
N GLY F 105 43.54 -27.76 -38.73
CA GLY F 105 42.92 -27.00 -39.77
C GLY F 105 42.82 -27.91 -40.95
N ALA F 106 41.74 -27.77 -41.73
CA ALA F 106 41.55 -28.62 -42.87
C ALA F 106 42.64 -28.35 -43.85
N TYR F 107 43.01 -27.07 -44.02
CA TYR F 107 43.98 -26.71 -45.01
C TYR F 107 45.22 -27.48 -44.73
N VAL F 108 45.78 -28.12 -45.77
CA VAL F 108 46.93 -28.94 -45.58
C VAL F 108 47.98 -28.43 -46.51
N GLY F 109 49.26 -28.68 -46.16
CA GLY F 109 50.33 -28.23 -47.00
C GLY F 109 50.09 -28.82 -48.39
N THR G 2 74.29 -61.71 -34.51
CA THR G 2 73.34 -62.46 -35.28
C THR G 2 72.00 -62.28 -34.68
N TRP G 3 71.93 -62.30 -33.34
CA TRP G 3 70.71 -62.50 -32.62
C TRP G 3 69.80 -61.34 -32.84
N LYS G 4 69.04 -61.37 -33.96
CA LYS G 4 68.09 -62.41 -34.25
C LYS G 4 66.96 -62.13 -33.32
N LEU G 5 67.04 -62.66 -32.09
CA LEU G 5 66.14 -62.18 -31.10
C LEU G 5 66.45 -60.73 -30.90
N ALA G 6 67.75 -60.42 -30.69
CA ALA G 6 68.19 -59.09 -30.34
C ALA G 6 68.02 -58.13 -31.47
N SER G 7 68.06 -58.55 -32.75
CA SER G 7 67.91 -57.56 -33.79
C SER G 7 66.57 -56.91 -33.60
N ARG G 8 65.57 -57.71 -33.18
CA ARG G 8 64.30 -57.17 -32.84
C ARG G 8 64.50 -56.25 -31.68
N ALA G 9 65.34 -56.69 -30.72
CA ALA G 9 65.55 -56.00 -29.48
C ALA G 9 66.13 -54.65 -29.74
N LEU G 10 67.05 -54.53 -30.70
CA LEU G 10 67.68 -53.29 -31.01
C LEU G 10 66.60 -52.36 -31.46
N GLN G 11 65.67 -52.92 -32.25
CA GLN G 11 64.52 -52.19 -32.70
C GLN G 11 63.78 -51.80 -31.46
N LYS G 12 63.74 -52.72 -30.48
CA LYS G 12 63.07 -52.48 -29.25
C LYS G 12 63.72 -51.30 -28.60
N ALA G 13 65.06 -51.20 -28.72
CA ALA G 13 65.81 -50.17 -28.06
C ALA G 13 65.31 -48.87 -28.57
N THR G 14 65.02 -48.81 -29.88
CA THR G 14 64.51 -47.60 -30.44
C THR G 14 63.24 -47.30 -29.74
N VAL G 15 62.42 -48.34 -29.51
CA VAL G 15 61.17 -48.16 -28.82
C VAL G 15 61.50 -47.62 -27.47
N GLU G 16 62.55 -48.17 -26.84
CA GLU G 16 62.93 -47.77 -25.52
C GLU G 16 63.27 -46.33 -25.58
N ASN G 17 63.92 -45.91 -26.68
CA ASN G 17 64.30 -44.53 -26.80
C ASN G 17 63.05 -43.73 -26.80
N LEU G 18 62.01 -44.19 -27.52
CA LEU G 18 60.83 -43.41 -27.68
C LEU G 18 60.25 -43.18 -26.32
N GLU G 19 60.14 -44.26 -25.52
CA GLU G 19 59.60 -44.11 -24.19
C GLU G 19 60.53 -43.24 -23.43
N SER G 20 61.84 -43.43 -23.67
CA SER G 20 62.85 -42.74 -22.94
C SER G 20 62.70 -41.29 -23.22
N TYR G 21 62.14 -40.94 -24.39
CA TYR G 21 62.05 -39.56 -24.73
C TYR G 21 60.70 -39.10 -24.33
N GLN G 22 60.64 -38.36 -23.19
CA GLN G 22 59.40 -37.85 -22.70
C GLN G 22 58.83 -36.87 -23.69
N PRO G 23 59.58 -35.91 -24.19
CA PRO G 23 58.96 -34.85 -24.91
C PRO G 23 58.29 -35.34 -26.14
N LEU G 24 58.62 -36.56 -26.60
CA LEU G 24 57.98 -37.02 -27.79
C LEU G 24 56.51 -37.11 -27.52
N MET G 25 56.15 -37.77 -26.40
CA MET G 25 54.77 -37.99 -26.12
C MET G 25 54.09 -36.68 -25.91
N GLU G 26 54.71 -35.81 -25.09
CA GLU G 26 54.05 -34.58 -24.72
C GLU G 26 53.93 -33.75 -25.94
N MET G 27 55.04 -33.65 -26.69
CA MET G 27 55.14 -32.70 -27.75
C MET G 27 54.13 -33.03 -28.80
N VAL G 28 53.99 -34.33 -29.12
CA VAL G 28 53.29 -34.73 -30.31
C VAL G 28 51.89 -34.20 -30.19
N ASN G 29 51.51 -33.24 -31.07
CA ASN G 29 52.17 -32.81 -32.27
C ASN G 29 51.99 -33.83 -33.35
N GLN G 30 50.97 -34.70 -33.19
CA GLN G 30 50.61 -35.53 -34.29
C GLN G 30 50.17 -34.58 -35.35
N VAL G 31 49.38 -33.58 -34.92
CA VAL G 31 49.02 -32.45 -35.74
C VAL G 31 50.24 -31.60 -35.81
N THR G 32 50.45 -30.85 -36.91
CA THR G 32 49.58 -30.89 -38.05
C THR G 32 49.72 -32.21 -38.73
N GLU G 33 50.97 -32.73 -38.82
CA GLU G 33 51.43 -33.61 -39.87
C GLU G 33 50.42 -34.66 -40.09
N SER G 34 50.00 -34.80 -41.37
CA SER G 34 48.73 -35.35 -41.77
C SER G 34 47.80 -34.17 -41.81
N PRO G 35 46.52 -34.30 -41.99
CA PRO G 35 45.69 -33.15 -42.21
C PRO G 35 45.74 -32.26 -41.00
N GLY G 36 45.23 -31.02 -41.14
CA GLY G 36 45.46 -30.02 -40.14
C GLY G 36 46.45 -29.06 -40.72
N LYS G 37 46.90 -29.33 -41.95
CA LYS G 37 47.75 -28.40 -42.64
C LYS G 37 46.95 -27.15 -42.80
N ASP G 38 45.65 -27.33 -43.09
CA ASP G 38 44.77 -26.23 -43.31
C ASP G 38 44.72 -25.43 -42.06
N ASP G 39 44.79 -26.12 -40.90
CA ASP G 39 44.57 -25.44 -39.65
C ASP G 39 45.60 -24.37 -39.53
N PRO G 40 45.27 -23.43 -38.70
CA PRO G 40 45.87 -22.13 -38.75
C PRO G 40 47.32 -22.21 -38.43
N TYR G 41 48.10 -21.20 -38.88
CA TYR G 41 49.51 -21.15 -38.63
C TYR G 41 49.67 -20.76 -37.20
N PRO G 42 50.64 -21.34 -36.56
CA PRO G 42 51.53 -22.29 -37.18
C PRO G 42 50.80 -23.55 -37.49
N TYR G 43 51.11 -24.21 -38.63
CA TYR G 43 50.74 -25.60 -38.78
C TYR G 43 51.97 -26.33 -39.24
N VAL G 44 52.35 -27.42 -38.56
CA VAL G 44 53.57 -28.05 -38.99
C VAL G 44 53.24 -29.39 -39.54
N VAL G 45 53.70 -29.68 -40.78
CA VAL G 45 53.37 -30.97 -41.32
C VAL G 45 54.65 -31.69 -41.58
N ILE G 46 54.63 -33.03 -41.50
CA ILE G 46 55.84 -33.75 -41.75
C ILE G 46 55.57 -34.71 -42.87
N GLY G 47 56.54 -34.88 -43.77
CA GLY G 47 56.35 -35.80 -44.85
C GLY G 47 57.61 -35.83 -45.64
N ASP G 48 57.72 -36.81 -46.57
CA ASP G 48 58.88 -36.88 -47.39
C ASP G 48 58.76 -35.80 -48.42
N GLN G 49 59.88 -35.46 -49.08
CA GLN G 49 59.80 -34.43 -50.06
C GLN G 49 59.66 -35.09 -51.39
N SER G 50 58.56 -34.76 -52.10
CA SER G 50 58.32 -35.23 -53.43
C SER G 50 58.51 -36.71 -53.46
N SER G 51 57.95 -37.42 -52.48
CA SER G 51 58.24 -38.81 -52.40
C SER G 51 57.13 -39.54 -53.08
N THR G 52 57.49 -40.32 -54.11
CA THR G 52 56.57 -41.24 -54.72
C THR G 52 57.34 -42.51 -54.88
N PRO G 53 56.67 -43.62 -54.74
CA PRO G 53 57.36 -44.87 -54.69
C PRO G 53 58.04 -45.08 -56.00
N PHE G 54 59.28 -45.60 -55.99
CA PHE G 54 59.95 -45.89 -57.21
C PHE G 54 60.75 -47.13 -57.01
N GLU G 55 61.12 -47.79 -58.11
CA GLU G 55 61.87 -49.01 -58.04
C GLU G 55 60.99 -50.06 -57.45
N THR G 56 61.14 -51.30 -57.91
CA THR G 56 60.31 -52.36 -57.40
C THR G 56 61.19 -53.54 -57.17
N LYS G 57 60.65 -54.54 -56.44
CA LYS G 57 61.34 -55.78 -56.24
C LYS G 57 62.66 -55.47 -55.60
N SER G 58 62.70 -54.39 -54.79
CA SER G 58 63.89 -54.11 -54.07
C SER G 58 63.48 -53.38 -52.84
N SER G 59 64.39 -53.29 -51.85
CA SER G 59 64.09 -52.47 -50.72
C SER G 59 64.20 -51.06 -51.19
N PHE G 60 63.43 -50.15 -50.57
CA PHE G 60 63.47 -48.80 -51.03
C PHE G 60 64.85 -48.29 -50.81
N GLY G 61 65.40 -48.52 -49.61
CA GLY G 61 66.77 -48.17 -49.37
C GLY G 61 67.13 -48.67 -48.02
N GLU G 62 68.42 -48.98 -47.83
CA GLU G 62 68.88 -49.43 -46.55
C GLU G 62 68.69 -48.30 -45.59
N ASN G 63 69.08 -47.08 -46.02
CA ASN G 63 68.98 -45.94 -45.17
C ASN G 63 67.56 -45.49 -45.20
N ILE G 64 67.13 -44.79 -44.13
CA ILE G 64 65.82 -44.25 -44.10
C ILE G 64 65.97 -42.77 -44.01
N THR G 65 65.19 -42.03 -44.82
CA THR G 65 65.30 -40.61 -44.80
C THR G 65 63.98 -40.07 -44.36
N MET G 66 64.02 -39.00 -43.55
CA MET G 66 62.79 -38.36 -43.15
C MET G 66 62.88 -36.96 -43.61
N ASP G 67 61.78 -36.44 -44.19
CA ASP G 67 61.79 -35.08 -44.64
C ASP G 67 60.90 -34.31 -43.73
N PHE G 68 61.33 -33.08 -43.36
CA PHE G 68 60.47 -32.26 -42.57
C PHE G 68 60.18 -31.04 -43.37
N HIS G 69 58.90 -30.60 -43.37
CA HIS G 69 58.59 -29.31 -43.89
C HIS G 69 58.05 -28.54 -42.74
N VAL G 70 58.62 -27.37 -42.42
CA VAL G 70 58.07 -26.72 -41.28
C VAL G 70 57.52 -25.40 -41.68
N TRP G 71 56.22 -25.20 -41.39
CA TRP G 71 55.75 -23.88 -41.13
C TRP G 71 55.34 -23.94 -39.70
N GLY G 72 55.72 -22.95 -38.89
CA GLY G 72 55.30 -23.07 -37.52
C GLY G 72 56.30 -23.90 -36.79
N GLY G 73 57.22 -24.55 -37.54
CA GLY G 73 58.39 -25.09 -36.91
C GLY G 73 57.98 -26.08 -35.86
N THR G 74 57.70 -27.33 -36.27
CA THR G 74 57.42 -28.35 -35.29
C THR G 74 58.70 -28.65 -34.56
N THR G 75 58.84 -29.85 -33.98
CA THR G 75 59.99 -30.02 -33.15
C THR G 75 61.14 -30.40 -34.01
N ARG G 76 61.49 -29.51 -34.96
CA ARG G 76 62.79 -29.54 -35.54
C ARG G 76 63.72 -29.18 -34.45
N ALA G 77 63.34 -28.17 -33.65
CA ALA G 77 64.19 -27.69 -32.61
C ALA G 77 64.38 -28.79 -31.61
N GLU G 78 63.28 -29.47 -31.24
CA GLU G 78 63.40 -30.42 -30.17
C GLU G 78 64.34 -31.49 -30.60
N ALA G 79 64.12 -32.04 -31.80
CA ALA G 79 64.96 -33.11 -32.27
C ALA G 79 66.35 -32.56 -32.43
N GLN G 80 66.43 -31.35 -32.98
CA GLN G 80 67.69 -30.78 -33.38
C GLN G 80 68.51 -30.58 -32.14
N ASP G 81 67.88 -30.09 -31.06
CA ASP G 81 68.66 -29.81 -29.90
C ASP G 81 69.26 -31.08 -29.42
N ILE G 82 68.43 -32.13 -29.27
CA ILE G 82 68.92 -33.35 -28.69
C ILE G 82 69.93 -33.95 -29.61
N SER G 83 69.61 -34.03 -30.92
CA SER G 83 70.47 -34.68 -31.84
C SER G 83 71.75 -33.92 -31.91
N SER G 84 71.64 -32.58 -31.98
CA SER G 84 72.80 -31.76 -32.16
C SER G 84 73.68 -31.95 -30.98
N ARG G 85 73.09 -31.95 -29.77
CA ARG G 85 73.91 -32.00 -28.61
C ARG G 85 74.69 -33.27 -28.65
N VAL G 86 74.01 -34.41 -28.90
CA VAL G 86 74.70 -35.66 -28.88
C VAL G 86 75.69 -35.67 -30.01
N LEU G 87 75.26 -35.25 -31.21
CA LEU G 87 76.11 -35.39 -32.36
C LEU G 87 77.33 -34.57 -32.13
N GLU G 88 77.14 -33.34 -31.63
CA GLU G 88 78.26 -32.49 -31.36
C GLU G 88 79.05 -33.17 -30.28
N ALA G 89 78.32 -33.76 -29.32
CA ALA G 89 78.94 -34.32 -28.15
C ALA G 89 79.85 -35.41 -28.55
N LEU G 90 79.45 -36.24 -29.55
CA LEU G 90 80.16 -37.46 -29.79
C LEU G 90 81.57 -37.13 -30.14
N THR G 91 81.81 -36.20 -31.09
CA THR G 91 81.01 -36.00 -32.25
C THR G 91 81.22 -37.22 -33.10
N TYR G 92 82.44 -37.76 -33.02
CA TYR G 92 82.84 -38.91 -33.78
C TYR G 92 83.02 -40.00 -32.78
N LYS G 93 83.15 -41.26 -33.23
CA LYS G 93 83.33 -41.57 -34.62
C LYS G 93 81.99 -41.54 -35.28
N PRO G 94 82.04 -41.45 -36.58
CA PRO G 94 80.88 -41.45 -37.41
C PRO G 94 80.22 -42.78 -37.21
N LEU G 95 78.90 -42.86 -37.41
CA LEU G 95 78.21 -44.07 -37.06
C LEU G 95 78.64 -45.13 -38.02
N MET G 96 78.91 -46.34 -37.49
CA MET G 96 79.15 -47.48 -38.32
C MET G 96 78.34 -48.58 -37.74
N PHE G 97 77.72 -49.40 -38.58
CA PHE G 97 76.97 -50.49 -38.01
C PHE G 97 77.62 -51.76 -38.44
N GLU G 98 78.15 -52.51 -37.46
CA GLU G 98 78.62 -53.85 -37.67
C GLU G 98 79.57 -53.88 -38.82
N GLY G 99 80.44 -52.85 -38.90
CA GLY G 99 81.51 -52.90 -39.84
C GLY G 99 80.98 -52.52 -41.18
N PHE G 100 79.69 -52.13 -41.23
CA PHE G 100 79.10 -51.73 -42.47
C PHE G 100 79.44 -50.30 -42.69
N THR G 101 79.41 -49.84 -43.95
CA THR G 101 79.76 -48.49 -44.23
C THR G 101 78.50 -47.70 -44.29
N PHE G 102 78.36 -46.75 -43.34
CA PHE G 102 77.17 -45.96 -43.19
C PHE G 102 77.01 -45.03 -44.35
N VAL G 103 78.14 -44.42 -44.79
CA VAL G 103 78.14 -43.09 -45.32
C VAL G 103 77.13 -42.94 -46.40
N ALA G 104 76.37 -41.83 -46.32
CA ALA G 104 75.40 -41.43 -47.31
C ALA G 104 76.15 -40.72 -48.38
N LYS G 105 75.49 -40.51 -49.55
CA LYS G 105 76.21 -39.95 -50.64
C LYS G 105 75.91 -38.49 -50.74
N LYS G 106 76.95 -37.67 -50.47
CA LYS G 106 77.08 -36.32 -50.93
C LYS G 106 76.04 -35.43 -50.33
N LEU G 107 75.15 -35.96 -49.46
CA LEU G 107 74.16 -35.15 -48.81
C LEU G 107 73.31 -34.44 -49.81
N VAL G 108 72.23 -33.81 -49.34
CA VAL G 108 71.50 -32.91 -50.20
C VAL G 108 71.02 -31.77 -49.36
N LEU G 109 70.95 -30.55 -49.95
CA LEU G 109 70.39 -29.45 -49.25
C LEU G 109 69.52 -28.69 -50.20
N ALA G 110 68.34 -28.25 -49.73
CA ALA G 110 67.54 -27.36 -50.53
C ALA G 110 66.60 -26.65 -49.61
N GLN G 111 66.19 -25.42 -49.97
CA GLN G 111 65.17 -24.76 -49.21
C GLN G 111 64.40 -23.87 -50.13
N VAL G 112 63.06 -23.84 -49.99
CA VAL G 112 62.28 -22.82 -50.63
C VAL G 112 61.08 -22.59 -49.77
N ILE G 113 60.61 -21.34 -49.71
CA ILE G 113 59.41 -21.08 -48.96
C ILE G 113 58.55 -20.16 -49.76
N THR G 114 57.22 -20.40 -49.71
CA THR G 114 56.29 -19.40 -50.15
C THR G 114 55.27 -19.28 -49.07
N ASP G 115 54.85 -18.03 -48.76
CA ASP G 115 53.83 -17.88 -47.76
C ASP G 115 52.67 -17.17 -48.38
N THR G 116 51.54 -17.87 -48.52
CA THR G 116 50.35 -17.22 -48.96
C THR G 116 49.97 -16.25 -47.90
N ASP G 117 50.06 -16.69 -46.62
CA ASP G 117 49.65 -15.88 -45.51
C ASP G 117 50.52 -14.68 -45.47
N GLY G 118 51.80 -14.85 -45.80
CA GLY G 118 52.74 -13.78 -45.57
C GLY G 118 53.35 -14.05 -44.23
N VAL G 119 53.10 -15.24 -43.68
CA VAL G 119 53.73 -15.66 -42.48
C VAL G 119 55.19 -15.75 -42.79
N THR G 120 56.04 -15.70 -41.75
CA THR G 120 57.45 -15.69 -41.99
C THR G 120 57.77 -16.95 -42.74
N LYS G 121 58.91 -16.94 -43.45
CA LYS G 121 59.16 -17.98 -44.40
C LYS G 121 59.28 -19.27 -43.67
N HIS G 122 58.67 -20.33 -44.24
CA HIS G 122 58.81 -21.65 -43.72
C HIS G 122 60.14 -22.16 -44.19
N GLY G 123 60.71 -23.13 -43.46
CA GLY G 123 61.94 -23.71 -43.90
C GLY G 123 61.71 -25.17 -44.03
N ILE G 124 62.54 -25.84 -44.85
CA ILE G 124 62.38 -27.26 -44.97
C ILE G 124 63.67 -27.87 -44.52
N ILE G 125 63.59 -28.91 -43.69
CA ILE G 125 64.78 -29.59 -43.28
C ILE G 125 64.64 -31.01 -43.71
N LYS G 126 65.70 -31.56 -44.34
CA LYS G 126 65.65 -32.94 -44.71
C LYS G 126 66.68 -33.64 -43.89
N VAL G 127 66.32 -34.80 -43.32
CA VAL G 127 67.29 -35.56 -42.59
C VAL G 127 67.31 -36.91 -43.20
N ARG G 128 68.51 -37.51 -43.32
CA ARG G 128 68.59 -38.85 -43.82
C ARG G 128 69.35 -39.64 -42.81
N PHE G 129 68.91 -40.88 -42.57
CA PHE G 129 69.66 -41.73 -41.68
C PHE G 129 70.01 -42.96 -42.43
N THR G 130 71.24 -43.47 -42.23
CA THR G 130 71.59 -44.72 -42.83
C THR G 130 71.92 -45.64 -41.71
N ILE G 131 71.34 -46.85 -41.72
CA ILE G 131 71.70 -47.80 -40.71
C ILE G 131 72.16 -49.03 -41.42
N ASN G 132 73.36 -49.51 -41.05
CA ASN G 132 73.87 -50.73 -41.61
C ASN G 132 74.14 -50.53 -43.06
N ASN G 133 75.03 -51.36 -43.60
CA ASN G 133 75.29 -51.35 -45.01
C ASN G 133 74.21 -52.16 -45.62
N ASN G 134 73.99 -52.00 -46.93
CA ASN G 134 72.93 -52.72 -47.56
C ASN G 134 73.23 -54.17 -47.39
N GLN H 9 106.22 -70.75 -59.54
CA GLN H 9 105.34 -69.98 -58.72
C GLN H 9 103.98 -70.56 -58.93
N ASP H 10 103.27 -70.86 -57.84
CA ASP H 10 102.04 -71.58 -57.98
C ASP H 10 100.93 -70.61 -57.78
N VAL H 11 100.27 -70.19 -58.87
CA VAL H 11 99.05 -69.46 -58.68
C VAL H 11 97.96 -70.30 -59.25
N LYS H 12 97.10 -70.84 -58.37
CA LYS H 12 95.96 -71.55 -58.85
C LYS H 12 94.95 -71.56 -57.76
N TYR H 13 93.70 -71.24 -58.10
CA TYR H 13 92.63 -71.30 -57.17
C TYR H 13 92.43 -72.75 -56.83
N LEU H 14 92.46 -73.60 -57.87
CA LEU H 14 92.21 -75.01 -57.78
C LEU H 14 90.75 -75.22 -57.93
N PHE H 15 90.39 -76.38 -58.50
CA PHE H 15 89.02 -76.77 -58.55
C PHE H 15 88.90 -77.99 -57.70
N GLN H 16 88.11 -77.90 -56.61
CA GLN H 16 87.51 -79.08 -56.06
C GLN H 16 86.35 -78.62 -55.27
N SER H 17 85.15 -79.10 -55.63
CA SER H 17 84.04 -78.90 -54.75
C SER H 17 83.10 -80.02 -55.00
N ILE H 18 82.81 -80.82 -53.97
CA ILE H 18 81.75 -81.77 -54.13
C ILE H 18 80.49 -80.97 -54.22
N ASP H 19 80.30 -80.05 -53.26
CA ASP H 19 79.17 -79.18 -53.27
C ASP H 19 79.48 -78.09 -52.29
N ALA H 20 79.94 -78.50 -51.09
CA ALA H 20 80.20 -77.57 -50.04
C ALA H 20 81.37 -76.74 -50.47
N ALA H 21 81.59 -75.60 -49.81
CA ALA H 21 82.63 -74.73 -50.25
C ALA H 21 83.90 -75.48 -50.16
N THR H 22 84.73 -75.36 -51.21
CA THR H 22 86.01 -76.01 -51.29
C THR H 22 85.80 -77.47 -51.51
N GLY H 23 84.54 -77.94 -51.40
CA GLY H 23 84.19 -79.26 -51.83
C GLY H 23 84.57 -80.20 -50.74
N SER H 24 85.51 -79.76 -49.88
CA SER H 24 85.95 -80.58 -48.80
C SER H 24 86.52 -81.84 -49.35
N ALA H 25 86.86 -81.85 -50.65
CA ALA H 25 87.52 -83.02 -51.19
C ALA H 25 88.35 -82.58 -52.33
N PRO H 26 89.46 -83.23 -52.51
CA PRO H 26 90.44 -82.81 -53.49
C PRO H 26 89.88 -82.96 -54.86
N LEU H 27 90.17 -82.00 -55.77
CA LEU H 27 89.82 -82.14 -57.15
C LEU H 27 90.86 -81.43 -57.94
N PHE H 28 90.93 -81.72 -59.24
CA PHE H 28 91.90 -81.08 -60.08
C PHE H 28 91.39 -79.71 -60.43
N PRO H 29 92.37 -78.87 -60.64
CA PRO H 29 92.20 -77.44 -60.47
C PRO H 29 91.31 -76.81 -61.48
N ALA H 30 90.67 -75.68 -61.09
CA ALA H 30 89.95 -74.78 -61.95
C ALA H 30 90.16 -73.43 -61.37
N TYR H 31 89.92 -72.36 -62.16
CA TYR H 31 90.37 -71.07 -61.71
C TYR H 31 89.23 -70.10 -61.81
N GLN H 32 89.20 -69.11 -60.88
CA GLN H 32 88.35 -67.98 -61.05
C GLN H 32 89.25 -66.82 -61.32
N THR H 33 88.94 -66.01 -62.34
CA THR H 33 89.91 -65.06 -62.79
C THR H 33 90.22 -64.12 -61.67
N ASP H 34 89.19 -63.39 -61.16
CA ASP H 34 89.34 -62.43 -60.10
C ASP H 34 88.28 -61.40 -60.30
N GLY H 35 88.00 -60.59 -59.26
CA GLY H 35 87.24 -59.40 -59.48
C GLY H 35 86.67 -58.94 -58.19
N SER H 36 86.46 -57.62 -58.06
CA SER H 36 85.71 -57.10 -56.96
C SER H 36 84.67 -56.22 -57.56
N VAL H 37 83.39 -56.49 -57.24
CA VAL H 37 82.32 -55.75 -57.84
C VAL H 37 82.36 -54.33 -57.38
N SER H 38 82.52 -54.13 -56.05
CA SER H 38 82.08 -52.89 -55.48
C SER H 38 82.59 -52.85 -54.08
N GLY H 39 81.71 -52.43 -53.14
CA GLY H 39 82.14 -52.19 -51.80
C GLY H 39 82.40 -50.73 -51.69
N GLU H 40 81.98 -49.96 -52.70
CA GLU H 40 81.97 -48.54 -52.54
C GLU H 40 80.92 -48.16 -51.55
N ARG H 41 79.69 -48.71 -51.73
CA ARG H 41 78.53 -47.96 -51.33
C ARG H 41 78.55 -47.66 -49.86
N GLU H 42 78.44 -48.67 -48.98
CA GLU H 42 78.66 -48.37 -47.59
C GLU H 42 80.13 -48.24 -47.39
N LEU H 43 80.90 -49.24 -47.88
CA LEU H 43 80.35 -50.55 -48.11
C LEU H 43 80.35 -51.27 -46.80
N PHE H 44 79.47 -52.28 -46.69
CA PHE H 44 79.25 -52.90 -45.42
C PHE H 44 80.29 -53.96 -45.22
N ASP H 45 81.20 -53.72 -44.26
CA ASP H 45 82.08 -54.74 -43.79
C ASP H 45 81.40 -55.32 -42.59
N GLU H 46 82.10 -56.21 -41.86
CA GLU H 46 81.54 -56.63 -40.61
C GLU H 46 81.69 -55.45 -39.71
N GLN H 47 80.57 -54.80 -39.37
CA GLN H 47 80.66 -53.60 -38.60
C GLN H 47 80.82 -54.01 -37.17
N THR H 48 81.70 -53.30 -36.43
CA THR H 48 81.80 -53.56 -35.04
C THR H 48 81.43 -52.29 -34.34
N LYS H 49 80.38 -52.36 -33.50
CA LYS H 49 80.03 -51.22 -32.70
C LYS H 49 79.36 -51.75 -31.48
N ASN H 50 79.35 -50.96 -30.40
CA ASN H 50 78.66 -51.39 -29.22
C ASN H 50 77.54 -50.42 -28.99
N GLY H 51 76.37 -50.95 -28.58
CA GLY H 51 75.28 -50.08 -28.26
C GLY H 51 74.78 -49.48 -29.53
N ARG H 52 75.05 -50.16 -30.66
CA ARG H 52 74.67 -49.61 -31.92
C ARG H 52 73.57 -50.44 -32.47
N ILE H 53 72.68 -49.80 -33.25
CA ILE H 53 71.68 -50.55 -33.96
C ILE H 53 72.26 -50.83 -35.30
N LEU H 54 72.19 -52.10 -35.73
CA LEU H 54 72.83 -52.45 -36.97
C LEU H 54 72.07 -51.79 -38.07
N GLY H 55 72.79 -51.32 -39.09
CA GLY H 55 72.16 -50.74 -40.23
C GLY H 55 73.23 -50.57 -41.26
N PRO H 56 72.85 -50.41 -42.50
CA PRO H 56 71.49 -50.34 -42.93
C PRO H 56 70.82 -51.65 -42.70
N GLY H 57 71.61 -52.69 -42.36
CA GLY H 57 71.11 -54.02 -42.40
C GLY H 57 71.69 -54.64 -43.62
N SER H 58 71.60 -55.98 -43.74
CA SER H 58 72.39 -56.63 -44.73
C SER H 58 71.95 -56.13 -46.07
N VAL H 59 72.88 -55.49 -46.79
CA VAL H 59 72.67 -55.24 -48.19
C VAL H 59 74.01 -55.26 -48.82
N ALA H 60 74.08 -55.83 -50.04
CA ALA H 60 75.33 -55.81 -50.74
C ALA H 60 75.09 -54.99 -51.96
N ASP H 61 76.09 -54.17 -52.35
CA ASP H 61 75.91 -53.42 -53.55
C ASP H 61 75.78 -54.42 -54.65
N SER H 62 76.71 -55.40 -54.67
CA SER H 62 76.64 -56.44 -55.65
C SER H 62 77.89 -57.25 -55.50
N GLY H 63 78.15 -58.14 -56.48
CA GLY H 63 79.37 -58.89 -56.49
C GLY H 63 79.80 -59.00 -57.91
N GLU H 64 81.11 -59.27 -58.14
CA GLU H 64 81.53 -59.51 -59.48
C GLU H 64 82.55 -60.60 -59.43
N VAL H 65 82.52 -61.50 -60.44
CA VAL H 65 83.55 -62.49 -60.51
C VAL H 65 83.81 -62.76 -61.96
N THR H 66 85.05 -63.16 -62.27
CA THR H 66 85.38 -63.66 -63.58
C THR H 66 85.83 -65.06 -63.35
N TYR H 67 85.56 -65.97 -64.32
CA TYR H 67 85.95 -67.33 -64.11
C TYR H 67 86.72 -67.77 -65.31
N TYR H 68 87.61 -68.76 -65.10
CA TYR H 68 88.28 -69.40 -66.19
C TYR H 68 88.09 -70.87 -65.96
N GLY H 69 88.28 -71.68 -67.02
CA GLY H 69 87.88 -73.05 -66.89
C GLY H 69 88.92 -73.90 -67.55
N LYS H 70 88.96 -75.18 -67.15
CA LYS H 70 89.87 -76.11 -67.76
C LYS H 70 89.08 -77.33 -68.09
N ARG H 71 89.69 -78.28 -68.83
CA ARG H 71 88.94 -79.37 -69.39
C ARG H 71 88.31 -80.13 -68.28
N GLY H 72 89.08 -80.40 -67.22
CA GLY H 72 88.44 -81.05 -66.12
C GLY H 72 87.87 -79.98 -65.26
N ASP H 73 86.55 -79.71 -65.46
CA ASP H 73 85.83 -78.89 -64.54
C ASP H 73 84.64 -79.69 -64.16
N ALA H 74 84.23 -79.62 -62.87
CA ALA H 74 83.15 -80.44 -62.44
C ALA H 74 82.19 -79.58 -61.70
N GLY H 75 80.92 -80.01 -61.63
CA GLY H 75 79.97 -79.33 -60.81
C GLY H 75 79.37 -78.21 -61.62
N GLN H 76 79.74 -78.11 -62.90
CA GLN H 76 79.13 -77.11 -63.71
C GLN H 76 77.68 -77.44 -63.76
N LYS H 77 77.37 -78.73 -63.96
CA LYS H 77 76.02 -79.18 -64.00
C LYS H 77 75.43 -78.96 -62.65
N ALA H 78 76.25 -79.14 -61.59
CA ALA H 78 75.75 -79.10 -60.25
C ALA H 78 75.17 -77.74 -60.02
N ILE H 79 75.82 -76.69 -60.57
CA ILE H 79 75.40 -75.36 -60.28
C ILE H 79 73.99 -75.22 -60.75
N GLU H 80 73.69 -75.74 -61.96
CA GLU H 80 72.39 -75.57 -62.50
C GLU H 80 71.42 -76.20 -61.56
N ASP H 81 71.77 -77.39 -61.05
CA ASP H 81 70.90 -78.08 -60.13
C ASP H 81 70.77 -77.19 -58.93
N ALA H 82 71.88 -76.56 -58.53
CA ALA H 82 71.90 -75.72 -57.37
C ALA H 82 70.94 -74.61 -57.61
N TYR H 83 70.88 -74.12 -58.86
CA TYR H 83 70.12 -72.95 -59.16
C TYR H 83 68.70 -73.23 -58.77
N GLN H 84 68.19 -74.43 -59.11
CA GLN H 84 66.82 -74.70 -58.85
C GLN H 84 66.61 -74.61 -57.37
N ASN H 85 67.54 -75.18 -56.59
CA ASN H 85 67.40 -75.13 -55.16
C ASN H 85 67.42 -73.69 -54.76
N GLY H 86 68.39 -72.93 -55.30
CA GLY H 86 68.44 -71.53 -55.03
C GLY H 86 68.97 -71.34 -53.64
N LYS H 87 69.70 -72.36 -53.13
CA LYS H 87 70.24 -72.23 -51.80
C LYS H 87 71.31 -71.20 -51.85
N GLN H 88 71.48 -70.44 -50.75
CA GLN H 88 72.47 -69.41 -50.71
C GLN H 88 73.81 -70.08 -50.66
N ILE H 89 74.76 -69.62 -51.48
CA ILE H 89 76.07 -70.20 -51.53
C ILE H 89 77.06 -69.06 -51.60
N LYS H 90 78.31 -69.31 -51.16
CA LYS H 90 79.28 -68.25 -51.12
C LYS H 90 80.56 -68.74 -51.75
N PHE H 91 81.52 -67.81 -52.03
CA PHE H 91 82.77 -68.08 -52.71
C PHE H 91 83.84 -67.48 -51.86
N TRP H 92 85.13 -67.65 -52.20
CA TRP H 92 86.27 -67.25 -51.39
C TRP H 92 86.84 -66.25 -52.37
N ARG H 93 87.76 -65.34 -52.01
CA ARG H 93 88.27 -64.60 -53.14
C ARG H 93 89.78 -64.54 -53.09
N VAL H 94 90.43 -64.71 -54.26
CA VAL H 94 91.86 -64.65 -54.29
C VAL H 94 92.24 -63.43 -55.05
N ASP H 95 93.02 -62.55 -54.40
CA ASP H 95 93.69 -61.52 -55.13
C ASP H 95 94.95 -62.13 -55.62
N THR H 96 95.69 -61.40 -56.48
CA THR H 96 96.96 -61.87 -56.93
C THR H 96 97.95 -61.33 -55.94
N VAL H 97 98.84 -60.42 -56.38
CA VAL H 97 99.74 -59.69 -55.53
C VAL H 97 100.44 -60.64 -54.59
N LYS H 98 101.32 -61.47 -55.16
CA LYS H 98 102.17 -62.35 -54.40
C LYS H 98 101.31 -63.14 -53.48
N ASN H 99 100.21 -63.69 -54.01
CA ASN H 99 99.41 -64.53 -53.19
C ASN H 99 100.11 -65.84 -53.14
N GLU H 100 100.87 -66.08 -52.05
CA GLU H 100 101.53 -67.34 -51.93
C GLU H 100 100.48 -68.33 -51.58
N ASN H 101 100.72 -69.62 -51.89
CA ASN H 101 99.65 -70.56 -51.78
C ASN H 101 99.21 -70.59 -50.35
N ASP H 102 100.12 -70.84 -49.40
CA ASP H 102 99.70 -70.78 -48.04
C ASP H 102 99.38 -69.35 -47.73
N LYS H 103 100.28 -68.45 -48.17
CA LYS H 103 100.41 -67.14 -47.61
C LYS H 103 99.20 -66.29 -47.82
N TYR H 104 98.66 -66.28 -49.05
CA TYR H 104 97.83 -65.18 -49.50
C TYR H 104 96.68 -64.96 -48.59
N ASP H 105 96.34 -63.67 -48.40
CA ASP H 105 95.28 -63.23 -47.54
C ASP H 105 93.99 -63.38 -48.30
N ALA H 106 92.86 -63.06 -47.64
CA ALA H 106 91.58 -63.19 -48.28
C ALA H 106 90.68 -62.10 -47.78
N GLN H 107 89.58 -61.83 -48.53
CA GLN H 107 88.61 -60.85 -48.16
C GLN H 107 87.38 -61.61 -47.76
N PHE H 108 86.48 -60.98 -46.96
CA PHE H 108 85.31 -61.70 -46.53
C PHE H 108 84.20 -61.84 -47.55
N GLY H 109 83.80 -60.77 -48.31
CA GLY H 109 83.21 -60.86 -49.64
C GLY H 109 81.74 -61.22 -49.69
N PHE H 110 81.15 -61.20 -50.91
CA PHE H 110 79.74 -61.50 -51.09
C PHE H 110 79.54 -62.01 -52.50
N ALA H 111 78.36 -62.62 -52.78
CA ALA H 111 78.09 -63.09 -54.11
C ALA H 111 76.66 -63.54 -54.22
N TYR H 112 76.26 -63.96 -55.44
CA TYR H 112 75.02 -64.64 -55.66
C TYR H 112 75.34 -65.92 -56.36
N ILE H 113 74.54 -66.97 -56.09
CA ILE H 113 74.59 -68.19 -56.85
C ILE H 113 74.11 -67.89 -58.24
N GLU H 114 73.03 -67.08 -58.33
CA GLU H 114 72.02 -67.24 -59.33
C GLU H 114 72.60 -67.15 -60.71
N SER H 115 73.45 -66.16 -60.99
CA SER H 115 73.62 -65.84 -62.37
C SER H 115 74.74 -66.65 -62.95
N ARG H 116 74.39 -67.55 -63.89
CA ARG H 116 75.36 -68.12 -64.79
C ARG H 116 74.64 -68.31 -66.09
N GLU H 117 74.84 -67.40 -67.05
CA GLU H 117 74.07 -67.53 -68.25
C GLU H 117 74.50 -68.77 -68.99
N TYR H 118 75.80 -68.86 -69.32
CA TYR H 118 76.26 -69.98 -70.10
C TYR H 118 77.74 -70.07 -69.92
N SER H 119 78.38 -71.03 -70.63
CA SER H 119 79.81 -71.06 -70.68
C SER H 119 80.20 -71.02 -72.12
N ASP H 120 81.35 -70.41 -72.44
CA ASP H 120 81.69 -70.27 -73.83
C ASP H 120 83.08 -70.76 -74.05
N GLY H 121 83.49 -70.72 -75.32
CA GLY H 121 84.85 -70.99 -75.65
C GLY H 121 85.04 -70.79 -77.12
N VAL H 122 86.28 -71.07 -77.57
CA VAL H 122 86.79 -71.03 -78.91
C VAL H 122 87.52 -72.36 -79.05
N GLU H 123 88.79 -72.49 -79.50
CA GLU H 123 89.48 -73.76 -79.36
C GLU H 123 90.13 -74.04 -78.00
N GLY H 124 90.99 -73.10 -77.50
CA GLY H 124 92.05 -73.30 -76.54
C GLY H 124 91.66 -73.79 -75.15
N ALA H 125 90.72 -73.15 -74.40
CA ALA H 125 90.44 -73.74 -73.09
C ALA H 125 89.34 -73.00 -72.38
N VAL H 126 88.37 -73.73 -71.75
CA VAL H 126 87.06 -73.15 -71.54
C VAL H 126 87.07 -72.08 -70.53
N GLU H 127 86.26 -71.03 -70.77
CA GLU H 127 86.12 -69.98 -69.81
C GLU H 127 84.67 -69.85 -69.48
N ILE H 128 84.37 -69.53 -68.22
CA ILE H 128 83.01 -69.29 -67.83
C ILE H 128 83.01 -67.98 -67.12
N SER H 129 81.90 -67.23 -67.19
CA SER H 129 81.85 -66.04 -66.39
C SER H 129 80.71 -66.20 -65.45
N ILE H 130 80.93 -65.86 -64.18
CA ILE H 130 79.86 -65.90 -63.22
C ILE H 130 79.81 -64.57 -62.57
N SER H 131 78.59 -64.04 -62.36
CA SER H 131 78.49 -62.79 -61.68
C SER H 131 77.73 -63.06 -60.43
N LEU H 132 78.04 -62.29 -59.37
CA LEU H 132 77.46 -62.55 -58.09
C LEU H 132 76.67 -61.34 -57.70
N GLN H 133 75.40 -61.51 -57.30
CA GLN H 133 74.69 -60.32 -56.92
C GLN H 133 73.82 -60.62 -55.75
N VAL H 134 73.92 -59.78 -54.70
CA VAL H 134 73.03 -59.97 -53.58
C VAL H 134 71.68 -59.49 -54.01
N ILE H 135 70.61 -60.11 -53.47
CA ILE H 135 69.30 -59.61 -53.74
C ILE H 135 69.03 -58.58 -52.70
N GLY H 136 68.54 -57.40 -53.11
CA GLY H 136 68.32 -56.36 -52.16
C GLY H 136 67.97 -55.13 -52.92
N GLU H 137 67.94 -53.98 -52.23
CA GLU H 137 68.25 -54.00 -50.82
C GLU H 137 66.99 -53.68 -50.08
N LEU H 138 66.69 -54.48 -49.04
CA LEU H 138 65.63 -54.13 -48.15
C LEU H 138 66.19 -53.12 -47.20
N LYS H 139 65.37 -52.16 -46.75
CA LYS H 139 65.88 -51.19 -45.84
C LYS H 139 66.29 -51.93 -44.61
N ASN H 140 65.37 -52.77 -44.08
CA ASN H 140 65.64 -53.49 -42.87
C ASN H 140 66.11 -54.86 -43.25
N GLY H 141 66.55 -55.62 -42.25
CA GLY H 141 66.91 -56.99 -42.43
C GLY H 141 68.39 -57.05 -42.64
N GLU H 142 69.03 -58.07 -42.07
CA GLU H 142 70.41 -58.29 -42.35
C GLU H 142 70.67 -59.74 -42.13
N ILE H 143 71.66 -60.30 -42.86
CA ILE H 143 72.31 -61.42 -42.26
C ILE H 143 72.97 -60.88 -41.04
N ASP H 144 73.62 -59.70 -41.16
CA ASP H 144 74.20 -59.21 -42.38
C ASP H 144 75.46 -59.99 -42.63
N THR H 145 76.19 -60.25 -41.54
CA THR H 145 77.59 -60.55 -41.57
C THR H 145 77.85 -61.86 -42.25
N LEU H 146 77.02 -62.90 -41.99
CA LEU H 146 77.49 -64.23 -42.22
C LEU H 146 77.84 -64.42 -43.68
N PRO H 147 76.98 -64.22 -44.64
CA PRO H 147 77.39 -64.38 -46.00
C PRO H 147 78.39 -63.33 -46.32
N GLU H 148 78.45 -62.22 -45.56
CA GLU H 148 79.47 -61.29 -45.88
C GLU H 148 80.80 -61.92 -45.56
N GLU H 149 80.87 -62.73 -44.50
CA GLU H 149 82.10 -63.44 -44.29
C GLU H 149 82.24 -64.49 -45.36
N ILE H 150 81.15 -65.21 -45.67
CA ILE H 150 81.19 -66.39 -46.49
C ILE H 150 81.46 -66.09 -47.94
N VAL H 151 80.82 -65.06 -48.51
CA VAL H 151 80.76 -65.04 -49.95
C VAL H 151 82.05 -64.69 -50.64
N ASN H 152 83.03 -64.02 -49.97
CA ASN H 152 84.47 -64.10 -50.25
C ASN H 152 85.27 -65.21 -49.54
N VAL H 153 84.66 -66.06 -48.67
CA VAL H 153 85.13 -67.22 -47.90
C VAL H 153 85.45 -68.56 -48.64
N SER H 154 84.66 -68.98 -49.67
CA SER H 154 84.55 -70.30 -50.33
C SER H 154 85.61 -70.83 -51.33
N LYS H 155 85.88 -70.18 -52.51
CA LYS H 155 86.66 -70.61 -53.69
C LYS H 155 88.19 -70.77 -53.69
N GLY H 156 89.13 -69.75 -53.81
CA GLY H 156 89.25 -68.31 -53.67
C GLY H 156 90.15 -67.96 -52.50
N GLY H 157 91.15 -68.81 -52.19
CA GLY H 157 91.48 -69.19 -50.84
C GLY H 157 92.17 -68.14 -50.02
N TYR H 158 92.48 -68.57 -48.77
CA TYR H 158 93.60 -69.46 -48.57
C TYR H 158 93.11 -70.88 -48.69
N ASP H 159 93.03 -71.44 -49.93
CA ASP H 159 92.63 -72.82 -50.07
C ASP H 159 93.43 -73.45 -51.17
N PHE H 160 93.51 -74.80 -51.18
CA PHE H 160 93.87 -75.59 -52.34
C PHE H 160 95.15 -75.05 -52.86
N GLN H 161 95.94 -74.52 -51.92
CA GLN H 161 97.11 -73.78 -52.20
C GLN H 161 98.05 -74.74 -52.84
N GLN H 162 98.11 -75.97 -52.29
CA GLN H 162 98.92 -77.01 -52.83
C GLN H 162 98.44 -77.36 -54.21
N PRO H 163 97.17 -77.57 -54.43
CA PRO H 163 96.71 -78.03 -55.71
C PRO H 163 96.97 -76.98 -56.75
N GLY H 164 97.36 -75.78 -56.33
CA GLY H 164 97.68 -74.76 -57.29
C GLY H 164 98.79 -75.32 -58.11
N GLN H 165 99.68 -76.09 -57.46
CA GLN H 165 100.77 -76.71 -58.14
C GLN H 165 100.21 -77.69 -59.13
N THR H 166 99.11 -78.38 -58.77
CA THR H 166 98.72 -79.59 -59.45
C THR H 166 98.14 -79.26 -60.78
N THR H 167 97.29 -80.18 -61.29
CA THR H 167 96.73 -80.21 -62.62
C THR H 167 97.85 -80.20 -63.61
N GLY H 168 98.95 -80.88 -63.24
CA GLY H 168 100.12 -81.01 -64.04
C GLY H 168 99.81 -81.80 -65.27
N GLU H 169 98.90 -82.79 -65.14
CA GLU H 169 99.07 -84.06 -65.79
C GLU H 169 99.25 -83.88 -67.26
#